data_1O22
# 
_entry.id   1O22 
# 
_audit_conform.dict_name       mmcif_pdbx.dic 
_audit_conform.dict_version    5.398 
_audit_conform.dict_location   http://mmcif.pdb.org/dictionaries/ascii/mmcif_pdbx.dic 
# 
loop_
_database_2.database_id 
_database_2.database_code 
_database_2.pdbx_database_accession 
_database_2.pdbx_DOI 
PDB   1O22         pdb_00001o22 10.2210/pdb1o22/pdb 
RCSB  RCSB001706   ?            ?                   
WWPDB D_1000001706 ?            ?                   
# 
loop_
_pdbx_audit_revision_history.ordinal 
_pdbx_audit_revision_history.data_content_type 
_pdbx_audit_revision_history.major_revision 
_pdbx_audit_revision_history.minor_revision 
_pdbx_audit_revision_history.revision_date 
1 'Structure model' 1 0 2003-04-01 
2 'Structure model' 1 1 2008-04-26 
3 'Structure model' 1 2 2011-07-13 
4 'Structure model' 1 3 2017-10-04 
5 'Structure model' 1 4 2018-07-18 
6 'Structure model' 1 5 2019-07-24 
7 'Structure model' 1 6 2023-01-25 
8 'Structure model' 1 7 2024-10-30 
# 
_pdbx_audit_revision_details.ordinal             1 
_pdbx_audit_revision_details.revision_ordinal    1 
_pdbx_audit_revision_details.data_content_type   'Structure model' 
_pdbx_audit_revision_details.provider            repository 
_pdbx_audit_revision_details.type                'Initial release' 
_pdbx_audit_revision_details.description         ? 
_pdbx_audit_revision_details.details             ? 
# 
loop_
_pdbx_audit_revision_group.ordinal 
_pdbx_audit_revision_group.revision_ordinal 
_pdbx_audit_revision_group.data_content_type 
_pdbx_audit_revision_group.group 
1  2 'Structure model' 'Version format compliance' 
2  3 'Structure model' Advisory                    
3  3 'Structure model' 'Derived calculations'      
4  3 'Structure model' 'Version format compliance' 
5  4 'Structure model' 'Refinement description'    
6  5 'Structure model' 'Data collection'           
7  5 'Structure model' 'Database references'       
8  6 'Structure model' 'Data collection'           
9  6 'Structure model' 'Derived calculations'      
10 6 'Structure model' 'Refinement description'    
11 7 'Structure model' 'Database references'       
12 8 'Structure model' 'Data collection'           
13 8 'Structure model' 'Structure summary'         
# 
loop_
_pdbx_audit_revision_category.ordinal 
_pdbx_audit_revision_category.revision_ordinal 
_pdbx_audit_revision_category.data_content_type 
_pdbx_audit_revision_category.category 
1  4 'Structure model' software                  
2  5 'Structure model' pdbx_database_related     
3  6 'Structure model' software                  
4  6 'Structure model' struct_conn               
5  7 'Structure model' database_2                
6  7 'Structure model' struct_ref_seq_dif        
7  8 'Structure model' chem_comp_atom            
8  8 'Structure model' chem_comp_bond            
9  8 'Structure model' pdbx_entry_details        
10 8 'Structure model' pdbx_modification_feature 
# 
loop_
_pdbx_audit_revision_item.ordinal 
_pdbx_audit_revision_item.revision_ordinal 
_pdbx_audit_revision_item.data_content_type 
_pdbx_audit_revision_item.item 
1 6 'Structure model' '_software.classification'            
2 6 'Structure model' '_software.name'                      
3 6 'Structure model' '_struct_conn.pdbx_leaving_atom_flag' 
4 7 'Structure model' '_database_2.pdbx_DOI'                
5 7 'Structure model' '_database_2.pdbx_database_accession' 
6 7 'Structure model' '_struct_ref_seq_dif.details'         
# 
_pdbx_database_status.entry_id                        1O22 
_pdbx_database_status.status_code                     REL 
_pdbx_database_status.deposit_site                    RCSB 
_pdbx_database_status.process_site                    RCSB 
_pdbx_database_status.recvd_initial_deposition_date   2003-02-15 
_pdbx_database_status.SG_entry                        Y 
_pdbx_database_status.status_code_sf                  REL 
_pdbx_database_status.pdb_format_compatible           Y 
_pdbx_database_status.status_code_mr                  ? 
_pdbx_database_status.status_code_cs                  ? 
_pdbx_database_status.methods_development_category    ? 
_pdbx_database_status.status_code_nmr_data            ? 
# 
_pdbx_database_related.db_name        TargetDB 
_pdbx_database_related.db_id          282744 
_pdbx_database_related.details        . 
_pdbx_database_related.content_type   unspecified 
# 
_audit_author.name           'Joint Center for Structural Genomics (JCSG)' 
_audit_author.pdbx_ordinal   1 
# 
_citation.id                        primary 
_citation.title                     
'Crystal structure of an orphan protein (TM0875) from Thermotoga maritima at 2.00-A resolution reveals a new fold.' 
_citation.journal_abbrev            Proteins 
_citation.journal_volume            56 
_citation.page_first                607 
_citation.page_last                 610 
_citation.year                      2004 
_citation.journal_id_ASTM           PSFGEY 
_citation.country                   US 
_citation.journal_id_ISSN           0887-3585 
_citation.journal_id_CSD            0867 
_citation.book_publisher            ? 
_citation.pdbx_database_id_PubMed   15229892 
_citation.pdbx_database_id_DOI      10.1002/prot.20138 
# 
loop_
_citation_author.citation_id 
_citation_author.name 
_citation_author.ordinal 
_citation_author.identifier_ORCID 
primary 'Bakolitsa, C.'       1  ? 
primary 'Schwarzenbacher, R.' 2  ? 
primary 'McMullan, D.'        3  ? 
primary 'Brinen, L.S.'        4  ? 
primary 'Canaves, J.M.'       5  ? 
primary 'Dai, X.'             6  ? 
primary 'Deacon, A.M.'        7  ? 
primary 'Elsliger, M.A.'      8  ? 
primary 'Eshagi, S.'          9  ? 
primary 'Floyd, R.'           10 ? 
primary 'Godzik, A.'          11 ? 
primary 'Grittini, C.'        12 ? 
primary 'Grzechnik, S.K.'     13 ? 
primary 'Jaroszewski, L.'     14 ? 
primary 'Karlak, C.'          15 ? 
primary 'Klock, H.E.'         16 ? 
primary 'Koesema, E.'         17 ? 
primary 'Kovarik, J.S.'       18 ? 
primary 'Kreusch, A.'         19 ? 
primary 'Kuhn, P.'            20 ? 
primary 'Lesley, S.A.'        21 ? 
primary 'McPhillips, T.M.'    22 ? 
primary 'Miller, M.D.'        23 ? 
primary 'Morse, A.'           24 ? 
primary 'Moy, K.'             25 ? 
primary 'Ouyang, J.'          26 ? 
primary 'Page, R.'            27 ? 
primary 'Quijano, K.'         28 ? 
primary 'Robb, A.'            29 ? 
primary 'Spraggon, G.'        30 ? 
primary 'Stevens, R.C.'       31 ? 
primary 'van den Bedem, H.'   32 ? 
primary 'Velasquez, J.'       33 ? 
primary 'Vincent, J.'         34 ? 
primary 'von Delft, F.'       35 ? 
primary 'Wang, X.'            36 ? 
primary 'West, B.'            37 ? 
primary 'Wolf, G.'            38 ? 
primary 'Hodgson, K.O.'       39 ? 
primary 'Wooley, J.'          40 ? 
primary 'Wilson, I.A.'        41 ? 
# 
loop_
_entity.id 
_entity.type 
_entity.src_method 
_entity.pdbx_description 
_entity.formula_weight 
_entity.pdbx_number_of_molecules 
_entity.pdbx_ec 
_entity.pdbx_mutation 
_entity.pdbx_fragment 
_entity.details 
1 polymer man 'orphan protein TM0875' 20343.340 1   ? ? ? ? 
2 water   nat water                   18.015    102 ? ? ? ? 
# 
_entity_poly.entity_id                      1 
_entity_poly.type                           'polypeptide(L)' 
_entity_poly.nstd_linkage                   no 
_entity_poly.nstd_monomer                   yes 
_entity_poly.pdbx_seq_one_letter_code       
;(MSE)GSDKIHHHHHH(MSE)RL(MSE)DILEILYYKKGKEFGILEKK(MSE)KEIFNETGVSLEPVNSELIGRIFLKIS
VLEEGEEVPSFAIKALTPKENAVDLPLGDWTDLKNVFVEEIDYLDSYGD(MSE)KILSEKNWYKIYVPYSSVKKKNRNEL
VEEF(MSE)KYFFESKGWNPGEYTFSVQEIDNLF
;
_entity_poly.pdbx_seq_one_letter_code_can   
;MGSDKIHHHHHHMRLMDILEILYYKKGKEFGILEKKMKEIFNETGVSLEPVNSELIGRIFLKISVLEEGEEVPSFAIKAL
TPKENAVDLPLGDWTDLKNVFVEEIDYLDSYGDMKILSEKNWYKIYVPYSSVKKKNRNELVEEFMKYFFESKGWNPGEYT
FSVQEIDNLF
;
_entity_poly.pdbx_strand_id                 A 
_entity_poly.pdbx_target_identifier         282744 
# 
_pdbx_entity_nonpoly.entity_id   2 
_pdbx_entity_nonpoly.name        water 
_pdbx_entity_nonpoly.comp_id     HOH 
# 
loop_
_entity_poly_seq.entity_id 
_entity_poly_seq.num 
_entity_poly_seq.mon_id 
_entity_poly_seq.hetero 
1 1   MSE n 
1 2   GLY n 
1 3   SER n 
1 4   ASP n 
1 5   LYS n 
1 6   ILE n 
1 7   HIS n 
1 8   HIS n 
1 9   HIS n 
1 10  HIS n 
1 11  HIS n 
1 12  HIS n 
1 13  MSE n 
1 14  ARG n 
1 15  LEU n 
1 16  MSE n 
1 17  ASP n 
1 18  ILE n 
1 19  LEU n 
1 20  GLU n 
1 21  ILE n 
1 22  LEU n 
1 23  TYR n 
1 24  TYR n 
1 25  LYS n 
1 26  LYS n 
1 27  GLY n 
1 28  LYS n 
1 29  GLU n 
1 30  PHE n 
1 31  GLY n 
1 32  ILE n 
1 33  LEU n 
1 34  GLU n 
1 35  LYS n 
1 36  LYS n 
1 37  MSE n 
1 38  LYS n 
1 39  GLU n 
1 40  ILE n 
1 41  PHE n 
1 42  ASN n 
1 43  GLU n 
1 44  THR n 
1 45  GLY n 
1 46  VAL n 
1 47  SER n 
1 48  LEU n 
1 49  GLU n 
1 50  PRO n 
1 51  VAL n 
1 52  ASN n 
1 53  SER n 
1 54  GLU n 
1 55  LEU n 
1 56  ILE n 
1 57  GLY n 
1 58  ARG n 
1 59  ILE n 
1 60  PHE n 
1 61  LEU n 
1 62  LYS n 
1 63  ILE n 
1 64  SER n 
1 65  VAL n 
1 66  LEU n 
1 67  GLU n 
1 68  GLU n 
1 69  GLY n 
1 70  GLU n 
1 71  GLU n 
1 72  VAL n 
1 73  PRO n 
1 74  SER n 
1 75  PHE n 
1 76  ALA n 
1 77  ILE n 
1 78  LYS n 
1 79  ALA n 
1 80  LEU n 
1 81  THR n 
1 82  PRO n 
1 83  LYS n 
1 84  GLU n 
1 85  ASN n 
1 86  ALA n 
1 87  VAL n 
1 88  ASP n 
1 89  LEU n 
1 90  PRO n 
1 91  LEU n 
1 92  GLY n 
1 93  ASP n 
1 94  TRP n 
1 95  THR n 
1 96  ASP n 
1 97  LEU n 
1 98  LYS n 
1 99  ASN n 
1 100 VAL n 
1 101 PHE n 
1 102 VAL n 
1 103 GLU n 
1 104 GLU n 
1 105 ILE n 
1 106 ASP n 
1 107 TYR n 
1 108 LEU n 
1 109 ASP n 
1 110 SER n 
1 111 TYR n 
1 112 GLY n 
1 113 ASP n 
1 114 MSE n 
1 115 LYS n 
1 116 ILE n 
1 117 LEU n 
1 118 SER n 
1 119 GLU n 
1 120 LYS n 
1 121 ASN n 
1 122 TRP n 
1 123 TYR n 
1 124 LYS n 
1 125 ILE n 
1 126 TYR n 
1 127 VAL n 
1 128 PRO n 
1 129 TYR n 
1 130 SER n 
1 131 SER n 
1 132 VAL n 
1 133 LYS n 
1 134 LYS n 
1 135 LYS n 
1 136 ASN n 
1 137 ARG n 
1 138 ASN n 
1 139 GLU n 
1 140 LEU n 
1 141 VAL n 
1 142 GLU n 
1 143 GLU n 
1 144 PHE n 
1 145 MSE n 
1 146 LYS n 
1 147 TYR n 
1 148 PHE n 
1 149 PHE n 
1 150 GLU n 
1 151 SER n 
1 152 LYS n 
1 153 GLY n 
1 154 TRP n 
1 155 ASN n 
1 156 PRO n 
1 157 GLY n 
1 158 GLU n 
1 159 TYR n 
1 160 THR n 
1 161 PHE n 
1 162 SER n 
1 163 VAL n 
1 164 GLN n 
1 165 GLU n 
1 166 ILE n 
1 167 ASP n 
1 168 ASN n 
1 169 LEU n 
1 170 PHE n 
# 
_entity_src_gen.entity_id                          1 
_entity_src_gen.pdbx_src_id                        1 
_entity_src_gen.pdbx_alt_source_flag               sample 
_entity_src_gen.pdbx_seq_type                      ? 
_entity_src_gen.pdbx_beg_seq_num                   ? 
_entity_src_gen.pdbx_end_seq_num                   ? 
_entity_src_gen.gene_src_common_name               ? 
_entity_src_gen.gene_src_genus                     Thermotoga 
_entity_src_gen.pdbx_gene_src_gene                 TM0875 
_entity_src_gen.gene_src_species                   ? 
_entity_src_gen.gene_src_strain                    ? 
_entity_src_gen.gene_src_tissue                    ? 
_entity_src_gen.gene_src_tissue_fraction           ? 
_entity_src_gen.gene_src_details                   ? 
_entity_src_gen.pdbx_gene_src_fragment             ? 
_entity_src_gen.pdbx_gene_src_scientific_name      'Thermotoga maritima' 
_entity_src_gen.pdbx_gene_src_ncbi_taxonomy_id     2336 
_entity_src_gen.pdbx_gene_src_variant              ? 
_entity_src_gen.pdbx_gene_src_cell_line            ? 
_entity_src_gen.pdbx_gene_src_atcc                 ? 
_entity_src_gen.pdbx_gene_src_organ                ? 
_entity_src_gen.pdbx_gene_src_organelle            ? 
_entity_src_gen.pdbx_gene_src_cell                 ? 
_entity_src_gen.pdbx_gene_src_cellular_location    ? 
_entity_src_gen.host_org_common_name               ? 
_entity_src_gen.pdbx_host_org_scientific_name      'Escherichia coli' 
_entity_src_gen.pdbx_host_org_ncbi_taxonomy_id     562 
_entity_src_gen.host_org_genus                     Escherichia 
_entity_src_gen.pdbx_host_org_gene                 ? 
_entity_src_gen.pdbx_host_org_organ                ? 
_entity_src_gen.host_org_species                   ? 
_entity_src_gen.pdbx_host_org_tissue               ? 
_entity_src_gen.pdbx_host_org_tissue_fraction      ? 
_entity_src_gen.pdbx_host_org_strain               ? 
_entity_src_gen.pdbx_host_org_variant              ? 
_entity_src_gen.pdbx_host_org_cell_line            ? 
_entity_src_gen.pdbx_host_org_atcc                 ? 
_entity_src_gen.pdbx_host_org_culture_collection   ? 
_entity_src_gen.pdbx_host_org_cell                 ? 
_entity_src_gen.pdbx_host_org_organelle            ? 
_entity_src_gen.pdbx_host_org_cellular_location    ? 
_entity_src_gen.pdbx_host_org_vector_type          PLASMID 
_entity_src_gen.pdbx_host_org_vector               ? 
_entity_src_gen.host_org_details                   ? 
_entity_src_gen.expression_system_id               ? 
_entity_src_gen.plasmid_name                       ? 
_entity_src_gen.plasmid_details                    ? 
_entity_src_gen.pdbx_description                   ? 
# 
loop_
_chem_comp.id 
_chem_comp.type 
_chem_comp.mon_nstd_flag 
_chem_comp.name 
_chem_comp.pdbx_synonyms 
_chem_comp.formula 
_chem_comp.formula_weight 
ALA 'L-peptide linking' y ALANINE          ? 'C3 H7 N O2'     89.093  
ARG 'L-peptide linking' y ARGININE         ? 'C6 H15 N4 O2 1' 175.209 
ASN 'L-peptide linking' y ASPARAGINE       ? 'C4 H8 N2 O3'    132.118 
ASP 'L-peptide linking' y 'ASPARTIC ACID'  ? 'C4 H7 N O4'     133.103 
GLN 'L-peptide linking' y GLUTAMINE        ? 'C5 H10 N2 O3'   146.144 
GLU 'L-peptide linking' y 'GLUTAMIC ACID'  ? 'C5 H9 N O4'     147.129 
GLY 'peptide linking'   y GLYCINE          ? 'C2 H5 N O2'     75.067  
HIS 'L-peptide linking' y HISTIDINE        ? 'C6 H10 N3 O2 1' 156.162 
HOH non-polymer         . WATER            ? 'H2 O'           18.015  
ILE 'L-peptide linking' y ISOLEUCINE       ? 'C6 H13 N O2'    131.173 
LEU 'L-peptide linking' y LEUCINE          ? 'C6 H13 N O2'    131.173 
LYS 'L-peptide linking' y LYSINE           ? 'C6 H15 N2 O2 1' 147.195 
MET 'L-peptide linking' y METHIONINE       ? 'C5 H11 N O2 S'  149.211 
MSE 'L-peptide linking' n SELENOMETHIONINE ? 'C5 H11 N O2 Se' 196.106 
PHE 'L-peptide linking' y PHENYLALANINE    ? 'C9 H11 N O2'    165.189 
PRO 'L-peptide linking' y PROLINE          ? 'C5 H9 N O2'     115.130 
SER 'L-peptide linking' y SERINE           ? 'C3 H7 N O3'     105.093 
THR 'L-peptide linking' y THREONINE        ? 'C4 H9 N O3'     119.119 
TRP 'L-peptide linking' y TRYPTOPHAN       ? 'C11 H12 N2 O2'  204.225 
TYR 'L-peptide linking' y TYROSINE         ? 'C9 H11 N O3'    181.189 
VAL 'L-peptide linking' y VALINE           ? 'C5 H11 N O2'    117.146 
# 
loop_
_pdbx_poly_seq_scheme.asym_id 
_pdbx_poly_seq_scheme.entity_id 
_pdbx_poly_seq_scheme.seq_id 
_pdbx_poly_seq_scheme.mon_id 
_pdbx_poly_seq_scheme.ndb_seq_num 
_pdbx_poly_seq_scheme.pdb_seq_num 
_pdbx_poly_seq_scheme.auth_seq_num 
_pdbx_poly_seq_scheme.pdb_mon_id 
_pdbx_poly_seq_scheme.auth_mon_id 
_pdbx_poly_seq_scheme.pdb_strand_id 
_pdbx_poly_seq_scheme.pdb_ins_code 
_pdbx_poly_seq_scheme.hetero 
A 1 1   MSE 1   -11 ?   ?   ?   A . n 
A 1 2   GLY 2   -10 ?   ?   ?   A . n 
A 1 3   SER 3   -9  ?   ?   ?   A . n 
A 1 4   ASP 4   -8  ?   ?   ?   A . n 
A 1 5   LYS 5   -7  ?   ?   ?   A . n 
A 1 6   ILE 6   -6  ?   ?   ?   A . n 
A 1 7   HIS 7   -5  ?   ?   ?   A . n 
A 1 8   HIS 8   -4  ?   ?   ?   A . n 
A 1 9   HIS 9   -3  ?   ?   ?   A . n 
A 1 10  HIS 10  -2  ?   ?   ?   A . n 
A 1 11  HIS 11  -1  ?   ?   ?   A . n 
A 1 12  HIS 12  0   ?   ?   ?   A . n 
A 1 13  MSE 13  1   ?   ?   ?   A . n 
A 1 14  ARG 14  2   ?   ?   ?   A . n 
A 1 15  LEU 15  3   ?   ?   ?   A . n 
A 1 16  MSE 16  4   ?   ?   ?   A . n 
A 1 17  ASP 17  5   ?   ?   ?   A . n 
A 1 18  ILE 18  6   6   ILE ILE A . n 
A 1 19  LEU 19  7   7   LEU LEU A . n 
A 1 20  GLU 20  8   8   GLU GLU A . n 
A 1 21  ILE 21  9   9   ILE ILE A . n 
A 1 22  LEU 22  10  10  LEU LEU A . n 
A 1 23  TYR 23  11  11  TYR TYR A . n 
A 1 24  TYR 24  12  12  TYR TYR A . n 
A 1 25  LYS 25  13  13  LYS LYS A . n 
A 1 26  LYS 26  14  14  LYS LYS A . n 
A 1 27  GLY 27  15  15  GLY GLY A . n 
A 1 28  LYS 28  16  16  LYS LYS A . n 
A 1 29  GLU 29  17  17  GLU GLU A . n 
A 1 30  PHE 30  18  18  PHE PHE A . n 
A 1 31  GLY 31  19  19  GLY GLY A . n 
A 1 32  ILE 32  20  20  ILE ILE A . n 
A 1 33  LEU 33  21  21  LEU LEU A . n 
A 1 34  GLU 34  22  22  GLU GLU A . n 
A 1 35  LYS 35  23  23  LYS LYS A . n 
A 1 36  LYS 36  24  24  LYS LYS A . n 
A 1 37  MSE 37  25  25  MSE MSE A . n 
A 1 38  LYS 38  26  26  LYS LYS A . n 
A 1 39  GLU 39  27  27  GLU GLU A . n 
A 1 40  ILE 40  28  28  ILE ILE A . n 
A 1 41  PHE 41  29  29  PHE PHE A . n 
A 1 42  ASN 42  30  30  ASN ASN A . n 
A 1 43  GLU 43  31  31  GLU GLU A . n 
A 1 44  THR 44  32  32  THR THR A . n 
A 1 45  GLY 45  33  33  GLY GLY A . n 
A 1 46  VAL 46  34  34  VAL VAL A . n 
A 1 47  SER 47  35  35  SER SER A . n 
A 1 48  LEU 48  36  36  LEU LEU A . n 
A 1 49  GLU 49  37  37  GLU GLU A . n 
A 1 50  PRO 50  38  38  PRO PRO A . n 
A 1 51  VAL 51  39  39  VAL VAL A . n 
A 1 52  ASN 52  40  40  ASN ASN A . n 
A 1 53  SER 53  41  41  SER SER A . n 
A 1 54  GLU 54  42  42  GLU GLU A . n 
A 1 55  LEU 55  43  43  LEU LEU A . n 
A 1 56  ILE 56  44  44  ILE ILE A . n 
A 1 57  GLY 57  45  45  GLY GLY A . n 
A 1 58  ARG 58  46  46  ARG ARG A . n 
A 1 59  ILE 59  47  47  ILE ILE A . n 
A 1 60  PHE 60  48  48  PHE PHE A . n 
A 1 61  LEU 61  49  49  LEU LEU A . n 
A 1 62  LYS 62  50  50  LYS LYS A . n 
A 1 63  ILE 63  51  51  ILE ILE A . n 
A 1 64  SER 64  52  52  SER SER A . n 
A 1 65  VAL 65  53  53  VAL VAL A . n 
A 1 66  LEU 66  54  54  LEU LEU A . n 
A 1 67  GLU 67  55  55  GLU GLU A . n 
A 1 68  GLU 68  56  56  GLU GLU A . n 
A 1 69  GLY 69  57  57  GLY GLY A . n 
A 1 70  GLU 70  58  58  GLU GLU A . n 
A 1 71  GLU 71  59  59  GLU GLU A . n 
A 1 72  VAL 72  60  60  VAL VAL A . n 
A 1 73  PRO 73  61  61  PRO PRO A . n 
A 1 74  SER 74  62  62  SER SER A . n 
A 1 75  PHE 75  63  63  PHE PHE A . n 
A 1 76  ALA 76  64  64  ALA ALA A . n 
A 1 77  ILE 77  65  65  ILE ILE A . n 
A 1 78  LYS 78  66  66  LYS LYS A . n 
A 1 79  ALA 79  67  67  ALA ALA A . n 
A 1 80  LEU 80  68  68  LEU LEU A . n 
A 1 81  THR 81  69  69  THR THR A . n 
A 1 82  PRO 82  70  70  PRO PRO A . n 
A 1 83  LYS 83  71  71  LYS LYS A . n 
A 1 84  GLU 84  72  72  GLU GLU A . n 
A 1 85  ASN 85  73  73  ASN ASN A . n 
A 1 86  ALA 86  74  74  ALA ALA A . n 
A 1 87  VAL 87  75  75  VAL VAL A . n 
A 1 88  ASP 88  76  76  ASP ASP A . n 
A 1 89  LEU 89  77  77  LEU LEU A . n 
A 1 90  PRO 90  78  78  PRO PRO A . n 
A 1 91  LEU 91  79  79  LEU LEU A . n 
A 1 92  GLY 92  80  80  GLY GLY A . n 
A 1 93  ASP 93  81  81  ASP ASP A . n 
A 1 94  TRP 94  82  82  TRP TRP A . n 
A 1 95  THR 95  83  83  THR THR A . n 
A 1 96  ASP 96  84  84  ASP ASP A . n 
A 1 97  LEU 97  85  85  LEU LEU A . n 
A 1 98  LYS 98  86  86  LYS LYS A . n 
A 1 99  ASN 99  87  87  ASN ASN A . n 
A 1 100 VAL 100 88  88  VAL VAL A . n 
A 1 101 PHE 101 89  89  PHE PHE A . n 
A 1 102 VAL 102 90  90  VAL VAL A . n 
A 1 103 GLU 103 91  91  GLU GLU A . n 
A 1 104 GLU 104 92  92  GLU GLU A . n 
A 1 105 ILE 105 93  93  ILE ILE A . n 
A 1 106 ASP 106 94  94  ASP ASP A . n 
A 1 107 TYR 107 95  95  TYR TYR A . n 
A 1 108 LEU 108 96  96  LEU LEU A . n 
A 1 109 ASP 109 97  97  ASP ASP A . n 
A 1 110 SER 110 98  98  SER SER A . n 
A 1 111 TYR 111 99  99  TYR TYR A . n 
A 1 112 GLY 112 100 100 GLY GLY A . n 
A 1 113 ASP 113 101 101 ASP ASP A . n 
A 1 114 MSE 114 102 102 MSE MSE A . n 
A 1 115 LYS 115 103 103 LYS LYS A . n 
A 1 116 ILE 116 104 104 ILE ILE A . n 
A 1 117 LEU 117 105 105 LEU LEU A . n 
A 1 118 SER 118 106 106 SER SER A . n 
A 1 119 GLU 119 107 107 GLU GLU A . n 
A 1 120 LYS 120 108 108 LYS LYS A . n 
A 1 121 ASN 121 109 109 ASN ASN A . n 
A 1 122 TRP 122 110 110 TRP TRP A . n 
A 1 123 TYR 123 111 111 TYR TYR A . n 
A 1 124 LYS 124 112 112 LYS LYS A . n 
A 1 125 ILE 125 113 113 ILE ILE A . n 
A 1 126 TYR 126 114 114 TYR TYR A . n 
A 1 127 VAL 127 115 115 VAL VAL A . n 
A 1 128 PRO 128 116 116 PRO PRO A . n 
A 1 129 TYR 129 117 117 TYR TYR A . n 
A 1 130 SER 130 118 118 SER SER A . n 
A 1 131 SER 131 119 119 SER SER A . n 
A 1 132 VAL 132 120 120 VAL VAL A . n 
A 1 133 LYS 133 121 121 LYS LYS A . n 
A 1 134 LYS 134 122 122 LYS LYS A . n 
A 1 135 LYS 135 123 123 LYS LYS A . n 
A 1 136 ASN 136 124 124 ASN ASN A . n 
A 1 137 ARG 137 125 125 ARG ARG A . n 
A 1 138 ASN 138 126 126 ASN ASN A . n 
A 1 139 GLU 139 127 127 GLU GLU A . n 
A 1 140 LEU 140 128 128 LEU LEU A . n 
A 1 141 VAL 141 129 129 VAL VAL A . n 
A 1 142 GLU 142 130 130 GLU GLU A . n 
A 1 143 GLU 143 131 131 GLU GLU A . n 
A 1 144 PHE 144 132 132 PHE PHE A . n 
A 1 145 MSE 145 133 133 MSE MSE A . n 
A 1 146 LYS 146 134 134 LYS LYS A . n 
A 1 147 TYR 147 135 135 TYR TYR A . n 
A 1 148 PHE 148 136 136 PHE PHE A . n 
A 1 149 PHE 149 137 137 PHE PHE A . n 
A 1 150 GLU 150 138 138 GLU GLU A . n 
A 1 151 SER 151 139 139 SER SER A . n 
A 1 152 LYS 152 140 140 LYS LYS A . n 
A 1 153 GLY 153 141 141 GLY GLY A . n 
A 1 154 TRP 154 142 142 TRP TRP A . n 
A 1 155 ASN 155 143 143 ASN ASN A . n 
A 1 156 PRO 156 144 144 PRO PRO A . n 
A 1 157 GLY 157 145 145 GLY GLY A . n 
A 1 158 GLU 158 146 146 GLU GLU A . n 
A 1 159 TYR 159 147 147 TYR TYR A . n 
A 1 160 THR 160 148 148 THR THR A . n 
A 1 161 PHE 161 149 149 PHE PHE A . n 
A 1 162 SER 162 150 150 SER SER A . n 
A 1 163 VAL 163 151 151 VAL VAL A . n 
A 1 164 GLN 164 152 152 GLN GLN A . n 
A 1 165 GLU 165 153 153 GLU GLU A . n 
A 1 166 ILE 166 154 154 ILE ILE A . n 
A 1 167 ASP 167 155 ?   ?   ?   A . n 
A 1 168 ASN 168 156 ?   ?   ?   A . n 
A 1 169 LEU 169 157 ?   ?   ?   A . n 
A 1 170 PHE 170 158 ?   ?   ?   A . n 
# 
loop_
_pdbx_nonpoly_scheme.asym_id 
_pdbx_nonpoly_scheme.entity_id 
_pdbx_nonpoly_scheme.mon_id 
_pdbx_nonpoly_scheme.ndb_seq_num 
_pdbx_nonpoly_scheme.pdb_seq_num 
_pdbx_nonpoly_scheme.auth_seq_num 
_pdbx_nonpoly_scheme.pdb_mon_id 
_pdbx_nonpoly_scheme.auth_mon_id 
_pdbx_nonpoly_scheme.pdb_strand_id 
_pdbx_nonpoly_scheme.pdb_ins_code 
B 2 HOH 1   159 1   HOH HOH A . 
B 2 HOH 2   160 2   HOH HOH A . 
B 2 HOH 3   161 3   HOH HOH A . 
B 2 HOH 4   162 4   HOH HOH A . 
B 2 HOH 5   163 5   HOH HOH A . 
B 2 HOH 6   164 6   HOH HOH A . 
B 2 HOH 7   165 7   HOH HOH A . 
B 2 HOH 8   166 8   HOH HOH A . 
B 2 HOH 9   167 9   HOH HOH A . 
B 2 HOH 10  168 10  HOH HOH A . 
B 2 HOH 11  169 11  HOH HOH A . 
B 2 HOH 12  170 12  HOH HOH A . 
B 2 HOH 13  171 13  HOH HOH A . 
B 2 HOH 14  172 14  HOH HOH A . 
B 2 HOH 15  173 15  HOH HOH A . 
B 2 HOH 16  174 16  HOH HOH A . 
B 2 HOH 17  175 17  HOH HOH A . 
B 2 HOH 18  176 19  HOH HOH A . 
B 2 HOH 19  177 20  HOH HOH A . 
B 2 HOH 20  178 21  HOH HOH A . 
B 2 HOH 21  179 22  HOH HOH A . 
B 2 HOH 22  180 23  HOH HOH A . 
B 2 HOH 23  181 24  HOH HOH A . 
B 2 HOH 24  182 27  HOH HOH A . 
B 2 HOH 25  183 28  HOH HOH A . 
B 2 HOH 26  184 29  HOH HOH A . 
B 2 HOH 27  185 30  HOH HOH A . 
B 2 HOH 28  186 31  HOH HOH A . 
B 2 HOH 29  187 32  HOH HOH A . 
B 2 HOH 30  188 34  HOH HOH A . 
B 2 HOH 31  189 35  HOH HOH A . 
B 2 HOH 32  190 36  HOH HOH A . 
B 2 HOH 33  191 37  HOH HOH A . 
B 2 HOH 34  192 38  HOH HOH A . 
B 2 HOH 35  193 40  HOH HOH A . 
B 2 HOH 36  194 41  HOH HOH A . 
B 2 HOH 37  195 42  HOH HOH A . 
B 2 HOH 38  196 43  HOH HOH A . 
B 2 HOH 39  197 44  HOH HOH A . 
B 2 HOH 40  198 45  HOH HOH A . 
B 2 HOH 41  199 46  HOH HOH A . 
B 2 HOH 42  200 47  HOH HOH A . 
B 2 HOH 43  201 48  HOH HOH A . 
B 2 HOH 44  202 49  HOH HOH A . 
B 2 HOH 45  203 51  HOH HOH A . 
B 2 HOH 46  204 52  HOH HOH A . 
B 2 HOH 47  205 53  HOH HOH A . 
B 2 HOH 48  206 54  HOH HOH A . 
B 2 HOH 49  207 55  HOH HOH A . 
B 2 HOH 50  208 57  HOH HOH A . 
B 2 HOH 51  209 58  HOH HOH A . 
B 2 HOH 52  210 59  HOH HOH A . 
B 2 HOH 53  211 61  HOH HOH A . 
B 2 HOH 54  212 62  HOH HOH A . 
B 2 HOH 55  213 63  HOH HOH A . 
B 2 HOH 56  214 64  HOH HOH A . 
B 2 HOH 57  215 65  HOH HOH A . 
B 2 HOH 58  216 66  HOH HOH A . 
B 2 HOH 59  217 67  HOH HOH A . 
B 2 HOH 60  218 69  HOH HOH A . 
B 2 HOH 61  219 71  HOH HOH A . 
B 2 HOH 62  220 74  HOH HOH A . 
B 2 HOH 63  221 76  HOH HOH A . 
B 2 HOH 64  222 77  HOH HOH A . 
B 2 HOH 65  223 78  HOH HOH A . 
B 2 HOH 66  224 79  HOH HOH A . 
B 2 HOH 67  225 80  HOH HOH A . 
B 2 HOH 68  226 81  HOH HOH A . 
B 2 HOH 69  227 82  HOH HOH A . 
B 2 HOH 70  228 84  HOH HOH A . 
B 2 HOH 71  229 86  HOH HOH A . 
B 2 HOH 72  230 87  HOH HOH A . 
B 2 HOH 73  231 88  HOH HOH A . 
B 2 HOH 74  232 89  HOH HOH A . 
B 2 HOH 75  233 90  HOH HOH A . 
B 2 HOH 76  234 91  HOH HOH A . 
B 2 HOH 77  235 92  HOH HOH A . 
B 2 HOH 78  236 94  HOH HOH A . 
B 2 HOH 79  237 96  HOH HOH A . 
B 2 HOH 80  238 97  HOH HOH A . 
B 2 HOH 81  239 98  HOH HOH A . 
B 2 HOH 82  240 99  HOH HOH A . 
B 2 HOH 83  241 100 HOH HOH A . 
B 2 HOH 84  242 101 HOH HOH A . 
B 2 HOH 85  243 102 HOH HOH A . 
B 2 HOH 86  244 103 HOH HOH A . 
B 2 HOH 87  245 104 HOH HOH A . 
B 2 HOH 88  246 105 HOH HOH A . 
B 2 HOH 89  247 107 HOH HOH A . 
B 2 HOH 90  248 110 HOH HOH A . 
B 2 HOH 91  249 112 HOH HOH A . 
B 2 HOH 92  250 115 HOH HOH A . 
B 2 HOH 93  251 116 HOH HOH A . 
B 2 HOH 94  252 118 HOH HOH A . 
B 2 HOH 95  253 120 HOH HOH A . 
B 2 HOH 96  254 122 HOH HOH A . 
B 2 HOH 97  255 123 HOH HOH A . 
B 2 HOH 98  256 125 HOH HOH A . 
B 2 HOH 99  257 126 HOH HOH A . 
B 2 HOH 100 258 127 HOH HOH A . 
B 2 HOH 101 259 128 HOH HOH A . 
B 2 HOH 102 260 129 HOH HOH A . 
# 
loop_
_pdbx_unobs_or_zero_occ_atoms.id 
_pdbx_unobs_or_zero_occ_atoms.PDB_model_num 
_pdbx_unobs_or_zero_occ_atoms.polymer_flag 
_pdbx_unobs_or_zero_occ_atoms.occupancy_flag 
_pdbx_unobs_or_zero_occ_atoms.auth_asym_id 
_pdbx_unobs_or_zero_occ_atoms.auth_comp_id 
_pdbx_unobs_or_zero_occ_atoms.auth_seq_id 
_pdbx_unobs_or_zero_occ_atoms.PDB_ins_code 
_pdbx_unobs_or_zero_occ_atoms.auth_atom_id 
_pdbx_unobs_or_zero_occ_atoms.label_alt_id 
_pdbx_unobs_or_zero_occ_atoms.label_asym_id 
_pdbx_unobs_or_zero_occ_atoms.label_comp_id 
_pdbx_unobs_or_zero_occ_atoms.label_seq_id 
_pdbx_unobs_or_zero_occ_atoms.label_atom_id 
1  1 Y 1 A ILE 20  ? CG1 ? A ILE 32  CG1 
2  1 Y 1 A ILE 20  ? CD1 ? A ILE 32  CD1 
3  1 Y 1 A LYS 50  ? NZ  ? A LYS 62  NZ  
4  1 Y 1 A LYS 86  ? CG  ? A LYS 98  CG  
5  1 Y 1 A LYS 86  ? CD  ? A LYS 98  CD  
6  1 Y 1 A LYS 86  ? CE  ? A LYS 98  CE  
7  1 Y 1 A LYS 86  ? NZ  ? A LYS 98  NZ  
8  1 Y 1 A GLN 152 ? CD  ? A GLN 164 CD  
9  1 Y 1 A GLN 152 ? OE1 ? A GLN 164 OE1 
10 1 Y 1 A GLN 152 ? NE2 ? A GLN 164 NE2 
# 
loop_
_software.name 
_software.classification 
_software.version 
_software.citation_id 
_software.pdbx_ordinal 
REFMAC  refinement       .         ? 1 
SCALA   'data scaling'   .         ? 2 
RESOLVE 'model building' .         ? 3 
SOLVE   phasing          .         ? 4 
CNS     refinement       .         ? 5 
XFIT    'data reduction' .         ? 6 
MOSFLM  'data reduction' .         ? 7 
CCP4    'data scaling'   '(SCALA)' ? 8 
RESOLVE phasing          .         ? 9 
# 
_cell.length_a           58.410 
_cell.length_b           58.410 
_cell.length_c           102.490 
_cell.angle_alpha        90.00 
_cell.angle_beta         90.00 
_cell.angle_gamma        90.00 
_cell.entry_id           1O22 
_cell.pdbx_unique_axis   ? 
_cell.Z_PDB              8 
# 
_symmetry.space_group_name_H-M             'P 43 21 2' 
_symmetry.entry_id                         1O22 
_symmetry.pdbx_full_space_group_name_H-M   ? 
_symmetry.Int_Tables_number                96 
_symmetry.cell_setting                     ? 
_symmetry.space_group_name_Hall            ? 
# 
_exptl.entry_id          1O22 
_exptl.method            'X-RAY DIFFRACTION' 
_exptl.crystals_number   1 
# 
_exptl_crystal.id                    1 
_exptl_crystal.density_meas          ? 
_exptl_crystal.density_Matthews      2.32 
_exptl_crystal.density_percent_sol   46.59 
_exptl_crystal.description           ? 
_exptl_crystal.F_000                 ? 
_exptl_crystal.preparation           ? 
# 
_exptl_crystal_grow.crystal_id      1 
_exptl_crystal_grow.method          ? 
_exptl_crystal_grow.temp            293 
_exptl_crystal_grow.temp_details    ? 
_exptl_crystal_grow.pH              8.50 
_exptl_crystal_grow.pdbx_details    
;25.5 % PEG 4000; 0.085 M Tris pH 8.5; 0.17 M Na(Ac), 15 % Glycerol, VAPOR DIFFUSION,SITTING DROP,NANODROP, temperature 293K, pH 8.50
;
_exptl_crystal_grow.pdbx_pH_range   . 
# 
_diffrn.id                     1 
_diffrn.ambient_temp           100.0 
_diffrn.ambient_temp_details   ? 
_diffrn.crystal_id             1 
# 
_diffrn_detector.diffrn_id              1 
_diffrn_detector.detector               CCD 
_diffrn_detector.type                   'ADSC QUANTUM' 
_diffrn_detector.pdbx_collection_date   2002-10-13 
_diffrn_detector.details                ? 
# 
_diffrn_radiation.diffrn_id                        1 
_diffrn_radiation.wavelength_id                    1 
_diffrn_radiation.pdbx_monochromatic_or_laue_m_l   M 
_diffrn_radiation.monochromator                    'DOUBLE-CRYSTAL SI(111)' 
_diffrn_radiation.pdbx_diffrn_protocol             MAD 
_diffrn_radiation.pdbx_scattering_type             x-ray 
# 
loop_
_diffrn_radiation_wavelength.id 
_diffrn_radiation_wavelength.wavelength 
_diffrn_radiation_wavelength.wt 
1 0.97780 1.0 
2 0.91840 1.0 
3 0.97920 1.0 
# 
_diffrn_source.diffrn_id                   1 
_diffrn_source.source                      SYNCHROTRON 
_diffrn_source.type                        'ALS BEAMLINE 5.0.2' 
_diffrn_source.pdbx_synchrotron_site       ALS 
_diffrn_source.pdbx_synchrotron_beamline   5.0.2 
_diffrn_source.pdbx_wavelength             ? 
_diffrn_source.pdbx_wavelength_list        '0.97780, 0.91840, 0.97920' 
# 
_reflns.entry_id                     1O22 
_reflns.observed_criterion_sigma_I   ? 
_reflns.observed_criterion_sigma_F   ? 
_reflns.d_resolution_low             32.159 
_reflns.d_resolution_high            2.000 
_reflns.number_obs                   12462 
_reflns.number_all                   ? 
_reflns.percent_possible_obs         99.0 
_reflns.pdbx_Rmerge_I_obs            ? 
_reflns.pdbx_Rsym_value              0.061 
_reflns.pdbx_netI_over_sigmaI        28.1000 
_reflns.B_iso_Wilson_estimate        36.49 
_reflns.pdbx_redundancy              11.800 
_reflns.R_free_details               ? 
_reflns.limit_h_max                  ? 
_reflns.limit_h_min                  ? 
_reflns.limit_k_max                  ? 
_reflns.limit_k_min                  ? 
_reflns.limit_l_max                  ? 
_reflns.limit_l_min                  ? 
_reflns.observed_criterion_F_max     ? 
_reflns.observed_criterion_F_min     ? 
_reflns.pdbx_chi_squared             ? 
_reflns.pdbx_scaling_rejects         ? 
_reflns.pdbx_ordinal                 1 
_reflns.pdbx_diffrn_id               1 
# 
_reflns_shell.d_res_high             2.00 
_reflns_shell.d_res_low              2.05 
_reflns_shell.percent_possible_all   90.9 
_reflns_shell.Rmerge_I_obs           ? 
_reflns_shell.pdbx_Rsym_value        0.375 
_reflns_shell.meanI_over_sigI_obs    3.200 
_reflns_shell.pdbx_redundancy        6.20 
_reflns_shell.percent_possible_obs   ? 
_reflns_shell.number_unique_all      ? 
_reflns_shell.number_measured_all    ? 
_reflns_shell.number_measured_obs    ? 
_reflns_shell.number_unique_obs      ? 
_reflns_shell.pdbx_chi_squared       ? 
_reflns_shell.pdbx_ordinal           1 
_reflns_shell.pdbx_diffrn_id         1 
# 
_refine.entry_id                                 1O22 
_refine.ls_number_reflns_obs                     11574 
_refine.ls_number_reflns_all                     ? 
_refine.pdbx_ls_sigma_I                          ? 
_refine.pdbx_ls_sigma_F                          0.000 
_refine.pdbx_data_cutoff_high_absF               ? 
_refine.pdbx_data_cutoff_low_absF                ? 
_refine.pdbx_data_cutoff_high_rms_absF           ? 
_refine.ls_d_res_low                             29.49 
_refine.ls_d_res_high                            2.00 
_refine.ls_percent_reflns_obs                    99.0 
_refine.ls_R_factor_obs                          0.186 
_refine.ls_R_factor_all                          ? 
_refine.ls_R_factor_R_work                       0.182 
_refine.ls_R_factor_R_free                       0.238 
_refine.ls_R_factor_R_free_error                 ? 
_refine.ls_R_factor_R_free_error_details         ? 
_refine.ls_percent_reflns_R_free                 7.100 
_refine.ls_number_reflns_R_free                  887 
_refine.ls_number_parameters                     ? 
_refine.ls_number_restraints                     ? 
_refine.occupancy_min                            ? 
_refine.occupancy_max                            ? 
_refine.correlation_coeff_Fo_to_Fc               0.954 
_refine.correlation_coeff_Fo_to_Fc_free          0.933 
_refine.B_iso_mean                               23.83 
_refine.aniso_B[1][1]                            -0.02000 
_refine.aniso_B[2][2]                            -0.02000 
_refine.aniso_B[3][3]                            0.04000 
_refine.aniso_B[1][2]                            0.00000 
_refine.aniso_B[1][3]                            0.00000 
_refine.aniso_B[2][3]                            0.00000 
_refine.solvent_model_details                    'BABINET MODEL WITH MASK' 
_refine.solvent_model_param_ksol                 ? 
_refine.solvent_model_param_bsol                 ? 
_refine.pdbx_solvent_vdw_probe_radii             1.40 
_refine.pdbx_solvent_ion_probe_radii             0.80 
_refine.pdbx_solvent_shrinkage_radii             0.80 
_refine.pdbx_ls_cross_valid_method               THROUGHOUT 
_refine.details                                  
;THE BIOLOGICAL UNIT APPEARS TO BE A DIMER THAT STRADDLES THE CRYSTALLOGRAPHIC 4-FOLD. TLS GROUPS WERE CHOSEN WITH REFERENCE TO THE DIMER. WEAK DENSITY BOTH BEFORE FIRST AND AFTER LAST RESIDUE SUGGESTS THE GENERAL POSITION OF MORE N- AND C-TERMINAL RESIDUES THAN MODELLED HERE. CNS_SOLVE 1.1/CNS/XFIT/CCP4/TLS WERE ALSO USED IN REFINEMENT.
;
_refine.pdbx_starting_model                      ? 
_refine.pdbx_method_to_determine_struct          MAD 
_refine.pdbx_isotropic_thermal_model             Isotropic 
_refine.pdbx_stereochemistry_target_values       'MAXIMUM LIKELIHOOD' 
_refine.pdbx_stereochem_target_val_spec_case     ? 
_refine.pdbx_R_Free_selection_details            RANDOM 
_refine.pdbx_overall_ESU_R                       0.175 
_refine.pdbx_overall_ESU_R_Free                  0.167 
_refine.overall_SU_ML                            0.111 
_refine.overall_SU_B                             8.183 
_refine.ls_redundancy_reflns_obs                 ? 
_refine.B_iso_min                                ? 
_refine.B_iso_max                                ? 
_refine.overall_SU_R_Cruickshank_DPI             ? 
_refine.overall_SU_R_free                        ? 
_refine.ls_wR_factor_R_free                      ? 
_refine.ls_wR_factor_R_work                      ? 
_refine.overall_FOM_free_R_set                   ? 
_refine.overall_FOM_work_R_set                   ? 
_refine.pdbx_refine_id                           'X-RAY DIFFRACTION' 
_refine.pdbx_TLS_residual_ADP_flag               'LIKELY RESIDUAL' 
_refine.pdbx_diffrn_id                           1 
_refine.pdbx_overall_phase_error                 ? 
_refine.pdbx_overall_SU_R_free_Cruickshank_DPI   ? 
_refine.pdbx_overall_SU_R_Blow_DPI               ? 
_refine.pdbx_overall_SU_R_free_Blow_DPI          ? 
# 
_refine_hist.pdbx_refine_id                   'X-RAY DIFFRACTION' 
_refine_hist.cycle_id                         LAST 
_refine_hist.pdbx_number_atoms_protein        1223 
_refine_hist.pdbx_number_atoms_nucleic_acid   0 
_refine_hist.pdbx_number_atoms_ligand         0 
_refine_hist.number_atoms_solvent             102 
_refine_hist.number_atoms_total               1325 
_refine_hist.d_res_high                       2.00 
_refine_hist.d_res_low                        29.49 
# 
loop_
_refine_ls_restr.type 
_refine_ls_restr.dev_ideal 
_refine_ls_restr.dev_ideal_target 
_refine_ls_restr.weight 
_refine_ls_restr.number 
_refine_ls_restr.pdbx_refine_id 
_refine_ls_restr.pdbx_restraint_function 
r_bond_refined_d         0.016  0.022  ? 1272 'X-RAY DIFFRACTION' ? 
r_bond_other_d           0.002  0.020  ? 1144 'X-RAY DIFFRACTION' ? 
r_angle_refined_deg      1.444  1.978  ? 1714 'X-RAY DIFFRACTION' ? 
r_angle_other_deg        0.825  3.000  ? 2697 'X-RAY DIFFRACTION' ? 
r_dihedral_angle_1_deg   6.319  5.000  ? 148  'X-RAY DIFFRACTION' ? 
r_dihedral_angle_2_deg   40.914 25.902 ? 61   'X-RAY DIFFRACTION' ? 
r_dihedral_angle_3_deg   15.381 15.000 ? 247  'X-RAY DIFFRACTION' ? 
r_dihedral_angle_4_deg   10.177 15.000 ? 2    'X-RAY DIFFRACTION' ? 
r_chiral_restr           0.098  0.200  ? 183  'X-RAY DIFFRACTION' ? 
r_gen_planes_refined     0.006  0.020  ? 1369 'X-RAY DIFFRACTION' ? 
r_gen_planes_other       0.001  0.020  ? 246  'X-RAY DIFFRACTION' ? 
r_nbd_refined            0.193  0.200  ? 181  'X-RAY DIFFRACTION' ? 
r_nbd_other              0.243  0.200  ? 1168 'X-RAY DIFFRACTION' ? 
r_nbtor_refined          ?      ?      ? ?    'X-RAY DIFFRACTION' ? 
r_nbtor_other            0.081  0.200  ? 775  'X-RAY DIFFRACTION' ? 
r_xyhbond_nbd_refined    0.237  0.200  ? 68   'X-RAY DIFFRACTION' ? 
r_xyhbond_nbd_other      ?      ?      ? ?    'X-RAY DIFFRACTION' ? 
r_metal_ion_refined      ?      ?      ? ?    'X-RAY DIFFRACTION' ? 
r_metal_ion_other        ?      ?      ? ?    'X-RAY DIFFRACTION' ? 
r_symmetry_vdw_refined   0.140  0.200  ? 20   'X-RAY DIFFRACTION' ? 
r_symmetry_vdw_other     0.300  0.200  ? 93   'X-RAY DIFFRACTION' ? 
r_symmetry_hbond_refined 0.184  0.200  ? 19   'X-RAY DIFFRACTION' ? 
r_symmetry_hbond_other   ?      ?      ? ?    'X-RAY DIFFRACTION' ? 
r_mcbond_it              2.000  3.000  ? 743  'X-RAY DIFFRACTION' ? 
r_mcangle_it             3.707  5.000  ? 1210 'X-RAY DIFFRACTION' ? 
r_scbond_it              6.342  8.000  ? 529  'X-RAY DIFFRACTION' ? 
r_scangle_it             9.514  11.000 ? 504  'X-RAY DIFFRACTION' ? 
r_rigid_bond_restr       ?      ?      ? ?    'X-RAY DIFFRACTION' ? 
r_sphericity_free        ?      ?      ? ?    'X-RAY DIFFRACTION' ? 
r_sphericity_bonded      ?      ?      ? ?    'X-RAY DIFFRACTION' ? 
# 
_refine_ls_shell.pdbx_total_number_of_bins_used   20 
_refine_ls_shell.d_res_high                       2.00 
_refine_ls_shell.d_res_low                        2.05 
_refine_ls_shell.number_reflns_R_work             757 
_refine_ls_shell.R_factor_R_work                  0.233 
_refine_ls_shell.percent_reflns_obs               ? 
_refine_ls_shell.R_factor_R_free                  0.305 
_refine_ls_shell.R_factor_R_free_error            ? 
_refine_ls_shell.percent_reflns_R_free            ? 
_refine_ls_shell.number_reflns_R_free             52 
_refine_ls_shell.redundancy_reflns_obs            ? 
_refine_ls_shell.number_reflns_all                ? 
_refine_ls_shell.number_reflns_obs                ? 
_refine_ls_shell.pdbx_refine_id                   'X-RAY DIFFRACTION' 
_refine_ls_shell.R_factor_all                     ? 
# 
_struct.entry_id                  1O22 
_struct.title                     'Crystal structure of an orphan protein (TM0875) from Thermotoga maritima at 2.00 A resolution' 
_struct.pdbx_model_details        ? 
_struct.pdbx_CASP_flag            ? 
_struct.pdbx_model_type_details   ? 
# 
_struct_keywords.text            
;ORPHAN PROTEIN, STRUCTURAL GENOMICS, JOINT CENTER FOR STRUCTURAL GENOMICS, JCSG, PROTEIN STRUCTURE INITIATIVE, PSI, UNKNOWN FUNCTION
;
_struct_keywords.entry_id        1O22 
_struct_keywords.pdbx_keywords   'UNKNOWN FUNCTION' 
# 
loop_
_struct_asym.id 
_struct_asym.pdbx_blank_PDB_chainid_flag 
_struct_asym.pdbx_modified 
_struct_asym.entity_id 
_struct_asym.details 
A N N 1 ? 
B N N 2 ? 
# 
_struct_ref.id                         1 
_struct_ref.db_name                    UNP 
_struct_ref.db_code                    Q9WZX8_THEMA 
_struct_ref.pdbx_db_accession          Q9WZX8 
_struct_ref.entity_id                  1 
_struct_ref.pdbx_seq_one_letter_code   
;MRLMDILEILYYKKGKEFGILEKKMKEIFNETGVSLEPVNSELIGRIFLKISVLEEGEEVPSFAIKALTPKENAVDLPLG
DWTDLKNVFVEEIDYLDSYGDMKILSEKNWYKIYVPYSSVKKKNRNELVEEFMKYFFESKGWNPGEYTFSVQEIDNLF
;
_struct_ref.pdbx_align_begin           1 
_struct_ref.pdbx_db_isoform            ? 
# 
_struct_ref_seq.align_id                      1 
_struct_ref_seq.ref_id                        1 
_struct_ref_seq.pdbx_PDB_id_code              1O22 
_struct_ref_seq.pdbx_strand_id                A 
_struct_ref_seq.seq_align_beg                 13 
_struct_ref_seq.pdbx_seq_align_beg_ins_code   ? 
_struct_ref_seq.seq_align_end                 170 
_struct_ref_seq.pdbx_seq_align_end_ins_code   ? 
_struct_ref_seq.pdbx_db_accession             Q9WZX8 
_struct_ref_seq.db_align_beg                  1 
_struct_ref_seq.pdbx_db_align_beg_ins_code    ? 
_struct_ref_seq.db_align_end                  158 
_struct_ref_seq.pdbx_db_align_end_ins_code    ? 
_struct_ref_seq.pdbx_auth_seq_align_beg       1 
_struct_ref_seq.pdbx_auth_seq_align_end       158 
# 
loop_
_struct_ref_seq_dif.align_id 
_struct_ref_seq_dif.pdbx_pdb_id_code 
_struct_ref_seq_dif.mon_id 
_struct_ref_seq_dif.pdbx_pdb_strand_id 
_struct_ref_seq_dif.seq_num 
_struct_ref_seq_dif.pdbx_pdb_ins_code 
_struct_ref_seq_dif.pdbx_seq_db_name 
_struct_ref_seq_dif.pdbx_seq_db_accession_code 
_struct_ref_seq_dif.db_mon_id 
_struct_ref_seq_dif.pdbx_seq_db_seq_num 
_struct_ref_seq_dif.details 
_struct_ref_seq_dif.pdbx_auth_seq_num 
_struct_ref_seq_dif.pdbx_ordinal 
1 1O22 MSE A 1   ? UNP Q9WZX8 ?   ?   'expression tag'   -11 1  
1 1O22 GLY A 2   ? UNP Q9WZX8 ?   ?   'expression tag'   -10 2  
1 1O22 SER A 3   ? UNP Q9WZX8 ?   ?   'expression tag'   -9  3  
1 1O22 ASP A 4   ? UNP Q9WZX8 ?   ?   'expression tag'   -8  4  
1 1O22 LYS A 5   ? UNP Q9WZX8 ?   ?   'expression tag'   -7  5  
1 1O22 ILE A 6   ? UNP Q9WZX8 ?   ?   'expression tag'   -6  6  
1 1O22 HIS A 7   ? UNP Q9WZX8 ?   ?   'expression tag'   -5  7  
1 1O22 HIS A 8   ? UNP Q9WZX8 ?   ?   'expression tag'   -4  8  
1 1O22 HIS A 9   ? UNP Q9WZX8 ?   ?   'expression tag'   -3  9  
1 1O22 HIS A 10  ? UNP Q9WZX8 ?   ?   'expression tag'   -2  10 
1 1O22 HIS A 11  ? UNP Q9WZX8 ?   ?   'expression tag'   -1  11 
1 1O22 HIS A 12  ? UNP Q9WZX8 ?   ?   'expression tag'   0   12 
1 1O22 MSE A 13  ? UNP Q9WZX8 MET 1   'modified residue' 1   13 
1 1O22 MSE A 16  ? UNP Q9WZX8 MET 4   'modified residue' 4   14 
1 1O22 MSE A 37  ? UNP Q9WZX8 MET 25  'modified residue' 25  15 
1 1O22 MSE A 114 ? UNP Q9WZX8 MET 102 'modified residue' 102 16 
1 1O22 MSE A 145 ? UNP Q9WZX8 MET 133 'modified residue' 133 17 
# 
_pdbx_struct_assembly.id                   1 
_pdbx_struct_assembly.details              author_and_software_defined_assembly 
_pdbx_struct_assembly.method_details       PISA,PQS 
_pdbx_struct_assembly.oligomeric_details   dimeric 
_pdbx_struct_assembly.oligomeric_count     2 
# 
loop_
_pdbx_struct_assembly_prop.biol_id 
_pdbx_struct_assembly_prop.type 
_pdbx_struct_assembly_prop.value 
_pdbx_struct_assembly_prop.details 
1 'ABSA (A^2)' 5150  ? 
1 MORE         -38   ? 
1 'SSA (A^2)'  16200 ? 
# 
_pdbx_struct_assembly_gen.assembly_id       1 
_pdbx_struct_assembly_gen.oper_expression   1,2 
_pdbx_struct_assembly_gen.asym_id_list      A,B 
# 
loop_
_pdbx_struct_oper_list.id 
_pdbx_struct_oper_list.type 
_pdbx_struct_oper_list.name 
_pdbx_struct_oper_list.symmetry_operation 
_pdbx_struct_oper_list.matrix[1][1] 
_pdbx_struct_oper_list.matrix[1][2] 
_pdbx_struct_oper_list.matrix[1][3] 
_pdbx_struct_oper_list.vector[1] 
_pdbx_struct_oper_list.matrix[2][1] 
_pdbx_struct_oper_list.matrix[2][2] 
_pdbx_struct_oper_list.matrix[2][3] 
_pdbx_struct_oper_list.vector[2] 
_pdbx_struct_oper_list.matrix[3][1] 
_pdbx_struct_oper_list.matrix[3][2] 
_pdbx_struct_oper_list.matrix[3][3] 
_pdbx_struct_oper_list.vector[3] 
1 'identity operation'         1_555 x,y,z  1.0000000000  0.0000000000  0.0000000000  0.0000000000 0.0000000000  1.0000000000  0.0000000000 0.0000000000  0.0000000000  0.0000000000 1.0000000000 0.0000000000 
2 'crystal symmetry operation' 7_555 y,x,-z -0.6041865154 -0.0044163782 -0.7968306911 0.5481150051 -0.0044163782 -0.9999507233 0.0088908181 20.3936437543 -0.7968306911 0.0088908181 0.6041372387 0.1592374243 
# 
_struct_biol.id   1 
# 
loop_
_struct_conf.conf_type_id 
_struct_conf.id 
_struct_conf.pdbx_PDB_helix_id 
_struct_conf.beg_label_comp_id 
_struct_conf.beg_label_asym_id 
_struct_conf.beg_label_seq_id 
_struct_conf.pdbx_beg_PDB_ins_code 
_struct_conf.end_label_comp_id 
_struct_conf.end_label_asym_id 
_struct_conf.end_label_seq_id 
_struct_conf.pdbx_end_PDB_ins_code 
_struct_conf.beg_auth_comp_id 
_struct_conf.beg_auth_asym_id 
_struct_conf.beg_auth_seq_id 
_struct_conf.end_auth_comp_id 
_struct_conf.end_auth_asym_id 
_struct_conf.end_auth_seq_id 
_struct_conf.pdbx_PDB_helix_class 
_struct_conf.details 
_struct_conf.pdbx_PDB_helix_length 
HELX_P HELX_P1 1 PHE A 30  ? GLY A 45  ? PHE A 18  GLY A 33  1 ? 16 
HELX_P HELX_P2 2 SER A 130 ? VAL A 132 ? SER A 118 VAL A 120 5 ? 3  
HELX_P HELX_P3 3 ASN A 136 ? LYS A 152 ? ASN A 124 LYS A 140 1 ? 17 
HELX_P HELX_P4 4 ASN A 155 ? GLY A 157 ? ASN A 143 GLY A 145 5 ? 3  
# 
_struct_conf_type.id          HELX_P 
_struct_conf_type.criteria    ? 
_struct_conf_type.reference   ? 
# 
loop_
_struct_conn.id 
_struct_conn.conn_type_id 
_struct_conn.pdbx_leaving_atom_flag 
_struct_conn.pdbx_PDB_id 
_struct_conn.ptnr1_label_asym_id 
_struct_conn.ptnr1_label_comp_id 
_struct_conn.ptnr1_label_seq_id 
_struct_conn.ptnr1_label_atom_id 
_struct_conn.pdbx_ptnr1_label_alt_id 
_struct_conn.pdbx_ptnr1_PDB_ins_code 
_struct_conn.pdbx_ptnr1_standard_comp_id 
_struct_conn.ptnr1_symmetry 
_struct_conn.ptnr2_label_asym_id 
_struct_conn.ptnr2_label_comp_id 
_struct_conn.ptnr2_label_seq_id 
_struct_conn.ptnr2_label_atom_id 
_struct_conn.pdbx_ptnr2_label_alt_id 
_struct_conn.pdbx_ptnr2_PDB_ins_code 
_struct_conn.ptnr1_auth_asym_id 
_struct_conn.ptnr1_auth_comp_id 
_struct_conn.ptnr1_auth_seq_id 
_struct_conn.ptnr2_auth_asym_id 
_struct_conn.ptnr2_auth_comp_id 
_struct_conn.ptnr2_auth_seq_id 
_struct_conn.ptnr2_symmetry 
_struct_conn.pdbx_ptnr3_label_atom_id 
_struct_conn.pdbx_ptnr3_label_seq_id 
_struct_conn.pdbx_ptnr3_label_comp_id 
_struct_conn.pdbx_ptnr3_label_asym_id 
_struct_conn.pdbx_ptnr3_label_alt_id 
_struct_conn.pdbx_ptnr3_PDB_ins_code 
_struct_conn.details 
_struct_conn.pdbx_dist_value 
_struct_conn.pdbx_value_order 
_struct_conn.pdbx_role 
covale1 covale both ? A LYS 36  C ? ? ? 1_555 A MSE 37  N ? ? A LYS 24  A MSE 25  1_555 ? ? ? ? ? ? ? 1.331 ? ? 
covale2 covale both ? A MSE 37  C ? ? ? 1_555 A LYS 38  N ? ? A MSE 25  A LYS 26  1_555 ? ? ? ? ? ? ? 1.339 ? ? 
covale3 covale both ? A ASP 113 C ? ? ? 1_555 A MSE 114 N ? ? A ASP 101 A MSE 102 1_555 ? ? ? ? ? ? ? 1.328 ? ? 
covale4 covale both ? A MSE 114 C ? ? ? 1_555 A LYS 115 N ? ? A MSE 102 A LYS 103 1_555 ? ? ? ? ? ? ? 1.335 ? ? 
covale5 covale both ? A PHE 144 C ? ? ? 1_555 A MSE 145 N ? ? A PHE 132 A MSE 133 1_555 ? ? ? ? ? ? ? 1.339 ? ? 
covale6 covale both ? A MSE 145 C ? ? ? 1_555 A LYS 146 N ? ? A MSE 133 A LYS 134 1_555 ? ? ? ? ? ? ? 1.332 ? ? 
# 
_struct_conn_type.id          covale 
_struct_conn_type.criteria    ? 
_struct_conn_type.reference   ? 
# 
loop_
_pdbx_modification_feature.ordinal 
_pdbx_modification_feature.label_comp_id 
_pdbx_modification_feature.label_asym_id 
_pdbx_modification_feature.label_seq_id 
_pdbx_modification_feature.label_alt_id 
_pdbx_modification_feature.modified_residue_label_comp_id 
_pdbx_modification_feature.modified_residue_label_asym_id 
_pdbx_modification_feature.modified_residue_label_seq_id 
_pdbx_modification_feature.modified_residue_label_alt_id 
_pdbx_modification_feature.auth_comp_id 
_pdbx_modification_feature.auth_asym_id 
_pdbx_modification_feature.auth_seq_id 
_pdbx_modification_feature.PDB_ins_code 
_pdbx_modification_feature.symmetry 
_pdbx_modification_feature.modified_residue_auth_comp_id 
_pdbx_modification_feature.modified_residue_auth_asym_id 
_pdbx_modification_feature.modified_residue_auth_seq_id 
_pdbx_modification_feature.modified_residue_PDB_ins_code 
_pdbx_modification_feature.modified_residue_symmetry 
_pdbx_modification_feature.comp_id_linking_atom 
_pdbx_modification_feature.modified_residue_id_linking_atom 
_pdbx_modification_feature.modified_residue_id 
_pdbx_modification_feature.ref_pcm_id 
_pdbx_modification_feature.ref_comp_id 
_pdbx_modification_feature.type 
_pdbx_modification_feature.category 
1 MSE A 37  ? . . . . MSE A 25  ? 1_555 . . . . . . . MET 1 MSE Selenomethionine 'Named protein modification' 
2 MSE A 114 ? . . . . MSE A 102 ? 1_555 . . . . . . . MET 1 MSE Selenomethionine 'Named protein modification' 
3 MSE A 145 ? . . . . MSE A 133 ? 1_555 . . . . . . . MET 1 MSE Selenomethionine 'Named protein modification' 
# 
loop_
_struct_sheet.id 
_struct_sheet.type 
_struct_sheet.number_strands 
_struct_sheet.details 
A ? 6 ? 
B ? 2 ? 
# 
loop_
_struct_sheet_order.sheet_id 
_struct_sheet_order.range_id_1 
_struct_sheet_order.range_id_2 
_struct_sheet_order.offset 
_struct_sheet_order.sense 
A 1 2 ? anti-parallel 
A 2 3 ? anti-parallel 
A 3 4 ? parallel      
A 4 5 ? anti-parallel 
A 5 6 ? anti-parallel 
B 1 2 ? anti-parallel 
# 
loop_
_struct_sheet_range.sheet_id 
_struct_sheet_range.id 
_struct_sheet_range.beg_label_comp_id 
_struct_sheet_range.beg_label_asym_id 
_struct_sheet_range.beg_label_seq_id 
_struct_sheet_range.pdbx_beg_PDB_ins_code 
_struct_sheet_range.end_label_comp_id 
_struct_sheet_range.end_label_asym_id 
_struct_sheet_range.end_label_seq_id 
_struct_sheet_range.pdbx_end_PDB_ins_code 
_struct_sheet_range.beg_auth_comp_id 
_struct_sheet_range.beg_auth_asym_id 
_struct_sheet_range.beg_auth_seq_id 
_struct_sheet_range.end_auth_comp_id 
_struct_sheet_range.end_auth_asym_id 
_struct_sheet_range.end_auth_seq_id 
A 1 ASP A 109 ? TYR A 111 ? ASP A 97  TYR A 99  
A 2 MSE A 114 ? GLU A 119 ? MSE A 102 GLU A 107 
A 3 TRP A 122 ? PRO A 128 ? TRP A 110 PRO A 116 
A 4 ILE A 56  ? LEU A 66  ? ILE A 44  LEU A 54  
A 5 LEU A 19  ? LYS A 25  ? LEU A 7   LYS A 13  
A 6 TYR A 159 ? GLU A 165 ? TYR A 147 GLU A 153 
B 1 PHE A 75  ? LEU A 80  ? PHE A 63  LEU A 68  
B 2 PHE A 101 ? TYR A 107 ? PHE A 89  TYR A 95  
# 
loop_
_pdbx_struct_sheet_hbond.sheet_id 
_pdbx_struct_sheet_hbond.range_id_1 
_pdbx_struct_sheet_hbond.range_id_2 
_pdbx_struct_sheet_hbond.range_1_label_atom_id 
_pdbx_struct_sheet_hbond.range_1_label_comp_id 
_pdbx_struct_sheet_hbond.range_1_label_asym_id 
_pdbx_struct_sheet_hbond.range_1_label_seq_id 
_pdbx_struct_sheet_hbond.range_1_PDB_ins_code 
_pdbx_struct_sheet_hbond.range_1_auth_atom_id 
_pdbx_struct_sheet_hbond.range_1_auth_comp_id 
_pdbx_struct_sheet_hbond.range_1_auth_asym_id 
_pdbx_struct_sheet_hbond.range_1_auth_seq_id 
_pdbx_struct_sheet_hbond.range_2_label_atom_id 
_pdbx_struct_sheet_hbond.range_2_label_comp_id 
_pdbx_struct_sheet_hbond.range_2_label_asym_id 
_pdbx_struct_sheet_hbond.range_2_label_seq_id 
_pdbx_struct_sheet_hbond.range_2_PDB_ins_code 
_pdbx_struct_sheet_hbond.range_2_auth_atom_id 
_pdbx_struct_sheet_hbond.range_2_auth_comp_id 
_pdbx_struct_sheet_hbond.range_2_auth_asym_id 
_pdbx_struct_sheet_hbond.range_2_auth_seq_id 
A 1 2 N TYR A 111 ? N TYR A 99  O MSE A 114 ? O MSE A 102 
A 2 3 N GLU A 119 ? N GLU A 107 O TRP A 122 ? O TRP A 110 
A 3 4 O TYR A 123 ? O TYR A 111 N PHE A 60  ? N PHE A 48  
A 4 5 O ILE A 59  ? O ILE A 47  N ILE A 21  ? N ILE A 9   
A 5 6 N GLU A 20  ? N GLU A 8   O GLN A 164 ? O GLN A 152 
B 1 2 N LYS A 78  ? N LYS A 66  O GLU A 103 ? O GLU A 91  
# 
_pdbx_entry_details.entry_id                   1O22 
_pdbx_entry_details.compound_details           ? 
_pdbx_entry_details.source_details             ? 
_pdbx_entry_details.nonpolymer_details         ? 
_pdbx_entry_details.sequence_details           ? 
_pdbx_entry_details.has_ligand_of_interest     ? 
_pdbx_entry_details.has_protein_modification   Y 
# 
loop_
_pdbx_validate_close_contact.id 
_pdbx_validate_close_contact.PDB_model_num 
_pdbx_validate_close_contact.auth_atom_id_1 
_pdbx_validate_close_contact.auth_asym_id_1 
_pdbx_validate_close_contact.auth_comp_id_1 
_pdbx_validate_close_contact.auth_seq_id_1 
_pdbx_validate_close_contact.PDB_ins_code_1 
_pdbx_validate_close_contact.label_alt_id_1 
_pdbx_validate_close_contact.auth_atom_id_2 
_pdbx_validate_close_contact.auth_asym_id_2 
_pdbx_validate_close_contact.auth_comp_id_2 
_pdbx_validate_close_contact.auth_seq_id_2 
_pdbx_validate_close_contact.PDB_ins_code_2 
_pdbx_validate_close_contact.label_alt_id_2 
_pdbx_validate_close_contact.dist 
1 1 OE1 A GLU 42  ? B O A HOH 196 ? ? 1.95 
2 1 OE1 A GLU 8   ? ? O A HOH 219 ? ? 2.07 
3 1 O   A HOH 213 ? ? O A HOH 219 ? ? 2.15 
# 
_pdbx_validate_torsion.id              1 
_pdbx_validate_torsion.PDB_model_num   1 
_pdbx_validate_torsion.auth_comp_id    LYS 
_pdbx_validate_torsion.auth_asym_id    A 
_pdbx_validate_torsion.auth_seq_id     108 
_pdbx_validate_torsion.PDB_ins_code    ? 
_pdbx_validate_torsion.label_alt_id    ? 
_pdbx_validate_torsion.phi             45.78 
_pdbx_validate_torsion.psi             -106.55 
# 
_pdbx_SG_project.id                    1 
_pdbx_SG_project.project_name          'PSI, Protein Structure Initiative' 
_pdbx_SG_project.full_name_of_center   'Joint Center for Structural Genomics' 
_pdbx_SG_project.initial_of_center     JCSG 
# 
loop_
_pdbx_struct_mod_residue.id 
_pdbx_struct_mod_residue.label_asym_id 
_pdbx_struct_mod_residue.label_comp_id 
_pdbx_struct_mod_residue.label_seq_id 
_pdbx_struct_mod_residue.auth_asym_id 
_pdbx_struct_mod_residue.auth_comp_id 
_pdbx_struct_mod_residue.auth_seq_id 
_pdbx_struct_mod_residue.PDB_ins_code 
_pdbx_struct_mod_residue.parent_comp_id 
_pdbx_struct_mod_residue.details 
1 A MSE 37  A MSE 25  ? MET SELENOMETHIONINE 
2 A MSE 114 A MSE 102 ? MET SELENOMETHIONINE 
3 A MSE 145 A MSE 133 ? MET SELENOMETHIONINE 
# 
loop_
_pdbx_refine_tls.id 
_pdbx_refine_tls.details 
_pdbx_refine_tls.method 
_pdbx_refine_tls.origin_x 
_pdbx_refine_tls.origin_y 
_pdbx_refine_tls.origin_z 
_pdbx_refine_tls.T[1][1] 
_pdbx_refine_tls.T[2][2] 
_pdbx_refine_tls.T[3][3] 
_pdbx_refine_tls.T[1][2] 
_pdbx_refine_tls.T[1][3] 
_pdbx_refine_tls.T[2][3] 
_pdbx_refine_tls.L[1][1] 
_pdbx_refine_tls.L[2][2] 
_pdbx_refine_tls.L[3][3] 
_pdbx_refine_tls.L[1][2] 
_pdbx_refine_tls.L[1][3] 
_pdbx_refine_tls.L[2][3] 
_pdbx_refine_tls.S[1][1] 
_pdbx_refine_tls.S[1][2] 
_pdbx_refine_tls.S[1][3] 
_pdbx_refine_tls.S[2][1] 
_pdbx_refine_tls.S[2][2] 
_pdbx_refine_tls.S[2][3] 
_pdbx_refine_tls.S[3][1] 
_pdbx_refine_tls.S[3][2] 
_pdbx_refine_tls.S[3][3] 
_pdbx_refine_tls.pdbx_refine_id 
1 ? refined 6.7009   10.6312  -16.2648 -0.0399 -0.0273 -0.0124 -0.0186 -0.0172 -0.0055 3.1329 3.9799 1.2055 -1.3477 1.3359  -0.2284 -0.0446 0.2344  0.0713  -0.2377 -0.0172 0.0343  -0.1451 -0.0088 0.0618  'X-RAY DIFFRACTION' 
2 ? refined 0.4564   -4.1589  0.6808   -0.0498 -0.0023 -0.0301 -0.0215 0.0048  -0.0177 0.5206 0.9525 2.5145 0.2133  -0.9646 -0.1722 -0.0294 0.0721  -0.0955 0.0273  -0.0451 0.0490  0.0962  -0.1993 0.0745  'X-RAY DIFFRACTION' 
3 ? refined 1.5955   -10.1229 2.2565   -0.0040 0.0037  -0.0435 -0.0351 0.0002  0.0043  3.2937 3.2110 4.7644 2.8892  1.8955  2.9289  -0.0986 0.1457  -0.1748 -0.0165 0.0185  -0.0400 0.1609  -0.0390 0.0801  'X-RAY DIFFRACTION' 
4 ? refined -12.9839 6.8358   20.1534  0.0630  0.0814  0.0611  -0.0243 0.0479  0.0196  3.4774 4.3405 1.2248 -2.5787 -0.1721 -0.6842 0.0235  -0.3732 0.0643  0.2547  0.2001  0.4686  -0.1445 -0.2212 -0.2236 'X-RAY DIFFRACTION' 
# 
loop_
_pdbx_refine_tls_group.id 
_pdbx_refine_tls_group.refine_tls_id 
_pdbx_refine_tls_group.beg_label_asym_id 
_pdbx_refine_tls_group.beg_label_seq_id 
_pdbx_refine_tls_group.beg_auth_seq_id 
_pdbx_refine_tls_group.end_label_asym_id 
_pdbx_refine_tls_group.end_label_seq_id 
_pdbx_refine_tls_group.end_auth_seq_id 
_pdbx_refine_tls_group.selection 
_pdbx_refine_tls_group.beg_auth_asym_id 
_pdbx_refine_tls_group.end_auth_asym_id 
_pdbx_refine_tls_group.pdbx_refine_id 
_pdbx_refine_tls_group.selection_details 
1 1 A 73  61  A 107 95  ? A A 'X-RAY DIFFRACTION' ? 
2 2 A 18  6   A 26  14  ? A A 'X-RAY DIFFRACTION' ? 
3 2 A 52  40  A 72  60  ? A A 'X-RAY DIFFRACTION' ? 
4 2 A 108 96  A 132 120 ? A A 'X-RAY DIFFRACTION' ? 
5 2 A 155 143 A 166 154 ? A A 'X-RAY DIFFRACTION' ? 
6 3 A 133 121 A 154 142 ? A A 'X-RAY DIFFRACTION' ? 
7 4 A 27  15  A 51  39  ? A A 'X-RAY DIFFRACTION' ? 
# 
loop_
_pdbx_unobs_or_zero_occ_residues.id 
_pdbx_unobs_or_zero_occ_residues.PDB_model_num 
_pdbx_unobs_or_zero_occ_residues.polymer_flag 
_pdbx_unobs_or_zero_occ_residues.occupancy_flag 
_pdbx_unobs_or_zero_occ_residues.auth_asym_id 
_pdbx_unobs_or_zero_occ_residues.auth_comp_id 
_pdbx_unobs_or_zero_occ_residues.auth_seq_id 
_pdbx_unobs_or_zero_occ_residues.PDB_ins_code 
_pdbx_unobs_or_zero_occ_residues.label_asym_id 
_pdbx_unobs_or_zero_occ_residues.label_comp_id 
_pdbx_unobs_or_zero_occ_residues.label_seq_id 
1  1 Y 1 A MSE -11 ? A MSE 1   
2  1 Y 1 A GLY -10 ? A GLY 2   
3  1 Y 1 A SER -9  ? A SER 3   
4  1 Y 1 A ASP -8  ? A ASP 4   
5  1 Y 1 A LYS -7  ? A LYS 5   
6  1 Y 1 A ILE -6  ? A ILE 6   
7  1 Y 1 A HIS -5  ? A HIS 7   
8  1 Y 1 A HIS -4  ? A HIS 8   
9  1 Y 1 A HIS -3  ? A HIS 9   
10 1 Y 1 A HIS -2  ? A HIS 10  
11 1 Y 1 A HIS -1  ? A HIS 11  
12 1 Y 1 A HIS 0   ? A HIS 12  
13 1 Y 1 A MSE 1   ? A MSE 13  
14 1 Y 1 A ARG 2   ? A ARG 14  
15 1 Y 1 A LEU 3   ? A LEU 15  
16 1 Y 1 A MSE 4   ? A MSE 16  
17 1 Y 1 A ASP 5   ? A ASP 17  
18 1 Y 1 A ASP 155 ? A ASP 167 
19 1 Y 1 A ASN 156 ? A ASN 168 
20 1 Y 1 A LEU 157 ? A LEU 169 
21 1 Y 1 A PHE 158 ? A PHE 170 
# 
loop_
_chem_comp_atom.comp_id 
_chem_comp_atom.atom_id 
_chem_comp_atom.type_symbol 
_chem_comp_atom.pdbx_aromatic_flag 
_chem_comp_atom.pdbx_stereo_config 
_chem_comp_atom.pdbx_ordinal 
ALA N    N  N N 1   
ALA CA   C  N S 2   
ALA C    C  N N 3   
ALA O    O  N N 4   
ALA CB   C  N N 5   
ALA OXT  O  N N 6   
ALA H    H  N N 7   
ALA H2   H  N N 8   
ALA HA   H  N N 9   
ALA HB1  H  N N 10  
ALA HB2  H  N N 11  
ALA HB3  H  N N 12  
ALA HXT  H  N N 13  
ARG N    N  N N 14  
ARG CA   C  N S 15  
ARG C    C  N N 16  
ARG O    O  N N 17  
ARG CB   C  N N 18  
ARG CG   C  N N 19  
ARG CD   C  N N 20  
ARG NE   N  N N 21  
ARG CZ   C  N N 22  
ARG NH1  N  N N 23  
ARG NH2  N  N N 24  
ARG OXT  O  N N 25  
ARG H    H  N N 26  
ARG H2   H  N N 27  
ARG HA   H  N N 28  
ARG HB2  H  N N 29  
ARG HB3  H  N N 30  
ARG HG2  H  N N 31  
ARG HG3  H  N N 32  
ARG HD2  H  N N 33  
ARG HD3  H  N N 34  
ARG HE   H  N N 35  
ARG HH11 H  N N 36  
ARG HH12 H  N N 37  
ARG HH21 H  N N 38  
ARG HH22 H  N N 39  
ARG HXT  H  N N 40  
ASN N    N  N N 41  
ASN CA   C  N S 42  
ASN C    C  N N 43  
ASN O    O  N N 44  
ASN CB   C  N N 45  
ASN CG   C  N N 46  
ASN OD1  O  N N 47  
ASN ND2  N  N N 48  
ASN OXT  O  N N 49  
ASN H    H  N N 50  
ASN H2   H  N N 51  
ASN HA   H  N N 52  
ASN HB2  H  N N 53  
ASN HB3  H  N N 54  
ASN HD21 H  N N 55  
ASN HD22 H  N N 56  
ASN HXT  H  N N 57  
ASP N    N  N N 58  
ASP CA   C  N S 59  
ASP C    C  N N 60  
ASP O    O  N N 61  
ASP CB   C  N N 62  
ASP CG   C  N N 63  
ASP OD1  O  N N 64  
ASP OD2  O  N N 65  
ASP OXT  O  N N 66  
ASP H    H  N N 67  
ASP H2   H  N N 68  
ASP HA   H  N N 69  
ASP HB2  H  N N 70  
ASP HB3  H  N N 71  
ASP HD2  H  N N 72  
ASP HXT  H  N N 73  
GLN N    N  N N 74  
GLN CA   C  N S 75  
GLN C    C  N N 76  
GLN O    O  N N 77  
GLN CB   C  N N 78  
GLN CG   C  N N 79  
GLN CD   C  N N 80  
GLN OE1  O  N N 81  
GLN NE2  N  N N 82  
GLN OXT  O  N N 83  
GLN H    H  N N 84  
GLN H2   H  N N 85  
GLN HA   H  N N 86  
GLN HB2  H  N N 87  
GLN HB3  H  N N 88  
GLN HG2  H  N N 89  
GLN HG3  H  N N 90  
GLN HE21 H  N N 91  
GLN HE22 H  N N 92  
GLN HXT  H  N N 93  
GLU N    N  N N 94  
GLU CA   C  N S 95  
GLU C    C  N N 96  
GLU O    O  N N 97  
GLU CB   C  N N 98  
GLU CG   C  N N 99  
GLU CD   C  N N 100 
GLU OE1  O  N N 101 
GLU OE2  O  N N 102 
GLU OXT  O  N N 103 
GLU H    H  N N 104 
GLU H2   H  N N 105 
GLU HA   H  N N 106 
GLU HB2  H  N N 107 
GLU HB3  H  N N 108 
GLU HG2  H  N N 109 
GLU HG3  H  N N 110 
GLU HE2  H  N N 111 
GLU HXT  H  N N 112 
GLY N    N  N N 113 
GLY CA   C  N N 114 
GLY C    C  N N 115 
GLY O    O  N N 116 
GLY OXT  O  N N 117 
GLY H    H  N N 118 
GLY H2   H  N N 119 
GLY HA2  H  N N 120 
GLY HA3  H  N N 121 
GLY HXT  H  N N 122 
HIS N    N  N N 123 
HIS CA   C  N S 124 
HIS C    C  N N 125 
HIS O    O  N N 126 
HIS CB   C  N N 127 
HIS CG   C  Y N 128 
HIS ND1  N  Y N 129 
HIS CD2  C  Y N 130 
HIS CE1  C  Y N 131 
HIS NE2  N  Y N 132 
HIS OXT  O  N N 133 
HIS H    H  N N 134 
HIS H2   H  N N 135 
HIS HA   H  N N 136 
HIS HB2  H  N N 137 
HIS HB3  H  N N 138 
HIS HD1  H  N N 139 
HIS HD2  H  N N 140 
HIS HE1  H  N N 141 
HIS HE2  H  N N 142 
HIS HXT  H  N N 143 
HOH O    O  N N 144 
HOH H1   H  N N 145 
HOH H2   H  N N 146 
ILE N    N  N N 147 
ILE CA   C  N S 148 
ILE C    C  N N 149 
ILE O    O  N N 150 
ILE CB   C  N S 151 
ILE CG1  C  N N 152 
ILE CG2  C  N N 153 
ILE CD1  C  N N 154 
ILE OXT  O  N N 155 
ILE H    H  N N 156 
ILE H2   H  N N 157 
ILE HA   H  N N 158 
ILE HB   H  N N 159 
ILE HG12 H  N N 160 
ILE HG13 H  N N 161 
ILE HG21 H  N N 162 
ILE HG22 H  N N 163 
ILE HG23 H  N N 164 
ILE HD11 H  N N 165 
ILE HD12 H  N N 166 
ILE HD13 H  N N 167 
ILE HXT  H  N N 168 
LEU N    N  N N 169 
LEU CA   C  N S 170 
LEU C    C  N N 171 
LEU O    O  N N 172 
LEU CB   C  N N 173 
LEU CG   C  N N 174 
LEU CD1  C  N N 175 
LEU CD2  C  N N 176 
LEU OXT  O  N N 177 
LEU H    H  N N 178 
LEU H2   H  N N 179 
LEU HA   H  N N 180 
LEU HB2  H  N N 181 
LEU HB3  H  N N 182 
LEU HG   H  N N 183 
LEU HD11 H  N N 184 
LEU HD12 H  N N 185 
LEU HD13 H  N N 186 
LEU HD21 H  N N 187 
LEU HD22 H  N N 188 
LEU HD23 H  N N 189 
LEU HXT  H  N N 190 
LYS N    N  N N 191 
LYS CA   C  N S 192 
LYS C    C  N N 193 
LYS O    O  N N 194 
LYS CB   C  N N 195 
LYS CG   C  N N 196 
LYS CD   C  N N 197 
LYS CE   C  N N 198 
LYS NZ   N  N N 199 
LYS OXT  O  N N 200 
LYS H    H  N N 201 
LYS H2   H  N N 202 
LYS HA   H  N N 203 
LYS HB2  H  N N 204 
LYS HB3  H  N N 205 
LYS HG2  H  N N 206 
LYS HG3  H  N N 207 
LYS HD2  H  N N 208 
LYS HD3  H  N N 209 
LYS HE2  H  N N 210 
LYS HE3  H  N N 211 
LYS HZ1  H  N N 212 
LYS HZ2  H  N N 213 
LYS HZ3  H  N N 214 
LYS HXT  H  N N 215 
MET N    N  N N 216 
MET CA   C  N S 217 
MET C    C  N N 218 
MET O    O  N N 219 
MET CB   C  N N 220 
MET CG   C  N N 221 
MET SD   S  N N 222 
MET CE   C  N N 223 
MET OXT  O  N N 224 
MET H    H  N N 225 
MET H2   H  N N 226 
MET HA   H  N N 227 
MET HB2  H  N N 228 
MET HB3  H  N N 229 
MET HG2  H  N N 230 
MET HG3  H  N N 231 
MET HE1  H  N N 232 
MET HE2  H  N N 233 
MET HE3  H  N N 234 
MET HXT  H  N N 235 
MSE N    N  N N 236 
MSE CA   C  N S 237 
MSE C    C  N N 238 
MSE O    O  N N 239 
MSE OXT  O  N N 240 
MSE CB   C  N N 241 
MSE CG   C  N N 242 
MSE SE   SE N N 243 
MSE CE   C  N N 244 
MSE H    H  N N 245 
MSE H2   H  N N 246 
MSE HA   H  N N 247 
MSE HXT  H  N N 248 
MSE HB2  H  N N 249 
MSE HB3  H  N N 250 
MSE HG2  H  N N 251 
MSE HG3  H  N N 252 
MSE HE1  H  N N 253 
MSE HE2  H  N N 254 
MSE HE3  H  N N 255 
PHE N    N  N N 256 
PHE CA   C  N S 257 
PHE C    C  N N 258 
PHE O    O  N N 259 
PHE CB   C  N N 260 
PHE CG   C  Y N 261 
PHE CD1  C  Y N 262 
PHE CD2  C  Y N 263 
PHE CE1  C  Y N 264 
PHE CE2  C  Y N 265 
PHE CZ   C  Y N 266 
PHE OXT  O  N N 267 
PHE H    H  N N 268 
PHE H2   H  N N 269 
PHE HA   H  N N 270 
PHE HB2  H  N N 271 
PHE HB3  H  N N 272 
PHE HD1  H  N N 273 
PHE HD2  H  N N 274 
PHE HE1  H  N N 275 
PHE HE2  H  N N 276 
PHE HZ   H  N N 277 
PHE HXT  H  N N 278 
PRO N    N  N N 279 
PRO CA   C  N S 280 
PRO C    C  N N 281 
PRO O    O  N N 282 
PRO CB   C  N N 283 
PRO CG   C  N N 284 
PRO CD   C  N N 285 
PRO OXT  O  N N 286 
PRO H    H  N N 287 
PRO HA   H  N N 288 
PRO HB2  H  N N 289 
PRO HB3  H  N N 290 
PRO HG2  H  N N 291 
PRO HG3  H  N N 292 
PRO HD2  H  N N 293 
PRO HD3  H  N N 294 
PRO HXT  H  N N 295 
SER N    N  N N 296 
SER CA   C  N S 297 
SER C    C  N N 298 
SER O    O  N N 299 
SER CB   C  N N 300 
SER OG   O  N N 301 
SER OXT  O  N N 302 
SER H    H  N N 303 
SER H2   H  N N 304 
SER HA   H  N N 305 
SER HB2  H  N N 306 
SER HB3  H  N N 307 
SER HG   H  N N 308 
SER HXT  H  N N 309 
THR N    N  N N 310 
THR CA   C  N S 311 
THR C    C  N N 312 
THR O    O  N N 313 
THR CB   C  N R 314 
THR OG1  O  N N 315 
THR CG2  C  N N 316 
THR OXT  O  N N 317 
THR H    H  N N 318 
THR H2   H  N N 319 
THR HA   H  N N 320 
THR HB   H  N N 321 
THR HG1  H  N N 322 
THR HG21 H  N N 323 
THR HG22 H  N N 324 
THR HG23 H  N N 325 
THR HXT  H  N N 326 
TRP N    N  N N 327 
TRP CA   C  N S 328 
TRP C    C  N N 329 
TRP O    O  N N 330 
TRP CB   C  N N 331 
TRP CG   C  Y N 332 
TRP CD1  C  Y N 333 
TRP CD2  C  Y N 334 
TRP NE1  N  Y N 335 
TRP CE2  C  Y N 336 
TRP CE3  C  Y N 337 
TRP CZ2  C  Y N 338 
TRP CZ3  C  Y N 339 
TRP CH2  C  Y N 340 
TRP OXT  O  N N 341 
TRP H    H  N N 342 
TRP H2   H  N N 343 
TRP HA   H  N N 344 
TRP HB2  H  N N 345 
TRP HB3  H  N N 346 
TRP HD1  H  N N 347 
TRP HE1  H  N N 348 
TRP HE3  H  N N 349 
TRP HZ2  H  N N 350 
TRP HZ3  H  N N 351 
TRP HH2  H  N N 352 
TRP HXT  H  N N 353 
TYR N    N  N N 354 
TYR CA   C  N S 355 
TYR C    C  N N 356 
TYR O    O  N N 357 
TYR CB   C  N N 358 
TYR CG   C  Y N 359 
TYR CD1  C  Y N 360 
TYR CD2  C  Y N 361 
TYR CE1  C  Y N 362 
TYR CE2  C  Y N 363 
TYR CZ   C  Y N 364 
TYR OH   O  N N 365 
TYR OXT  O  N N 366 
TYR H    H  N N 367 
TYR H2   H  N N 368 
TYR HA   H  N N 369 
TYR HB2  H  N N 370 
TYR HB3  H  N N 371 
TYR HD1  H  N N 372 
TYR HD2  H  N N 373 
TYR HE1  H  N N 374 
TYR HE2  H  N N 375 
TYR HH   H  N N 376 
TYR HXT  H  N N 377 
VAL N    N  N N 378 
VAL CA   C  N S 379 
VAL C    C  N N 380 
VAL O    O  N N 381 
VAL CB   C  N N 382 
VAL CG1  C  N N 383 
VAL CG2  C  N N 384 
VAL OXT  O  N N 385 
VAL H    H  N N 386 
VAL H2   H  N N 387 
VAL HA   H  N N 388 
VAL HB   H  N N 389 
VAL HG11 H  N N 390 
VAL HG12 H  N N 391 
VAL HG13 H  N N 392 
VAL HG21 H  N N 393 
VAL HG22 H  N N 394 
VAL HG23 H  N N 395 
VAL HXT  H  N N 396 
# 
loop_
_chem_comp_bond.comp_id 
_chem_comp_bond.atom_id_1 
_chem_comp_bond.atom_id_2 
_chem_comp_bond.value_order 
_chem_comp_bond.pdbx_aromatic_flag 
_chem_comp_bond.pdbx_stereo_config 
_chem_comp_bond.pdbx_ordinal 
ALA N   CA   sing N N 1   
ALA N   H    sing N N 2   
ALA N   H2   sing N N 3   
ALA CA  C    sing N N 4   
ALA CA  CB   sing N N 5   
ALA CA  HA   sing N N 6   
ALA C   O    doub N N 7   
ALA C   OXT  sing N N 8   
ALA CB  HB1  sing N N 9   
ALA CB  HB2  sing N N 10  
ALA CB  HB3  sing N N 11  
ALA OXT HXT  sing N N 12  
ARG N   CA   sing N N 13  
ARG N   H    sing N N 14  
ARG N   H2   sing N N 15  
ARG CA  C    sing N N 16  
ARG CA  CB   sing N N 17  
ARG CA  HA   sing N N 18  
ARG C   O    doub N N 19  
ARG C   OXT  sing N N 20  
ARG CB  CG   sing N N 21  
ARG CB  HB2  sing N N 22  
ARG CB  HB3  sing N N 23  
ARG CG  CD   sing N N 24  
ARG CG  HG2  sing N N 25  
ARG CG  HG3  sing N N 26  
ARG CD  NE   sing N N 27  
ARG CD  HD2  sing N N 28  
ARG CD  HD3  sing N N 29  
ARG NE  CZ   sing N N 30  
ARG NE  HE   sing N N 31  
ARG CZ  NH1  sing N N 32  
ARG CZ  NH2  doub N N 33  
ARG NH1 HH11 sing N N 34  
ARG NH1 HH12 sing N N 35  
ARG NH2 HH21 sing N N 36  
ARG NH2 HH22 sing N N 37  
ARG OXT HXT  sing N N 38  
ASN N   CA   sing N N 39  
ASN N   H    sing N N 40  
ASN N   H2   sing N N 41  
ASN CA  C    sing N N 42  
ASN CA  CB   sing N N 43  
ASN CA  HA   sing N N 44  
ASN C   O    doub N N 45  
ASN C   OXT  sing N N 46  
ASN CB  CG   sing N N 47  
ASN CB  HB2  sing N N 48  
ASN CB  HB3  sing N N 49  
ASN CG  OD1  doub N N 50  
ASN CG  ND2  sing N N 51  
ASN ND2 HD21 sing N N 52  
ASN ND2 HD22 sing N N 53  
ASN OXT HXT  sing N N 54  
ASP N   CA   sing N N 55  
ASP N   H    sing N N 56  
ASP N   H2   sing N N 57  
ASP CA  C    sing N N 58  
ASP CA  CB   sing N N 59  
ASP CA  HA   sing N N 60  
ASP C   O    doub N N 61  
ASP C   OXT  sing N N 62  
ASP CB  CG   sing N N 63  
ASP CB  HB2  sing N N 64  
ASP CB  HB3  sing N N 65  
ASP CG  OD1  doub N N 66  
ASP CG  OD2  sing N N 67  
ASP OD2 HD2  sing N N 68  
ASP OXT HXT  sing N N 69  
GLN N   CA   sing N N 70  
GLN N   H    sing N N 71  
GLN N   H2   sing N N 72  
GLN CA  C    sing N N 73  
GLN CA  CB   sing N N 74  
GLN CA  HA   sing N N 75  
GLN C   O    doub N N 76  
GLN C   OXT  sing N N 77  
GLN CB  CG   sing N N 78  
GLN CB  HB2  sing N N 79  
GLN CB  HB3  sing N N 80  
GLN CG  CD   sing N N 81  
GLN CG  HG2  sing N N 82  
GLN CG  HG3  sing N N 83  
GLN CD  OE1  doub N N 84  
GLN CD  NE2  sing N N 85  
GLN NE2 HE21 sing N N 86  
GLN NE2 HE22 sing N N 87  
GLN OXT HXT  sing N N 88  
GLU N   CA   sing N N 89  
GLU N   H    sing N N 90  
GLU N   H2   sing N N 91  
GLU CA  C    sing N N 92  
GLU CA  CB   sing N N 93  
GLU CA  HA   sing N N 94  
GLU C   O    doub N N 95  
GLU C   OXT  sing N N 96  
GLU CB  CG   sing N N 97  
GLU CB  HB2  sing N N 98  
GLU CB  HB3  sing N N 99  
GLU CG  CD   sing N N 100 
GLU CG  HG2  sing N N 101 
GLU CG  HG3  sing N N 102 
GLU CD  OE1  doub N N 103 
GLU CD  OE2  sing N N 104 
GLU OE2 HE2  sing N N 105 
GLU OXT HXT  sing N N 106 
GLY N   CA   sing N N 107 
GLY N   H    sing N N 108 
GLY N   H2   sing N N 109 
GLY CA  C    sing N N 110 
GLY CA  HA2  sing N N 111 
GLY CA  HA3  sing N N 112 
GLY C   O    doub N N 113 
GLY C   OXT  sing N N 114 
GLY OXT HXT  sing N N 115 
HIS N   CA   sing N N 116 
HIS N   H    sing N N 117 
HIS N   H2   sing N N 118 
HIS CA  C    sing N N 119 
HIS CA  CB   sing N N 120 
HIS CA  HA   sing N N 121 
HIS C   O    doub N N 122 
HIS C   OXT  sing N N 123 
HIS CB  CG   sing N N 124 
HIS CB  HB2  sing N N 125 
HIS CB  HB3  sing N N 126 
HIS CG  ND1  sing Y N 127 
HIS CG  CD2  doub Y N 128 
HIS ND1 CE1  doub Y N 129 
HIS ND1 HD1  sing N N 130 
HIS CD2 NE2  sing Y N 131 
HIS CD2 HD2  sing N N 132 
HIS CE1 NE2  sing Y N 133 
HIS CE1 HE1  sing N N 134 
HIS NE2 HE2  sing N N 135 
HIS OXT HXT  sing N N 136 
HOH O   H1   sing N N 137 
HOH O   H2   sing N N 138 
ILE N   CA   sing N N 139 
ILE N   H    sing N N 140 
ILE N   H2   sing N N 141 
ILE CA  C    sing N N 142 
ILE CA  CB   sing N N 143 
ILE CA  HA   sing N N 144 
ILE C   O    doub N N 145 
ILE C   OXT  sing N N 146 
ILE CB  CG1  sing N N 147 
ILE CB  CG2  sing N N 148 
ILE CB  HB   sing N N 149 
ILE CG1 CD1  sing N N 150 
ILE CG1 HG12 sing N N 151 
ILE CG1 HG13 sing N N 152 
ILE CG2 HG21 sing N N 153 
ILE CG2 HG22 sing N N 154 
ILE CG2 HG23 sing N N 155 
ILE CD1 HD11 sing N N 156 
ILE CD1 HD12 sing N N 157 
ILE CD1 HD13 sing N N 158 
ILE OXT HXT  sing N N 159 
LEU N   CA   sing N N 160 
LEU N   H    sing N N 161 
LEU N   H2   sing N N 162 
LEU CA  C    sing N N 163 
LEU CA  CB   sing N N 164 
LEU CA  HA   sing N N 165 
LEU C   O    doub N N 166 
LEU C   OXT  sing N N 167 
LEU CB  CG   sing N N 168 
LEU CB  HB2  sing N N 169 
LEU CB  HB3  sing N N 170 
LEU CG  CD1  sing N N 171 
LEU CG  CD2  sing N N 172 
LEU CG  HG   sing N N 173 
LEU CD1 HD11 sing N N 174 
LEU CD1 HD12 sing N N 175 
LEU CD1 HD13 sing N N 176 
LEU CD2 HD21 sing N N 177 
LEU CD2 HD22 sing N N 178 
LEU CD2 HD23 sing N N 179 
LEU OXT HXT  sing N N 180 
LYS N   CA   sing N N 181 
LYS N   H    sing N N 182 
LYS N   H2   sing N N 183 
LYS CA  C    sing N N 184 
LYS CA  CB   sing N N 185 
LYS CA  HA   sing N N 186 
LYS C   O    doub N N 187 
LYS C   OXT  sing N N 188 
LYS CB  CG   sing N N 189 
LYS CB  HB2  sing N N 190 
LYS CB  HB3  sing N N 191 
LYS CG  CD   sing N N 192 
LYS CG  HG2  sing N N 193 
LYS CG  HG3  sing N N 194 
LYS CD  CE   sing N N 195 
LYS CD  HD2  sing N N 196 
LYS CD  HD3  sing N N 197 
LYS CE  NZ   sing N N 198 
LYS CE  HE2  sing N N 199 
LYS CE  HE3  sing N N 200 
LYS NZ  HZ1  sing N N 201 
LYS NZ  HZ2  sing N N 202 
LYS NZ  HZ3  sing N N 203 
LYS OXT HXT  sing N N 204 
MET N   CA   sing N N 205 
MET N   H    sing N N 206 
MET N   H2   sing N N 207 
MET CA  C    sing N N 208 
MET CA  CB   sing N N 209 
MET CA  HA   sing N N 210 
MET C   O    doub N N 211 
MET C   OXT  sing N N 212 
MET CB  CG   sing N N 213 
MET CB  HB2  sing N N 214 
MET CB  HB3  sing N N 215 
MET CG  SD   sing N N 216 
MET CG  HG2  sing N N 217 
MET CG  HG3  sing N N 218 
MET SD  CE   sing N N 219 
MET CE  HE1  sing N N 220 
MET CE  HE2  sing N N 221 
MET CE  HE3  sing N N 222 
MET OXT HXT  sing N N 223 
MSE N   CA   sing N N 224 
MSE N   H    sing N N 225 
MSE N   H2   sing N N 226 
MSE CA  C    sing N N 227 
MSE CA  CB   sing N N 228 
MSE CA  HA   sing N N 229 
MSE C   O    doub N N 230 
MSE C   OXT  sing N N 231 
MSE OXT HXT  sing N N 232 
MSE CB  CG   sing N N 233 
MSE CB  HB2  sing N N 234 
MSE CB  HB3  sing N N 235 
MSE CG  SE   sing N N 236 
MSE CG  HG2  sing N N 237 
MSE CG  HG3  sing N N 238 
MSE SE  CE   sing N N 239 
MSE CE  HE1  sing N N 240 
MSE CE  HE2  sing N N 241 
MSE CE  HE3  sing N N 242 
PHE N   CA   sing N N 243 
PHE N   H    sing N N 244 
PHE N   H2   sing N N 245 
PHE CA  C    sing N N 246 
PHE CA  CB   sing N N 247 
PHE CA  HA   sing N N 248 
PHE C   O    doub N N 249 
PHE C   OXT  sing N N 250 
PHE CB  CG   sing N N 251 
PHE CB  HB2  sing N N 252 
PHE CB  HB3  sing N N 253 
PHE CG  CD1  doub Y N 254 
PHE CG  CD2  sing Y N 255 
PHE CD1 CE1  sing Y N 256 
PHE CD1 HD1  sing N N 257 
PHE CD2 CE2  doub Y N 258 
PHE CD2 HD2  sing N N 259 
PHE CE1 CZ   doub Y N 260 
PHE CE1 HE1  sing N N 261 
PHE CE2 CZ   sing Y N 262 
PHE CE2 HE2  sing N N 263 
PHE CZ  HZ   sing N N 264 
PHE OXT HXT  sing N N 265 
PRO N   CA   sing N N 266 
PRO N   CD   sing N N 267 
PRO N   H    sing N N 268 
PRO CA  C    sing N N 269 
PRO CA  CB   sing N N 270 
PRO CA  HA   sing N N 271 
PRO C   O    doub N N 272 
PRO C   OXT  sing N N 273 
PRO CB  CG   sing N N 274 
PRO CB  HB2  sing N N 275 
PRO CB  HB3  sing N N 276 
PRO CG  CD   sing N N 277 
PRO CG  HG2  sing N N 278 
PRO CG  HG3  sing N N 279 
PRO CD  HD2  sing N N 280 
PRO CD  HD3  sing N N 281 
PRO OXT HXT  sing N N 282 
SER N   CA   sing N N 283 
SER N   H    sing N N 284 
SER N   H2   sing N N 285 
SER CA  C    sing N N 286 
SER CA  CB   sing N N 287 
SER CA  HA   sing N N 288 
SER C   O    doub N N 289 
SER C   OXT  sing N N 290 
SER CB  OG   sing N N 291 
SER CB  HB2  sing N N 292 
SER CB  HB3  sing N N 293 
SER OG  HG   sing N N 294 
SER OXT HXT  sing N N 295 
THR N   CA   sing N N 296 
THR N   H    sing N N 297 
THR N   H2   sing N N 298 
THR CA  C    sing N N 299 
THR CA  CB   sing N N 300 
THR CA  HA   sing N N 301 
THR C   O    doub N N 302 
THR C   OXT  sing N N 303 
THR CB  OG1  sing N N 304 
THR CB  CG2  sing N N 305 
THR CB  HB   sing N N 306 
THR OG1 HG1  sing N N 307 
THR CG2 HG21 sing N N 308 
THR CG2 HG22 sing N N 309 
THR CG2 HG23 sing N N 310 
THR OXT HXT  sing N N 311 
TRP N   CA   sing N N 312 
TRP N   H    sing N N 313 
TRP N   H2   sing N N 314 
TRP CA  C    sing N N 315 
TRP CA  CB   sing N N 316 
TRP CA  HA   sing N N 317 
TRP C   O    doub N N 318 
TRP C   OXT  sing N N 319 
TRP CB  CG   sing N N 320 
TRP CB  HB2  sing N N 321 
TRP CB  HB3  sing N N 322 
TRP CG  CD1  doub Y N 323 
TRP CG  CD2  sing Y N 324 
TRP CD1 NE1  sing Y N 325 
TRP CD1 HD1  sing N N 326 
TRP CD2 CE2  doub Y N 327 
TRP CD2 CE3  sing Y N 328 
TRP NE1 CE2  sing Y N 329 
TRP NE1 HE1  sing N N 330 
TRP CE2 CZ2  sing Y N 331 
TRP CE3 CZ3  doub Y N 332 
TRP CE3 HE3  sing N N 333 
TRP CZ2 CH2  doub Y N 334 
TRP CZ2 HZ2  sing N N 335 
TRP CZ3 CH2  sing Y N 336 
TRP CZ3 HZ3  sing N N 337 
TRP CH2 HH2  sing N N 338 
TRP OXT HXT  sing N N 339 
TYR N   CA   sing N N 340 
TYR N   H    sing N N 341 
TYR N   H2   sing N N 342 
TYR CA  C    sing N N 343 
TYR CA  CB   sing N N 344 
TYR CA  HA   sing N N 345 
TYR C   O    doub N N 346 
TYR C   OXT  sing N N 347 
TYR CB  CG   sing N N 348 
TYR CB  HB2  sing N N 349 
TYR CB  HB3  sing N N 350 
TYR CG  CD1  doub Y N 351 
TYR CG  CD2  sing Y N 352 
TYR CD1 CE1  sing Y N 353 
TYR CD1 HD1  sing N N 354 
TYR CD2 CE2  doub Y N 355 
TYR CD2 HD2  sing N N 356 
TYR CE1 CZ   doub Y N 357 
TYR CE1 HE1  sing N N 358 
TYR CE2 CZ   sing Y N 359 
TYR CE2 HE2  sing N N 360 
TYR CZ  OH   sing N N 361 
TYR OH  HH   sing N N 362 
TYR OXT HXT  sing N N 363 
VAL N   CA   sing N N 364 
VAL N   H    sing N N 365 
VAL N   H2   sing N N 366 
VAL CA  C    sing N N 367 
VAL CA  CB   sing N N 368 
VAL CA  HA   sing N N 369 
VAL C   O    doub N N 370 
VAL C   OXT  sing N N 371 
VAL CB  CG1  sing N N 372 
VAL CB  CG2  sing N N 373 
VAL CB  HB   sing N N 374 
VAL CG1 HG11 sing N N 375 
VAL CG1 HG12 sing N N 376 
VAL CG1 HG13 sing N N 377 
VAL CG2 HG21 sing N N 378 
VAL CG2 HG22 sing N N 379 
VAL CG2 HG23 sing N N 380 
VAL OXT HXT  sing N N 381 
# 
_atom_sites.entry_id                    1O22 
_atom_sites.fract_transf_matrix[1][1]   0.00372935 
_atom_sites.fract_transf_matrix[1][2]   0.01189878 
_atom_sites.fract_transf_matrix[1][3]   -0.01173054 
_atom_sites.fract_transf_matrix[2][1]   0.00704148 
_atom_sites.fract_transf_matrix[2][2]   -0.01201896 
_atom_sites.fract_transf_matrix[2][3]   -0.00995272 
_atom_sites.fract_transf_matrix[3][1]   -0.00863579 
_atom_sites.fract_transf_matrix[3][2]   -0.00151412 
_atom_sites.fract_transf_matrix[3][3]   -0.00428131 
_atom_sites.fract_transf_vector[1]      -0.115204 
_atom_sites.fract_transf_vector[2]      0.127632 
_atom_sites.fract_transf_vector[3]      0.018147 
# 
loop_
_atom_type.symbol 
C  
N  
O  
SE 
# 
loop_
_atom_site.group_PDB 
_atom_site.id 
_atom_site.type_symbol 
_atom_site.label_atom_id 
_atom_site.label_alt_id 
_atom_site.label_comp_id 
_atom_site.label_asym_id 
_atom_site.label_entity_id 
_atom_site.label_seq_id 
_atom_site.pdbx_PDB_ins_code 
_atom_site.Cartn_x 
_atom_site.Cartn_y 
_atom_site.Cartn_z 
_atom_site.occupancy 
_atom_site.B_iso_or_equiv 
_atom_site.pdbx_formal_charge 
_atom_site.auth_seq_id 
_atom_site.auth_comp_id 
_atom_site.auth_asym_id 
_atom_site.auth_atom_id 
_atom_site.pdbx_PDB_model_num 
ATOM   1    N  N   . ILE A 1 18  ? -8.217  -0.452  -4.925  1.00 28.39 ? 6   ILE A N   1 
ATOM   2    C  CA  . ILE A 1 18  ? -7.417  -0.342  -3.666  1.00 31.79 ? 6   ILE A CA  1 
ATOM   3    C  C   . ILE A 1 18  ? -8.006  -1.160  -2.503  1.00 25.75 ? 6   ILE A C   1 
ATOM   4    O  O   . ILE A 1 18  ? -9.209  -1.415  -2.413  1.00 27.17 ? 6   ILE A O   1 
ATOM   5    C  CB  . ILE A 1 18  ? -7.181  1.159   -3.323  1.00 32.18 ? 6   ILE A CB  1 
ATOM   6    C  CG1 . ILE A 1 18  ? -6.291  1.334   -2.076  1.00 42.85 ? 6   ILE A CG1 1 
ATOM   7    C  CG2 . ILE A 1 18  ? -8.500  1.883   -3.216  1.00 45.61 ? 6   ILE A CG2 1 
ATOM   8    C  CD1 . ILE A 1 18  ? -4.991  2.116   -2.349  1.00 49.37 ? 6   ILE A CD1 1 
ATOM   9    N  N   . LEU A 1 19  ? -7.132  -1.651  -1.658  1.00 22.43 ? 7   LEU A N   1 
ATOM   10   C  CA  . LEU A 1 19  ? -7.527  -2.331  -0.431  1.00 21.72 ? 7   LEU A CA  1 
ATOM   11   C  C   . LEU A 1 19  ? -7.174  -1.519  0.781   1.00 20.18 ? 7   LEU A C   1 
ATOM   12   O  O   . LEU A 1 19  ? -6.091  -0.986  0.868   1.00 20.85 ? 7   LEU A O   1 
ATOM   13   C  CB  . LEU A 1 19  ? -6.825  -3.676  -0.319  1.00 19.38 ? 7   LEU A CB  1 
ATOM   14   C  CG  . LEU A 1 19  ? -7.039  -4.623  -1.490  1.00 21.24 ? 7   LEU A CG  1 
ATOM   15   C  CD1 . LEU A 1 19  ? -6.144  -5.834  -1.330  1.00 23.51 ? 7   LEU A CD1 1 
ATOM   16   C  CD2 . LEU A 1 19  ? -8.532  -5.055  -1.610  1.00 22.34 ? 7   LEU A CD2 1 
ATOM   17   N  N   . GLU A 1 20  ? -8.105  -1.481  1.734   1.00 21.66 ? 8   GLU A N   1 
ATOM   18   C  CA  . GLU A 1 20  ? -7.886  -0.904  3.040   1.00 20.46 ? 8   GLU A CA  1 
ATOM   19   C  C   . GLU A 1 20  ? -7.636  -2.054  4.014   1.00 19.03 ? 8   GLU A C   1 
ATOM   20   O  O   . GLU A 1 20  ? -8.504  -2.922  4.179   1.00 20.70 ? 8   GLU A O   1 
ATOM   21   C  CB  . GLU A 1 20  ? -9.111  -0.098  3.481   1.00 18.67 ? 8   GLU A CB  1 
ATOM   22   C  CG  . GLU A 1 20  ? -9.043  0.391   4.920   1.00 25.09 ? 8   GLU A CG  1 
ATOM   23   C  CD  . GLU A 1 20  ? -10.304 1.156   5.342   1.00 36.18 ? 8   GLU A CD  1 
ATOM   24   O  OE1 . GLU A 1 20  ? -11.242 0.505   5.833   1.00 36.68 ? 8   GLU A OE1 1 
ATOM   25   O  OE2 . GLU A 1 20  ? -10.364 2.397   5.180   1.00 41.25 ? 8   GLU A OE2 1 
ATOM   26   N  N   . ILE A 1 21  ? -6.472  -2.033  4.664   1.00 16.61 ? 9   ILE A N   1 
ATOM   27   C  CA  . ILE A 1 21  ? -6.078  -3.061  5.620   1.00 19.81 ? 9   ILE A CA  1 
ATOM   28   C  C   . ILE A 1 21  ? -5.973  -2.451  7.030   1.00 19.52 ? 9   ILE A C   1 
ATOM   29   O  O   . ILE A 1 21  ? -5.243  -1.472  7.257   1.00 19.39 ? 9   ILE A O   1 
ATOM   30   C  CB  . ILE A 1 21  ? -4.751  -3.737  5.220   1.00 15.29 ? 9   ILE A CB  1 
ATOM   31   C  CG1 . ILE A 1 21  ? -4.871  -4.330  3.833   1.00 20.58 ? 9   ILE A CG1 1 
ATOM   32   C  CG2 . ILE A 1 21  ? -4.348  -4.772  6.257   1.00 17.86 ? 9   ILE A CG2 1 
ATOM   33   C  CD1 . ILE A 1 21  ? -3.642  -4.852  3.291   1.00 25.78 ? 9   ILE A CD1 1 
ATOM   34   N  N   . LEU A 1 22  ? -6.717  -3.036  7.967   1.00 20.96 ? 10  LEU A N   1 
ATOM   35   C  CA  . LEU A 1 22  ? -6.683  -2.601  9.367   1.00 22.88 ? 10  LEU A CA  1 
ATOM   36   C  C   . LEU A 1 22  ? -5.989  -3.704  10.130  1.00 20.12 ? 10  LEU A C   1 
ATOM   37   O  O   . LEU A 1 22  ? -6.391  -4.853  10.017  1.00 22.88 ? 10  LEU A O   1 
ATOM   38   C  CB  . LEU A 1 22  ? -8.110  -2.407  9.898   1.00 23.60 ? 10  LEU A CB  1 
ATOM   39   C  CG  . LEU A 1 22  ? -9.022  -1.498  9.081   1.00 29.63 ? 10  LEU A CG  1 
ATOM   40   C  CD1 . LEU A 1 22  ? -10.473 -1.571  9.620   1.00 36.83 ? 10  LEU A CD1 1 
ATOM   41   C  CD2 . LEU A 1 22  ? -8.526  -0.074  9.117   1.00 34.92 ? 10  LEU A CD2 1 
ATOM   42   N  N   . TYR A 1 23  ? -4.938  -3.382  10.871  1.00 18.15 ? 11  TYR A N   1 
ATOM   43   C  CA  . TYR A 1 23  ? -4.213  -4.398  11.617  1.00 15.79 ? 11  TYR A CA  1 
ATOM   44   C  C   . TYR A 1 23  ? -4.350  -4.110  13.103  1.00 18.67 ? 11  TYR A C   1 
ATOM   45   O  O   . TYR A 1 23  ? -4.575  -2.968  13.493  1.00 17.42 ? 11  TYR A O   1 
ATOM   46   C  CB  . TYR A 1 23  ? -2.729  -4.499  11.190  1.00 17.08 ? 11  TYR A CB  1 
ATOM   47   C  CG  . TYR A 1 23  ? -1.880  -3.291  11.520  1.00 17.32 ? 11  TYR A CG  1 
ATOM   48   C  CD1 . TYR A 1 23  ? -1.260  -3.163  12.755  1.00 16.02 ? 11  TYR A CD1 1 
ATOM   49   C  CD2 . TYR A 1 23  ? -1.698  -2.280  10.578  1.00 14.98 ? 11  TYR A CD2 1 
ATOM   50   C  CE1 . TYR A 1 23  ? -0.536  -2.071  13.057  1.00 18.05 ? 11  TYR A CE1 1 
ATOM   51   C  CE2 . TYR A 1 23  ? -0.961  -1.186  10.875  1.00 16.88 ? 11  TYR A CE2 1 
ATOM   52   C  CZ  . TYR A 1 23  ? -0.357  -1.086  12.095  1.00 16.63 ? 11  TYR A CZ  1 
ATOM   53   O  OH  . TYR A 1 23  ? 0.376   0.056   12.371  1.00 19.29 ? 11  TYR A OH  1 
ATOM   54   N  N   . TYR A 1 24  ? -4.228  -5.165  13.919  1.00 18.23 ? 12  TYR A N   1 
ATOM   55   C  CA  . TYR A 1 24  ? -4.450  -5.072  15.360  1.00 19.75 ? 12  TYR A CA  1 
ATOM   56   C  C   . TYR A 1 24  ? -3.512  -5.997  16.081  1.00 18.35 ? 12  TYR A C   1 
ATOM   57   O  O   . TYR A 1 24  ? -3.425  -7.180  15.724  1.00 16.62 ? 12  TYR A O   1 
ATOM   58   C  CB  . TYR A 1 24  ? -5.894  -5.522  15.733  1.00 20.15 ? 12  TYR A CB  1 
ATOM   59   C  CG  . TYR A 1 24  ? -6.996  -4.860  14.946  1.00 19.16 ? 12  TYR A CG  1 
ATOM   60   C  CD1 . TYR A 1 24  ? -7.513  -3.634  15.338  1.00 25.92 ? 12  TYR A CD1 1 
ATOM   61   C  CD2 . TYR A 1 24  ? -7.512  -5.452  13.804  1.00 23.16 ? 12  TYR A CD2 1 
ATOM   62   C  CE1 . TYR A 1 24  ? -8.529  -3.009  14.620  1.00 22.52 ? 12  TYR A CE1 1 
ATOM   63   C  CE2 . TYR A 1 24  ? -8.544  -4.842  13.080  1.00 25.03 ? 12  TYR A CE2 1 
ATOM   64   C  CZ  . TYR A 1 24  ? -9.042  -3.614  13.497  1.00 28.47 ? 12  TYR A CZ  1 
ATOM   65   O  OH  . TYR A 1 24  ? -10.054 -2.979  12.805  1.00 31.55 ? 12  TYR A OH  1 
ATOM   66   N  N   . LYS A 1 25  ? -2.872  -5.508  17.129  1.00 15.28 ? 13  LYS A N   1 
ATOM   67   C  CA  . LYS A 1 25  ? -2.132  -6.412  18.005  1.00 15.90 ? 13  LYS A CA  1 
ATOM   68   C  C   . LYS A 1 25  ? -3.084  -7.407  18.725  1.00 17.25 ? 13  LYS A C   1 
ATOM   69   O  O   . LYS A 1 25  ? -4.069  -7.012  19.378  1.00 16.50 ? 13  LYS A O   1 
ATOM   70   C  CB  . LYS A 1 25  ? -1.255  -5.661  19.005  1.00 16.70 ? 13  LYS A CB  1 
ATOM   71   C  CG  . LYS A 1 25  ? -0.173  -6.584  19.674  1.00 19.25 ? 13  LYS A CG  1 
ATOM   72   C  CD  . LYS A 1 25  ? 0.980   -5.809  20.169  1.00 28.44 ? 13  LYS A CD  1 
ATOM   73   C  CE  . LYS A 1 25  ? 2.184   -6.644  20.362  1.00 36.19 ? 13  LYS A CE  1 
ATOM   74   N  NZ  . LYS A 1 25  ? 3.204   -5.829  21.088  1.00 41.08 ? 13  LYS A NZ  1 
ATOM   75   N  N   . LYS A 1 26  ? -2.806  -8.691  18.549  1.00 16.15 ? 14  LYS A N   1 
ATOM   76   C  CA  . LYS A 1 26  ? -3.559  -9.754  19.221  1.00 16.93 ? 14  LYS A CA  1 
ATOM   77   C  C   . LYS A 1 26  ? -3.673  -9.502  20.715  1.00 18.02 ? 14  LYS A C   1 
ATOM   78   O  O   . LYS A 1 26  ? -2.721  -9.025  21.362  1.00 22.32 ? 14  LYS A O   1 
ATOM   79   C  CB  . LYS A 1 26  ? -2.909  -11.104 19.029  1.00 16.42 ? 14  LYS A CB  1 
ATOM   80   C  CG  . LYS A 1 26  ? -3.091  -11.728 17.699  1.00 15.80 ? 14  LYS A CG  1 
ATOM   81   C  CD  . LYS A 1 26  ? -2.252  -12.996 17.600  1.00 19.66 ? 14  LYS A CD  1 
ATOM   82   C  CE  . LYS A 1 26  ? -2.569  -13.841 16.361  1.00 25.89 ? 14  LYS A CE  1 
ATOM   83   N  NZ  . LYS A 1 26  ? -1.626  -15.031 16.208  1.00 16.24 ? 14  LYS A NZ  1 
ATOM   84   N  N   . GLY A 1 27  ? -4.853  -9.819  21.235  1.00 15.39 ? 15  GLY A N   1 
ATOM   85   C  CA  . GLY A 1 27  ? -5.151  -9.681  22.638  1.00 16.50 ? 15  GLY A CA  1 
ATOM   86   C  C   . GLY A 1 27  ? -5.644  -8.322  23.083  1.00 16.52 ? 15  GLY A C   1 
ATOM   87   O  O   . GLY A 1 27  ? -6.324  -8.234  24.102  1.00 16.08 ? 15  GLY A O   1 
ATOM   88   N  N   . LYS A 1 28  ? -5.332  -7.269  22.327  1.00 17.27 ? 16  LYS A N   1 
ATOM   89   C  CA  . LYS A 1 28  ? -5.775  -5.927  22.687  1.00 17.05 ? 16  LYS A CA  1 
ATOM   90   C  C   . LYS A 1 28  ? -7.259  -5.738  22.370  1.00 20.71 ? 16  LYS A C   1 
ATOM   91   O  O   . LYS A 1 28  ? -7.742  -6.117  21.293  1.00 22.13 ? 16  LYS A O   1 
ATOM   92   C  CB  . LYS A 1 28  ? -4.927  -4.863  22.004  1.00 19.04 ? 16  LYS A CB  1 
ATOM   93   C  CG  . LYS A 1 28  ? -5.152  -3.488  22.632  1.00 20.46 ? 16  LYS A CG  1 
ATOM   94   C  CD  . LYS A 1 28  ? -4.058  -2.508  22.353  1.00 27.92 ? 16  LYS A CD  1 
ATOM   95   C  CE  . LYS A 1 28  ? -4.438  -1.115  22.840  1.00 23.20 ? 16  LYS A CE  1 
ATOM   96   N  NZ  . LYS A 1 28  ? -4.558  -1.047  24.313  1.00 19.19 ? 16  LYS A NZ  1 
ATOM   97   N  N   . GLU A 1 29  ? -7.984  -5.187  23.331  1.00 21.37 ? 17  GLU A N   1 
ATOM   98   C  CA  . GLU A 1 29  ? -9.388  -4.912  23.176  1.00 22.21 ? 17  GLU A CA  1 
ATOM   99   C  C   . GLU A 1 29  ? -9.522  -3.436  22.880  1.00 22.73 ? 17  GLU A C   1 
ATOM   100  O  O   . GLU A 1 29  ? -8.879  -2.595  23.535  1.00 21.73 ? 17  GLU A O   1 
ATOM   101  C  CB  . GLU A 1 29  ? -10.177 -5.295  24.427  1.00 24.46 ? 17  GLU A CB  1 
ATOM   102  C  CG  . GLU A 1 29  ? -10.378 -6.811  24.593  1.00 30.40 ? 17  GLU A CG  1 
ATOM   103  C  CD  . GLU A 1 29  ? -11.050 -7.469  23.383  1.00 38.11 ? 17  GLU A CD  1 
ATOM   104  O  OE1 . GLU A 1 29  ? -12.048 -6.896  22.849  1.00 34.79 ? 17  GLU A OE1 1 
ATOM   105  O  OE2 . GLU A 1 29  ? -10.572 -8.562  22.963  1.00 34.47 ? 17  GLU A OE2 1 
ATOM   106  N  N   . PHE A 1 30  ? -10.387 -3.136  21.914  1.00 21.54 ? 18  PHE A N   1 
ATOM   107  C  CA  . PHE A 1 30  ? -10.594 -1.781  21.444  1.00 22.79 ? 18  PHE A CA  1 
ATOM   108  C  C   . PHE A 1 30  ? -11.980 -1.230  21.700  1.00 23.00 ? 18  PHE A C   1 
ATOM   109  O  O   . PHE A 1 30  ? -12.276 -0.117  21.295  1.00 24.11 ? 18  PHE A O   1 
ATOM   110  C  CB  . PHE A 1 30  ? -10.265 -1.701  19.964  1.00 23.60 ? 18  PHE A CB  1 
ATOM   111  C  CG  . PHE A 1 30  ? -8.834  -1.979  19.673  1.00 21.80 ? 18  PHE A CG  1 
ATOM   112  C  CD1 . PHE A 1 30  ? -7.879  -1.020  19.936  1.00 24.56 ? 18  PHE A CD1 1 
ATOM   113  C  CD2 . PHE A 1 30  ? -8.433  -3.212  19.203  1.00 29.17 ? 18  PHE A CD2 1 
ATOM   114  C  CE1 . PHE A 1 30  ? -6.543  -1.266  19.699  1.00 21.76 ? 18  PHE A CE1 1 
ATOM   115  C  CE2 . PHE A 1 30  ? -7.104  -3.451  18.949  1.00 22.68 ? 18  PHE A CE2 1 
ATOM   116  C  CZ  . PHE A 1 30  ? -6.160  -2.465  19.205  1.00 18.08 ? 18  PHE A CZ  1 
ATOM   117  N  N   . GLY A 1 31  ? -12.805 -1.967  22.426  1.00 24.90 ? 19  GLY A N   1 
ATOM   118  C  CA  . GLY A 1 31  ? -14.177 -1.568  22.638  1.00 25.84 ? 19  GLY A CA  1 
ATOM   119  C  C   . GLY A 1 31  ? -14.303 -0.280  23.426  1.00 26.78 ? 19  GLY A C   1 
ATOM   120  O  O   . GLY A 1 31  ? -15.151 0.543   23.095  1.00 25.11 ? 19  GLY A O   1 
ATOM   121  N  N   . ILE A 1 32  ? -13.483 -0.083  24.465  1.00 25.66 ? 20  ILE A N   1 
ATOM   122  C  CA  . ILE A 1 32  ? -13.584 1.156   25.221  1.00 27.01 ? 20  ILE A CA  1 
ATOM   123  C  C   . ILE A 1 32  ? -12.993 2.338   24.408  1.00 26.12 ? 20  ILE A C   1 
ATOM   124  O  O   . ILE A 1 32  ? -13.436 3.464   24.584  1.00 26.74 ? 20  ILE A O   1 
ATOM   125  C  CB  . ILE A 1 32  ? -12.987 1.041   26.662  1.00 28.42 ? 20  ILE A CB  1 
ATOM   126  C  CG2 . ILE A 1 32  ? -11.584 1.608   26.756  1.00 32.24 ? 20  ILE A CG2 1 
ATOM   127  N  N   . LEU A 1 33  ? -12.020 2.072   23.534  1.00 24.57 ? 21  LEU A N   1 
ATOM   128  C  CA  . LEU A 1 33  ? -11.466 3.099   22.638  1.00 27.15 ? 21  LEU A CA  1 
ATOM   129  C  C   . LEU A 1 33  ? -12.598 3.607   21.726  1.00 25.70 ? 21  LEU A C   1 
ATOM   130  O  O   . LEU A 1 33  ? -12.848 4.798   21.661  1.00 24.83 ? 21  LEU A O   1 
ATOM   131  C  CB  . LEU A 1 33  ? -10.323 2.535   21.772  1.00 25.29 ? 21  LEU A CB  1 
ATOM   132  C  CG  . LEU A 1 33  ? -9.687  3.483   20.745  1.00 29.29 ? 21  LEU A CG  1 
ATOM   133  C  CD1 . LEU A 1 33  ? -8.897  4.550   21.439  1.00 29.54 ? 21  LEU A CD1 1 
ATOM   134  C  CD2 . LEU A 1 33  ? -8.795  2.741   19.772  1.00 33.95 ? 21  LEU A CD2 1 
ATOM   135  N  N   . GLU A 1 34  ? -13.276 2.672   21.061  1.00 24.90 ? 22  GLU A N   1 
ATOM   136  C  CA  . GLU A 1 34  ? -14.360 2.974   20.138  1.00 25.24 ? 22  GLU A CA  1 
ATOM   137  C  C   . GLU A 1 34  ? -15.507 3.723   20.821  1.00 25.06 ? 22  GLU A C   1 
ATOM   138  O  O   . GLU A 1 34  ? -16.098 4.624   20.209  1.00 20.90 ? 22  GLU A O   1 
ATOM   139  C  CB  . GLU A 1 34  ? -14.877 1.701   19.493  1.00 25.72 ? 22  GLU A CB  1 
ATOM   140  C  CG  . GLU A 1 34  ? -13.853 1.033   18.593  1.00 33.70 ? 22  GLU A CG  1 
ATOM   141  C  CD  . GLU A 1 34  ? -14.146 -0.446  18.343  1.00 49.13 ? 22  GLU A CD  1 
ATOM   142  O  OE1 . GLU A 1 34  ? -15.295 -0.897  18.587  1.00 48.09 ? 22  GLU A OE1 1 
ATOM   143  O  OE2 . GLU A 1 34  ? -13.215 -1.164  17.897  1.00 51.82 ? 22  GLU A OE2 1 
ATOM   144  N  N   . LYS A 1 35  ? -15.802 3.366   22.076  1.00 22.97 ? 23  LYS A N   1 
ATOM   145  C  CA  . LYS A 1 35  ? -16.878 4.021   22.827  1.00 23.19 ? 23  LYS A CA  1 
ATOM   146  C  C   . LYS A 1 35  ? -16.482 5.451   23.154  1.00 21.97 ? 23  LYS A C   1 
ATOM   147  O  O   . LYS A 1 35  ? -17.298 6.350   23.024  1.00 16.68 ? 23  LYS A O   1 
ATOM   148  C  CB  . LYS A 1 35  ? -17.258 3.262   24.115  1.00 24.16 ? 23  LYS A CB  1 
ATOM   149  C  CG  . LYS A 1 35  ? -18.272 4.039   24.989  1.00 29.91 ? 23  LYS A CG  1 
ATOM   150  C  CD  . LYS A 1 35  ? -19.308 3.150   25.692  1.00 39.43 ? 23  LYS A CD  1 
ATOM   151  C  CE  . LYS A 1 35  ? -20.610 3.946   25.979  1.00 39.16 ? 23  LYS A CE  1 
ATOM   152  N  NZ  . LYS A 1 35  ? -21.769 3.081   26.320  1.00 35.51 ? 23  LYS A NZ  1 
ATOM   153  N  N   . LYS A 1 36  ? -15.224 5.658   23.554  1.00 20.80 ? 24  LYS A N   1 
ATOM   154  C  CA  . LYS A 1 36  ? -14.727 6.991   23.885  1.00 21.50 ? 24  LYS A CA  1 
ATOM   155  C  C   . LYS A 1 36  ? -14.576 7.868   22.630  1.00 21.04 ? 24  LYS A C   1 
ATOM   156  O  O   . LYS A 1 36  ? -14.817 9.052   22.718  1.00 22.95 ? 24  LYS A O   1 
ATOM   157  C  CB  . LYS A 1 36  ? -13.419 6.925   24.703  1.00 22.42 ? 24  LYS A CB  1 
ATOM   158  C  CG  . LYS A 1 36  ? -13.659 6.337   26.107  1.00 29.33 ? 24  LYS A CG  1 
ATOM   159  C  CD  . LYS A 1 36  ? -12.541 6.624   27.110  1.00 35.74 ? 24  LYS A CD  1 
ATOM   160  C  CE  . LYS A 1 36  ? -13.012 6.303   28.554  1.00 33.89 ? 24  LYS A CE  1 
ATOM   161  N  NZ  . LYS A 1 36  ? -12.204 7.012   29.588  1.00 32.35 ? 24  LYS A NZ  1 
HETATM 162  N  N   . MSE A 1 37  ? -14.259 7.287   21.475  1.00 19.83 ? 25  MSE A N   1 
HETATM 163  C  CA  . MSE A 1 37  ? -14.180 8.043   20.213  1.00 20.74 ? 25  MSE A CA  1 
HETATM 164  C  C   . MSE A 1 37  ? -15.547 8.552   19.839  1.00 21.31 ? 25  MSE A C   1 
HETATM 165  O  O   . MSE A 1 37  ? -15.694 9.694   19.431  1.00 17.72 ? 25  MSE A O   1 
HETATM 166  C  CB  . MSE A 1 37  ? -13.685 7.155   19.074  1.00 22.92 ? 25  MSE A CB  1 
HETATM 167  C  CG  . MSE A 1 37  ? -12.204 6.821   19.141  1.00 31.14 ? 25  MSE A CG  1 
HETATM 168  SE SE  . MSE A 1 37  ? -11.683 5.479   17.771  1.00 54.24 ? 25  MSE A SE  1 
HETATM 169  C  CE  . MSE A 1 37  ? -12.807 6.132   16.334  1.00 30.12 ? 25  MSE A CE  1 
ATOM   170  N  N   . LYS A 1 38  ? -16.557 7.684   19.980  1.00 20.98 ? 26  LYS A N   1 
ATOM   171  C  CA  . LYS A 1 38  ? -17.928 8.064   19.709  1.00 23.96 ? 26  LYS A CA  1 
ATOM   172  C  C   . LYS A 1 38  ? -18.436 9.146   20.689  1.00 23.01 ? 26  LYS A C   1 
ATOM   173  O  O   . LYS A 1 38  ? -19.039 10.124  20.267  1.00 17.51 ? 26  LYS A O   1 
ATOM   174  C  CB  . LYS A 1 38  ? -18.856 6.851   19.682  1.00 25.20 ? 26  LYS A CB  1 
ATOM   175  C  CG  . LYS A 1 38  ? -20.308 7.240   19.328  1.00 30.86 ? 26  LYS A CG  1 
ATOM   176  C  CD  . LYS A 1 38  ? -21.047 6.112   18.585  1.00 36.50 ? 26  LYS A CD  1 
ATOM   177  C  CE  . LYS A 1 38  ? -20.571 5.996   17.136  1.00 33.21 ? 26  LYS A CE  1 
ATOM   178  N  NZ  . LYS A 1 38  ? -20.661 7.271   16.356  1.00 39.37 ? 26  LYS A NZ  1 
ATOM   179  N  N   . GLU A 1 39  ? -18.163 8.983   21.977  1.00 23.54 ? 27  GLU A N   1 
ATOM   180  C  CA  . GLU A 1 39  ? -18.459 10.018  22.958  1.00 25.04 ? 27  GLU A CA  1 
ATOM   181  C  C   . GLU A 1 39  ? -17.826 11.379  22.622  1.00 22.80 ? 27  GLU A C   1 
ATOM   182  O  O   . GLU A 1 39  ? -18.488 12.406  22.725  1.00 21.66 ? 27  GLU A O   1 
ATOM   183  C  CB  . GLU A 1 39  ? -18.015 9.558   24.350  1.00 28.09 ? 27  GLU A CB  1 
ATOM   184  C  CG  . GLU A 1 39  ? -18.909 8.453   24.933  1.00 35.34 ? 27  GLU A CG  1 
ATOM   185  C  CD  . GLU A 1 39  ? -18.345 7.821   26.203  1.00 43.77 ? 27  GLU A CD  1 
ATOM   186  O  OE1 . GLU A 1 39  ? -18.887 6.772   26.631  1.00 50.65 ? 27  GLU A OE1 1 
ATOM   187  O  OE2 . GLU A 1 39  ? -17.361 8.364   26.775  1.00 43.79 ? 27  GLU A OE2 1 
ATOM   188  N  N   . ILE A 1 40  ? -16.544 11.388  22.240  1.00 20.88 ? 28  ILE A N   1 
ATOM   189  C  CA  . ILE A 1 40  ? -15.851 12.635  21.872  1.00 20.60 ? 28  ILE A CA  1 
ATOM   190  C  C   . ILE A 1 40  ? -16.463 13.272  20.635  1.00 18.72 ? 28  ILE A C   1 
ATOM   191  O  O   . ILE A 1 40  ? -16.620 14.473  20.592  1.00 22.71 ? 28  ILE A O   1 
ATOM   192  C  CB  . ILE A 1 40  ? -14.353 12.397  21.654  1.00 23.66 ? 28  ILE A CB  1 
ATOM   193  C  CG1 . ILE A 1 40  ? -13.677 12.003  22.980  1.00 29.10 ? 28  ILE A CG1 1 
ATOM   194  C  CG2 . ILE A 1 40  ? -13.678 13.650  21.071  1.00 24.33 ? 28  ILE A CG2 1 
ATOM   195  C  CD1 . ILE A 1 40  ? -12.255 11.517  22.813  1.00 27.81 ? 28  ILE A CD1 1 
ATOM   196  N  N   . PHE A 1 41  ? -16.812 12.467  19.635  1.00 20.09 ? 29  PHE A N   1 
ATOM   197  C  CA  . PHE A 1 41  ? -17.527 12.937  18.439  1.00 18.04 ? 29  PHE A CA  1 
ATOM   198  C  C   . PHE A 1 41  ? -18.863 13.559  18.739  1.00 19.34 ? 29  PHE A C   1 
ATOM   199  O  O   . PHE A 1 41  ? -19.222 14.584  18.131  1.00 19.21 ? 29  PHE A O   1 
ATOM   200  C  CB  . PHE A 1 41  ? -17.705 11.811  17.414  1.00 18.30 ? 29  PHE A CB  1 
ATOM   201  C  CG  . PHE A 1 41  ? -18.439 12.238  16.176  1.00 26.48 ? 29  PHE A CG  1 
ATOM   202  C  CD1 . PHE A 1 41  ? -17.884 13.180  15.310  1.00 27.04 ? 29  PHE A CD1 1 
ATOM   203  C  CD2 . PHE A 1 41  ? -19.690 11.729  15.888  1.00 28.50 ? 29  PHE A CD2 1 
ATOM   204  C  CE1 . PHE A 1 41  ? -18.558 13.583  14.162  1.00 33.58 ? 29  PHE A CE1 1 
ATOM   205  C  CE2 . PHE A 1 41  ? -20.368 12.125  14.733  1.00 36.04 ? 29  PHE A CE2 1 
ATOM   206  C  CZ  . PHE A 1 41  ? -19.806 13.053  13.877  1.00 32.22 ? 29  PHE A CZ  1 
ATOM   207  N  N   . ASN A 1 42  ? -19.617 12.960  19.656  1.00 19.45 ? 30  ASN A N   1 
ATOM   208  C  CA  . ASN A 1 42  ? -20.956 13.458  19.981  1.00 22.11 ? 30  ASN A CA  1 
ATOM   209  C  C   . ASN A 1 42  ? -20.899 14.787  20.789  1.00 23.41 ? 30  ASN A C   1 
ATOM   210  O  O   . ASN A 1 42  ? -21.816 15.586  20.745  1.00 22.57 ? 30  ASN A O   1 
ATOM   211  C  CB  . ASN A 1 42  ? -21.764 12.402  20.750  1.00 22.09 ? 30  ASN A CB  1 
ATOM   212  C  CG  . ASN A 1 42  ? -22.187 11.198  19.874  1.00 24.74 ? 30  ASN A CG  1 
ATOM   213  O  OD1 . ASN A 1 42  ? -22.242 11.270  18.646  1.00 31.11 ? 30  ASN A OD1 1 
ATOM   214  N  ND2 . ASN A 1 42  ? -22.511 10.098  20.529  1.00 19.22 ? 30  ASN A ND2 1 
ATOM   215  N  N   . GLU A 1 43  ? -19.800 15.009  21.498  1.00 26.40 ? 31  GLU A N   1 
ATOM   216  C  CA  . GLU A 1 43  ? -19.621 16.198  22.344  1.00 27.06 ? 31  GLU A CA  1 
ATOM   217  C  C   . GLU A 1 43  ? -18.953 17.364  21.564  1.00 25.54 ? 31  GLU A C   1 
ATOM   218  O  O   . GLU A 1 43  ? -19.452 18.510  21.571  1.00 22.65 ? 31  GLU A O   1 
ATOM   219  C  CB  . GLU A 1 43  ? -18.777 15.789  23.555  1.00 26.73 ? 31  GLU A CB  1 
ATOM   220  C  CG  . GLU A 1 43  ? -18.402 16.907  24.507  1.00 35.55 ? 31  GLU A CG  1 
ATOM   221  C  CD  . GLU A 1 43  ? -17.802 16.378  25.802  1.00 45.30 ? 31  GLU A CD  1 
ATOM   222  O  OE1 . GLU A 1 43  ? -17.376 15.190  25.830  1.00 51.33 ? 31  GLU A OE1 1 
ATOM   223  O  OE2 . GLU A 1 43  ? -17.764 17.147  26.792  1.00 46.50 ? 31  GLU A OE2 1 
ATOM   224  N  N   . THR A 1 44  ? -17.854 17.051  20.873  1.00 23.98 ? 32  THR A N   1 
ATOM   225  C  CA  . THR A 1 44  ? -17.028 18.046  20.156  1.00 23.28 ? 32  THR A CA  1 
ATOM   226  C  C   . THR A 1 44  ? -17.319 18.170  18.649  1.00 23.21 ? 32  THR A C   1 
ATOM   227  O  O   . THR A 1 44  ? -16.977 19.179  18.007  1.00 23.40 ? 32  THR A O   1 
ATOM   228  C  CB  . THR A 1 44  ? -15.517 17.741  20.383  1.00 22.46 ? 32  THR A CB  1 
ATOM   229  O  OG1 . THR A 1 44  ? -15.120 16.551  19.686  1.00 20.25 ? 32  THR A OG1 1 
ATOM   230  C  CG2 . THR A 1 44  ? -15.229 17.404  21.869  1.00 24.68 ? 32  THR A CG2 1 
ATOM   231  N  N   . GLY A 1 45  ? -17.920 17.139  18.069  1.00 21.37 ? 33  GLY A N   1 
ATOM   232  C  CA  . GLY A 1 45  ? -18.139 17.106  16.640  1.00 19.55 ? 33  GLY A CA  1 
ATOM   233  C  C   . GLY A 1 45  ? -16.877 16.728  15.873  1.00 18.85 ? 33  GLY A C   1 
ATOM   234  O  O   . GLY A 1 45  ? -16.843 16.820  14.644  1.00 15.27 ? 33  GLY A O   1 
ATOM   235  N  N   . VAL A 1 46  ? -15.848 16.308  16.607  1.00 13.75 ? 34  VAL A N   1 
ATOM   236  C  CA  . VAL A 1 46  ? -14.544 15.981  16.036  1.00 14.44 ? 34  VAL A CA  1 
ATOM   237  C  C   . VAL A 1 46  ? -14.378 14.496  16.109  1.00 17.16 ? 34  VAL A C   1 
ATOM   238  O  O   . VAL A 1 46  ? -14.495 13.883  17.208  1.00 14.90 ? 34  VAL A O   1 
ATOM   239  C  CB  . VAL A 1 46  ? -13.366 16.678  16.805  1.00 15.36 ? 34  VAL A CB  1 
ATOM   240  C  CG1 . VAL A 1 46  ? -12.015 16.238  16.266  1.00 13.53 ? 34  VAL A CG1 1 
ATOM   241  C  CG2 . VAL A 1 46  ? -13.474 18.160  16.686  1.00 12.01 ? 34  VAL A CG2 1 
ATOM   242  N  N   . SER A 1 47  ? -14.170 13.901  14.935  1.00 18.15 ? 35  SER A N   1 
ATOM   243  C  CA  . SER A 1 47  ? -13.892 12.474  14.842  1.00 21.79 ? 35  SER A CA  1 
ATOM   244  C  C   . SER A 1 47  ? -12.386 12.208  14.940  1.00 22.19 ? 35  SER A C   1 
ATOM   245  O  O   . SER A 1 47  ? -11.611 12.784  14.204  1.00 17.64 ? 35  SER A O   1 
ATOM   246  C  CB  . SER A 1 47  ? -14.465 11.855  13.576  1.00 23.49 ? 35  SER A CB  1 
ATOM   247  O  OG  . SER A 1 47  ? -14.010 10.505  13.522  1.00 35.00 ? 35  SER A OG  1 
ATOM   248  N  N   . LEU A 1 48  ? -11.998 11.367  15.905  1.00 23.96 ? 36  LEU A N   1 
ATOM   249  C  CA  . LEU A 1 48  ? -10.614 11.010  16.157  1.00 24.55 ? 36  LEU A CA  1 
ATOM   250  C  C   . LEU A 1 48  ? -10.365 9.596   15.640  1.00 27.26 ? 36  LEU A C   1 
ATOM   251  O  O   . LEU A 1 48  ? -11.238 8.747   15.750  1.00 31.42 ? 36  LEU A O   1 
ATOM   252  C  CB  . LEU A 1 48  ? -10.342 11.072  17.641  1.00 25.15 ? 36  LEU A CB  1 
ATOM   253  C  CG  . LEU A 1 48  ? -10.498 12.414  18.330  1.00 25.58 ? 36  LEU A CG  1 
ATOM   254  C  CD1 . LEU A 1 48  ? -10.394 12.276  19.849  1.00 31.04 ? 36  LEU A CD1 1 
ATOM   255  C  CD2 . LEU A 1 48  ? -9.474  13.409  17.827  1.00 27.70 ? 36  LEU A CD2 1 
ATOM   256  N  N   . GLU A 1 49  ? -9.215  9.385   15.006  1.00 23.63 ? 37  GLU A N   1 
ATOM   257  C  CA  . GLU A 1 49  ? -8.775  8.095   14.532  1.00 23.46 ? 37  GLU A CA  1 
ATOM   258  C  C   . GLU A 1 49  ? -7.344  7.840   15.040  1.00 21.88 ? 37  GLU A C   1 
ATOM   259  O  O   . GLU A 1 49  ? -6.533  8.778   15.144  1.00 17.93 ? 37  GLU A O   1 
ATOM   260  C  CB  . GLU A 1 49  ? -8.726  8.044   12.988  1.00 26.77 ? 37  GLU A CB  1 
ATOM   261  C  CG  . GLU A 1 49  ? -10.068 7.916   12.262  1.00 40.06 ? 37  GLU A CG  1 
ATOM   262  C  CD  . GLU A 1 49  ? -10.614 6.498   12.228  1.00 56.11 ? 37  GLU A CD  1 
ATOM   263  O  OE1 . GLU A 1 49  ? -9.872  5.558   11.834  1.00 59.90 ? 37  GLU A OE1 1 
ATOM   264  O  OE2 . GLU A 1 49  ? -11.799 6.321   12.602  1.00 66.37 ? 37  GLU A OE2 1 
ATOM   265  N  N   . PRO A 1 50  ? -7.017  6.568   15.268  1.00 22.03 ? 38  PRO A N   1 
ATOM   266  C  CA  . PRO A 1 50  ? -5.691  6.181   15.738  1.00 21.76 ? 38  PRO A CA  1 
ATOM   267  C  C   . PRO A 1 50  ? -4.585  6.561   14.785  1.00 21.61 ? 38  PRO A C   1 
ATOM   268  O  O   . PRO A 1 50  ? -4.671  6.333   13.577  1.00 21.27 ? 38  PRO A O   1 
ATOM   269  C  CB  . PRO A 1 50  ? -5.785  4.641   15.814  1.00 25.04 ? 38  PRO A CB  1 
ATOM   270  C  CG  . PRO A 1 50  ? -7.220  4.389   16.028  1.00 27.13 ? 38  PRO A CG  1 
ATOM   271  C  CD  . PRO A 1 50  ? -7.895  5.382   15.119  1.00 23.16 ? 38  PRO A CD  1 
ATOM   272  N  N   . VAL A 1 51  ? -3.520  7.095   15.351  1.00 20.37 ? 39  VAL A N   1 
ATOM   273  C  CA  . VAL A 1 51  ? -2.242  7.219   14.656  1.00 23.63 ? 39  VAL A CA  1 
ATOM   274  C  C   . VAL A 1 51  ? -1.699  5.793   14.519  1.00 22.37 ? 39  VAL A C   1 
ATOM   275  O  O   . VAL A 1 51  ? -1.776  5.025   15.457  1.00 24.14 ? 39  VAL A O   1 
ATOM   276  C  CB  . VAL A 1 51  ? -1.280  8.133   15.499  1.00 22.72 ? 39  VAL A CB  1 
ATOM   277  C  CG1 . VAL A 1 51  ? 0.084   8.269   14.847  1.00 26.01 ? 39  VAL A CG1 1 
ATOM   278  C  CG2 . VAL A 1 51  ? -1.909  9.504   15.668  1.00 23.91 ? 39  VAL A CG2 1 
ATOM   279  N  N   . ASN A 1 52  ? -1.216  5.414   13.347  1.00 21.49 ? 40  ASN A N   1 
ATOM   280  C  CA  . ASN A 1 52  ? -0.637  4.084   13.149  1.00 19.32 ? 40  ASN A CA  1 
ATOM   281  C  C   . ASN A 1 52  ? 0.462   3.819   14.159  1.00 18.88 ? 40  ASN A C   1 
ATOM   282  O  O   . ASN A 1 52  ? 1.315   4.657   14.388  1.00 20.76 ? 40  ASN A O   1 
ATOM   283  C  CB  . ASN A 1 52  ? -0.113  3.887   11.723  1.00 22.31 ? 40  ASN A CB  1 
ATOM   284  C  CG  . ASN A 1 52  ? -1.230  3.624   10.710  1.00 21.89 ? 40  ASN A CG  1 
ATOM   285  O  OD1 . ASN A 1 52  ? -2.417  3.788   11.014  1.00 18.69 ? 40  ASN A OD1 1 
ATOM   286  N  ND2 . ASN A 1 52  ? -0.853  3.221   9.505   1.00 24.13 ? 40  ASN A ND2 1 
ATOM   287  N  N   . SER A 1 53  ? 0.386   2.670   14.818  1.00 19.37 ? 41  SER A N   1 
ATOM   288  C  CA  . SER A 1 53  ? 1.335   2.307   15.863  1.00 19.98 ? 41  SER A CA  1 
ATOM   289  C  C   . SER A 1 53  ? 1.529   0.793   15.843  1.00 20.68 ? 41  SER A C   1 
ATOM   290  O  O   . SER A 1 53  ? 0.905   0.070   15.053  1.00 18.32 ? 41  SER A O   1 
ATOM   291  C  CB  . SER A 1 53  ? 0.811   2.740   17.249  1.00 22.72 ? 41  SER A CB  1 
ATOM   292  O  OG  . SER A 1 53  ? -0.334  1.976   17.632  1.00 20.13 ? 41  SER A OG  1 
ATOM   293  N  N   . GLU A 1 54  ? 2.347   0.307   16.767  1.00 20.58 ? 42  GLU A N   1 
ATOM   294  C  CA  . GLU A 1 54  ? 2.477   -1.125  16.971  1.00 21.14 ? 42  GLU A CA  1 
ATOM   295  C  C   . GLU A 1 54  ? 1.228   -1.800  17.475  1.00 18.96 ? 42  GLU A C   1 
ATOM   296  O  O   . GLU A 1 54  ? 1.146   -3.032  17.397  1.00 21.49 ? 42  GLU A O   1 
ATOM   297  C  CB  . GLU A 1 54  ? 3.762   -1.515  17.778  1.00 21.55 ? 42  GLU A CB  1 
ATOM   298  C  CG  A GLU A 1 54  ? 3.835   -1.496  19.271  0.65 32.60 ? 42  GLU A CG  1 
ATOM   299  C  CG  B GLU A 1 54  ? 3.596   -1.507  19.298  0.35 26.40 ? 42  GLU A CG  1 
ATOM   300  C  CD  A GLU A 1 54  ? 5.260   -1.896  19.700  0.65 37.56 ? 42  GLU A CD  1 
ATOM   301  C  CD  B GLU A 1 54  ? 3.528   -0.126  19.947  0.35 26.27 ? 42  GLU A CD  1 
ATOM   302  O  OE1 A GLU A 1 54  ? 5.621   -3.106  19.598  0.65 30.87 ? 42  GLU A OE1 1 
ATOM   303  O  OE1 B GLU A 1 54  ? 3.470   0.890   19.242  0.35 29.66 ? 42  GLU A OE1 1 
ATOM   304  O  OE2 A GLU A 1 54  ? 6.041   -0.988  20.060  0.65 41.76 ? 42  GLU A OE2 1 
ATOM   305  O  OE2 B GLU A 1 54  ? 3.549   -0.056  21.196  0.35 26.76 ? 42  GLU A OE2 1 
ATOM   306  N  N   . LEU A 1 55  ? 0.261   -1.040  17.986  1.00 18.01 ? 43  LEU A N   1 
ATOM   307  C  CA  . LEU A 1 55  ? -0.963  -1.626  18.525  1.00 18.90 ? 43  LEU A CA  1 
ATOM   308  C  C   . LEU A 1 55  ? -2.080  -1.773  17.514  1.00 19.39 ? 43  LEU A C   1 
ATOM   309  O  O   . LEU A 1 55  ? -2.882  -2.664  17.633  1.00 17.72 ? 43  LEU A O   1 
ATOM   310  C  CB  . LEU A 1 55  ? -1.484  -0.822  19.723  1.00 20.38 ? 43  LEU A CB  1 
ATOM   311  C  CG  . LEU A 1 55  ? -0.461  -0.651  20.838  1.00 18.05 ? 43  LEU A CG  1 
ATOM   312  C  CD1 . LEU A 1 55  ? -1.028  0.274   21.909  1.00 29.35 ? 43  LEU A CD1 1 
ATOM   313  C  CD2 . LEU A 1 55  ? -0.079  -2.024  21.432  1.00 28.70 ? 43  LEU A CD2 1 
ATOM   314  N  N   . ILE A 1 56  ? -2.143  -0.839  16.568  1.00 17.45 ? 44  ILE A N   1 
ATOM   315  C  CA  . ILE A 1 56  ? -3.268  -0.684  15.684  1.00 17.38 ? 44  ILE A CA  1 
ATOM   316  C  C   . ILE A 1 56  ? -2.850  0.249   14.527  1.00 19.36 ? 44  ILE A C   1 
ATOM   317  O  O   . ILE A 1 56  ? -2.048  1.168   14.704  1.00 17.92 ? 44  ILE A O   1 
ATOM   318  C  CB  . ILE A 1 56  ? -4.514  -0.094  16.458  1.00 19.69 ? 44  ILE A CB  1 
ATOM   319  C  CG1 . ILE A 1 56  ? -5.732  -0.062  15.531  1.00 14.92 ? 44  ILE A CG1 1 
ATOM   320  C  CG2 . ILE A 1 56  ? -4.212  1.307   17.054  1.00 19.72 ? 44  ILE A CG2 1 
ATOM   321  C  CD1 . ILE A 1 56  ? -7.093  -0.009  16.233  1.00 18.56 ? 44  ILE A CD1 1 
ATOM   322  N  N   . GLY A 1 57  ? -3.436  0.024   13.363  1.00 18.64 ? 45  GLY A N   1 
ATOM   323  C  CA  . GLY A 1 57  ? -3.255  0.936   12.267  1.00 18.81 ? 45  GLY A CA  1 
ATOM   324  C  C   . GLY A 1 57  ? -4.096  0.634   11.060  1.00 18.54 ? 45  GLY A C   1 
ATOM   325  O  O   . GLY A 1 57  ? -4.773  -0.377  10.975  1.00 18.61 ? 45  GLY A O   1 
ATOM   326  N  N   . ARG A 1 58  ? -4.011  1.542   10.102  1.00 19.63 ? 46  ARG A N   1 
ATOM   327  C  CA  . ARG A 1 58  ? -4.688  1.416   8.810   1.00 20.41 ? 46  ARG A CA  1 
ATOM   328  C  C   . ARG A 1 58  ? -3.713  1.719   7.676   1.00 20.14 ? 46  ARG A C   1 
ATOM   329  O  O   . ARG A 1 58  ? -2.995  2.734   7.704   1.00 18.70 ? 46  ARG A O   1 
ATOM   330  C  CB  . ARG A 1 58  ? -5.840  2.396   8.728   1.00 21.82 ? 46  ARG A CB  1 
ATOM   331  C  CG  . ARG A 1 58  ? -6.637  2.334   7.429   1.00 26.34 ? 46  ARG A CG  1 
ATOM   332  C  CD  . ARG A 1 58  ? -7.907  3.176   7.490   1.00 30.18 ? 46  ARG A CD  1 
ATOM   333  N  NE  . ARG A 1 58  ? -7.583  4.584   7.533   1.00 42.39 ? 46  ARG A NE  1 
ATOM   334  C  CZ  . ARG A 1 58  ? -8.468  5.569   7.421   1.00 59.99 ? 46  ARG A CZ  1 
ATOM   335  N  NH1 . ARG A 1 58  ? -9.761  5.316   7.232   1.00 60.96 ? 46  ARG A NH1 1 
ATOM   336  N  NH2 . ARG A 1 58  ? -8.048  6.830   7.481   1.00 66.15 ? 46  ARG A NH2 1 
ATOM   337  N  N   . ILE A 1 59  ? -3.640  0.794   6.720   1.00 19.00 ? 47  ILE A N   1 
ATOM   338  C  CA  . ILE A 1 59  ? -2.836  0.981   5.537   1.00 18.87 ? 47  ILE A CA  1 
ATOM   339  C  C   . ILE A 1 59  ? -3.641  0.696   4.262   1.00 19.93 ? 47  ILE A C   1 
ATOM   340  O  O   . ILE A 1 59  ? -4.688  0.060   4.297   1.00 21.14 ? 47  ILE A O   1 
ATOM   341  C  CB  . ILE A 1 59  ? -1.530  0.137   5.623   1.00 20.77 ? 47  ILE A CB  1 
ATOM   342  C  CG1 . ILE A 1 59  ? -1.807  -1.333  5.684   1.00 24.16 ? 47  ILE A CG1 1 
ATOM   343  C  CG2 . ILE A 1 59  ? -0.727  0.524   6.855   1.00 26.84 ? 47  ILE A CG2 1 
ATOM   344  C  CD1 . ILE A 1 59  ? -0.578  -2.156  5.616   1.00 29.64 ? 47  ILE A CD1 1 
ATOM   345  N  N   . PHE A 1 60  ? -3.168  1.246   3.148   1.00 19.88 ? 48  PHE A N   1 
ATOM   346  C  CA  . PHE A 1 60  ? -3.817  1.107   1.853   1.00 20.18 ? 48  PHE A CA  1 
ATOM   347  C  C   . PHE A 1 60  ? -2.833  0.389   0.905   1.00 20.79 ? 48  PHE A C   1 
ATOM   348  O  O   . PHE A 1 60  ? -1.646  0.679   0.905   1.00 21.24 ? 48  PHE A O   1 
ATOM   349  C  CB  . PHE A 1 60  ? -4.229  2.465   1.318   1.00 20.35 ? 48  PHE A CB  1 
ATOM   350  C  CG  . PHE A 1 60  ? -5.173  3.205   2.242   1.00 24.97 ? 48  PHE A CG  1 
ATOM   351  C  CD1 . PHE A 1 60  ? -6.534  2.909   2.248   1.00 26.94 ? 48  PHE A CD1 1 
ATOM   352  C  CD2 . PHE A 1 60  ? -4.687  4.120   3.147   1.00 24.23 ? 48  PHE A CD2 1 
ATOM   353  C  CE1 . PHE A 1 60  ? -7.386  3.556   3.102   1.00 30.06 ? 48  PHE A CE1 1 
ATOM   354  C  CE2 . PHE A 1 60  ? -5.547  4.799   4.006   1.00 25.70 ? 48  PHE A CE2 1 
ATOM   355  C  CZ  . PHE A 1 60  ? -6.888  4.506   3.986   1.00 28.52 ? 48  PHE A CZ  1 
ATOM   356  N  N   . LEU A 1 61  ? -3.335  -0.587  0.170   1.00 19.41 ? 49  LEU A N   1 
ATOM   357  C  CA  . LEU A 1 61  ? -2.518  -1.394  -0.720  1.00 19.23 ? 49  LEU A CA  1 
ATOM   358  C  C   . LEU A 1 61  ? -3.129  -1.450  -2.135  1.00 20.89 ? 49  LEU A C   1 
ATOM   359  O  O   . LEU A 1 61  ? -4.337  -1.677  -2.309  1.00 21.54 ? 49  LEU A O   1 
ATOM   360  C  CB  . LEU A 1 61  ? -2.398  -2.786  -0.137  1.00 20.38 ? 49  LEU A CB  1 
ATOM   361  C  CG  . LEU A 1 61  ? -1.710  -3.898  -0.928  1.00 20.83 ? 49  LEU A CG  1 
ATOM   362  C  CD1 . LEU A 1 61  ? -0.216  -3.579  -1.014  1.00 20.59 ? 49  LEU A CD1 1 
ATOM   363  C  CD2 . LEU A 1 61  ? -1.920  -5.248  -0.247  1.00 22.94 ? 49  LEU A CD2 1 
ATOM   364  N  N   . LYS A 1 62  ? -2.306  -1.204  -3.134  1.00 20.00 ? 50  LYS A N   1 
ATOM   365  C  CA  . LYS A 1 62  ? -2.716  -1.469  -4.505  1.00 20.19 ? 50  LYS A CA  1 
ATOM   366  C  C   . LYS A 1 62  ? -1.796  -2.539  -5.088  1.00 18.49 ? 50  LYS A C   1 
ATOM   367  O  O   . LYS A 1 62  ? -0.566  -2.470  -4.970  1.00 20.32 ? 50  LYS A O   1 
ATOM   368  C  CB  . LYS A 1 62  ? -2.696  -0.178  -5.304  1.00 23.01 ? 50  LYS A CB  1 
ATOM   369  C  CG  . LYS A 1 62  ? -2.824  -0.317  -6.836  1.00 33.54 ? 50  LYS A CG  1 
ATOM   370  C  CD  . LYS A 1 62  ? -4.249  -0.490  -7.363  1.00 45.40 ? 50  LYS A CD  1 
ATOM   371  C  CE  . LYS A 1 62  ? -4.252  -0.683  -8.899  1.00 45.10 ? 50  LYS A CE  1 
ATOM   372  N  N   . ILE A 1 63  ? -2.398  -3.530  -5.725  1.00 16.69 ? 51  ILE A N   1 
ATOM   373  C  CA  . ILE A 1 63  ? -1.659  -4.610  -6.358  1.00 19.19 ? 51  ILE A CA  1 
ATOM   374  C  C   . ILE A 1 63  ? -1.723  -4.463  -7.870  1.00 20.25 ? 51  ILE A C   1 
ATOM   375  O  O   . ILE A 1 63  ? -2.789  -4.380  -8.431  1.00 19.87 ? 51  ILE A O   1 
ATOM   376  C  CB  . ILE A 1 63  ? -2.271  -5.943  -5.941  1.00 21.18 ? 51  ILE A CB  1 
ATOM   377  C  CG1 . ILE A 1 63  ? -2.387  -6.016  -4.395  1.00 21.54 ? 51  ILE A CG1 1 
ATOM   378  C  CG2 . ILE A 1 63  ? -1.449  -7.097  -6.496  1.00 21.35 ? 51  ILE A CG2 1 
ATOM   379  C  CD1 . ILE A 1 63  ? -3.196  -7.216  -3.909  1.00 22.63 ? 51  ILE A CD1 1 
ATOM   380  N  N   . SER A 1 64  ? -0.565  -4.428  -8.520  1.00 19.86 ? 52  SER A N   1 
ATOM   381  C  CA  . SER A 1 64  ? -0.471  -4.447  -9.967  1.00 19.14 ? 52  SER A CA  1 
ATOM   382  C  C   . SER A 1 64  ? 0.250   -5.694  -10.418 1.00 16.76 ? 52  SER A C   1 
ATOM   383  O  O   . SER A 1 64  ? 1.320   -6.025  -9.908  1.00 18.55 ? 52  SER A O   1 
ATOM   384  C  CB  . SER A 1 64  ? 0.298   -3.220  -10.429 1.00 19.52 ? 52  SER A CB  1 
ATOM   385  O  OG  . SER A 1 64  ? -0.406  -2.038  -10.109 1.00 27.76 ? 52  SER A OG  1 
ATOM   386  N  N   . VAL A 1 65  ? -0.324  -6.392  -11.380 1.00 16.26 ? 53  VAL A N   1 
ATOM   387  C  CA  . VAL A 1 65  ? 0.321   -7.524  -12.030 1.00 16.86 ? 53  VAL A CA  1 
ATOM   388  C  C   . VAL A 1 65  ? 0.909   -7.059  -13.380 1.00 18.19 ? 53  VAL A C   1 
ATOM   389  O  O   . VAL A 1 65  ? 0.226   -6.456  -14.190 1.00 17.14 ? 53  VAL A O   1 
ATOM   390  C  CB  . VAL A 1 65  ? -0.647  -8.683  -12.239 1.00 18.94 ? 53  VAL A CB  1 
ATOM   391  C  CG1 . VAL A 1 65  ? 0.071   -9.907  -12.857 1.00 25.03 ? 53  VAL A CG1 1 
ATOM   392  C  CG2 . VAL A 1 65  ? -1.243  -9.079  -10.897 1.00 24.14 ? 53  VAL A CG2 1 
ATOM   393  N  N   . LEU A 1 66  ? 2.188   -7.339  -13.604 1.00 20.14 ? 54  LEU A N   1 
ATOM   394  C  CA  . LEU A 1 66  ? 2.866   -6.973  -14.849 1.00 20.50 ? 54  LEU A CA  1 
ATOM   395  C  C   . LEU A 1 66  ? 2.563   -8.042  -15.868 1.00 19.39 ? 54  LEU A C   1 
ATOM   396  O  O   . LEU A 1 66  ? 2.495   -9.201  -15.535 1.00 21.81 ? 54  LEU A O   1 
ATOM   397  C  CB  . LEU A 1 66  ? 4.373   -6.853  -14.607 1.00 21.08 ? 54  LEU A CB  1 
ATOM   398  C  CG  . LEU A 1 66  ? 4.642   -5.845  -13.462 1.00 33.22 ? 54  LEU A CG  1 
ATOM   399  C  CD1 . LEU A 1 66  ? 5.872   -6.257  -12.683 1.00 41.92 ? 54  LEU A CD1 1 
ATOM   400  C  CD2 . LEU A 1 66  ? 4.732   -4.464  -14.009 1.00 36.21 ? 54  LEU A CD2 1 
ATOM   401  N  N   . GLU A 1 67  ? 2.362   -7.651  -17.107 1.00 17.95 ? 55  GLU A N   1 
ATOM   402  C  CA  . GLU A 1 67  ? 2.068   -8.593  -18.159 1.00 21.43 ? 55  GLU A CA  1 
ATOM   403  C  C   . GLU A 1 67  ? 3.280   -9.394  -18.502 1.00 19.13 ? 55  GLU A C   1 
ATOM   404  O  O   . GLU A 1 67  ? 4.403   -9.025  -18.181 1.00 16.99 ? 55  GLU A O   1 
ATOM   405  C  CB  . GLU A 1 67  ? 1.531   -7.891  -19.417 1.00 25.89 ? 55  GLU A CB  1 
ATOM   406  C  CG  . GLU A 1 67  ? 0.134   -7.315  -19.213 1.00 38.01 ? 55  GLU A CG  1 
ATOM   407  C  CD  . GLU A 1 67  ? -0.653  -7.199  -20.503 1.00 52.46 ? 55  GLU A CD  1 
ATOM   408  O  OE1 . GLU A 1 67  ? -0.559  -6.145  -21.171 1.00 62.07 ? 55  GLU A OE1 1 
ATOM   409  O  OE2 . GLU A 1 67  ? -1.355  -8.169  -20.858 1.00 66.90 ? 55  GLU A OE2 1 
ATOM   410  N  N   . GLU A 1 68  ? 3.030   -10.536 -19.123 1.00 21.03 ? 56  GLU A N   1 
ATOM   411  C  CA  . GLU A 1 68  ? 4.088   -11.409 -19.565 1.00 22.13 ? 56  GLU A CA  1 
ATOM   412  C  C   . GLU A 1 68  ? 5.002   -10.655 -20.534 1.00 20.87 ? 56  GLU A C   1 
ATOM   413  O  O   . GLU A 1 68  ? 4.521   -9.893  -21.361 1.00 20.86 ? 56  GLU A O   1 
ATOM   414  C  CB  . GLU A 1 68  ? 3.459   -12.647 -20.215 1.00 23.97 ? 56  GLU A CB  1 
ATOM   415  C  CG  . GLU A 1 68  ? 4.466   -13.633 -20.751 1.00 31.52 ? 56  GLU A CG  1 
ATOM   416  C  CD  . GLU A 1 68  ? 3.859   -15.007 -21.077 1.00 45.72 ? 56  GLU A CD  1 
ATOM   417  O  OE1 . GLU A 1 68  ? 2.591   -15.141 -21.100 1.00 36.37 ? 56  GLU A OE1 1 
ATOM   418  O  OE2 . GLU A 1 68  ? 4.672   -15.945 -21.318 1.00 28.37 ? 56  GLU A OE2 1 
ATOM   419  N  N   . GLY A 1 69  ? 6.314   -10.858 -20.419 1.00 19.19 ? 57  GLY A N   1 
ATOM   420  C  CA  . GLY A 1 69  ? 7.277   -10.185 -21.261 1.00 17.42 ? 57  GLY A CA  1 
ATOM   421  C  C   . GLY A 1 69  ? 7.595   -8.766  -20.780 1.00 19.79 ? 57  GLY A C   1 
ATOM   422  O  O   . GLY A 1 69  ? 8.264   -8.032  -21.489 1.00 19.12 ? 57  GLY A O   1 
ATOM   423  N  N   . GLU A 1 70  ? 7.105   -8.398  -19.585 1.00 21.00 ? 58  GLU A N   1 
ATOM   424  C  CA  . GLU A 1 70  ? 7.441   -7.138  -18.919 1.00 22.95 ? 58  GLU A CA  1 
ATOM   425  C  C   . GLU A 1 70  ? 8.224   -7.386  -17.625 1.00 22.18 ? 58  GLU A C   1 
ATOM   426  O  O   . GLU A 1 70  ? 7.853   -8.210  -16.765 1.00 21.98 ? 58  GLU A O   1 
ATOM   427  C  CB  . GLU A 1 70  ? 6.173   -6.306  -18.617 1.00 23.45 ? 58  GLU A CB  1 
ATOM   428  C  CG  . GLU A 1 70  ? 5.352   -5.925  -19.843 1.00 29.88 ? 58  GLU A CG  1 
ATOM   429  C  CD  . GLU A 1 70  ? 4.102   -5.101  -19.494 1.00 42.01 ? 58  GLU A CD  1 
ATOM   430  O  OE1 . GLU A 1 70  ? 3.821   -4.878  -18.284 1.00 36.72 ? 58  GLU A OE1 1 
ATOM   431  O  OE2 . GLU A 1 70  ? 3.390   -4.681  -20.446 1.00 45.59 ? 58  GLU A OE2 1 
ATOM   432  N  N   . GLU A 1 71  ? 9.293   -6.612  -17.488 1.00 25.13 ? 59  GLU A N   1 
ATOM   433  C  CA  . GLU A 1 71  ? 10.086  -6.485  -16.250 1.00 24.80 ? 59  GLU A CA  1 
ATOM   434  C  C   . GLU A 1 71  ? 9.407   -5.715  -15.154 1.00 23.26 ? 59  GLU A C   1 
ATOM   435  O  O   . GLU A 1 71  ? 8.667   -4.770  -15.434 1.00 27.33 ? 59  GLU A O   1 
ATOM   436  C  CB  . GLU A 1 71  ? 11.381  -5.766  -16.568 1.00 25.48 ? 59  GLU A CB  1 
ATOM   437  C  CG  . GLU A 1 71  ? 12.288  -6.555  -17.468 1.00 27.16 ? 59  GLU A CG  1 
ATOM   438  C  CD  . GLU A 1 71  ? 13.577  -5.825  -17.789 1.00 39.41 ? 59  GLU A CD  1 
ATOM   439  O  OE1 . GLU A 1 71  ? 13.516  -4.801  -18.492 1.00 46.61 ? 59  GLU A OE1 1 
ATOM   440  O  OE2 . GLU A 1 71  ? 14.647  -6.303  -17.371 1.00 46.16 ? 59  GLU A OE2 1 
ATOM   441  N  N   . VAL A 1 72  ? 9.648   -6.134  -13.914 1.00 19.78 ? 60  VAL A N   1 
ATOM   442  C  CA  . VAL A 1 72  ? 9.208   -5.386  -12.738 1.00 25.14 ? 60  VAL A CA  1 
ATOM   443  C  C   . VAL A 1 72  ? 10.016  -4.093  -12.636 1.00 21.19 ? 60  VAL A C   1 
ATOM   444  O  O   . VAL A 1 72  ? 11.151  -4.039  -13.059 1.00 21.18 ? 60  VAL A O   1 
ATOM   445  C  CB  . VAL A 1 72  ? 9.371   -6.202  -11.371 1.00 25.86 ? 60  VAL A CB  1 
ATOM   446  C  CG1 . VAL A 1 72  ? 8.492   -7.451  -11.368 1.00 35.96 ? 60  VAL A CG1 1 
ATOM   447  C  CG2 . VAL A 1 72  ? 10.860  -6.532  -11.049 1.00 30.75 ? 60  VAL A CG2 1 
ATOM   448  N  N   . PRO A 1 73  ? 9.403   -3.062  -12.105 1.00 20.93 ? 61  PRO A N   1 
ATOM   449  C  CA  . PRO A 1 73  ? 10.086  -1.799  -11.890 1.00 20.97 ? 61  PRO A CA  1 
ATOM   450  C  C   . PRO A 1 73  ? 11.104  -1.898  -10.748 1.00 20.13 ? 61  PRO A C   1 
ATOM   451  O  O   . PRO A 1 73  ? 10.939  -2.633  -9.799  1.00 19.60 ? 61  PRO A O   1 
ATOM   452  C  CB  . PRO A 1 73  ? 8.933   -0.856  -11.507 1.00 22.27 ? 61  PRO A CB  1 
ATOM   453  C  CG  . PRO A 1 73  ? 7.863   -1.716  -10.974 1.00 22.14 ? 61  PRO A CG  1 
ATOM   454  C  CD  . PRO A 1 73  ? 8.005   -3.045  -11.627 1.00 23.23 ? 61  PRO A CD  1 
ATOM   455  N  N   . SER A 1 74  ? 12.194  -1.180  -10.886 1.00 22.16 ? 62  SER A N   1 
ATOM   456  C  CA  . SER A 1 74  ? 13.082  -0.904  -9.781  1.00 20.77 ? 62  SER A CA  1 
ATOM   457  C  C   . SER A 1 74  ? 12.970  0.495   -9.223  1.00 20.26 ? 62  SER A C   1 
ATOM   458  O  O   . SER A 1 74  ? 13.325  0.685   -8.080  1.00 18.82 ? 62  SER A O   1 
ATOM   459  C  CB  . SER A 1 74  ? 14.528  -1.147  -10.202 1.00 19.65 ? 62  SER A CB  1 
ATOM   460  O  OG  . SER A 1 74  ? 14.720  -2.512  -10.457 1.00 27.94 ? 62  SER A OG  1 
ATOM   461  N  N   . PHE A 1 75  ? 12.578  1.491   -10.028 1.00 19.65 ? 63  PHE A N   1 
ATOM   462  C  CA  . PHE A 1 75  ? 12.414  2.875   -9.515  1.00 18.25 ? 63  PHE A CA  1 
ATOM   463  C  C   . PHE A 1 75  ? 11.090  3.466   -9.970  1.00 18.84 ? 63  PHE A C   1 
ATOM   464  O  O   . PHE A 1 75  ? 10.601  3.103   -11.008 1.00 17.42 ? 63  PHE A O   1 
ATOM   465  C  CB  . PHE A 1 75  ? 13.515  3.806   -9.982  1.00 19.77 ? 63  PHE A CB  1 
ATOM   466  C  CG  . PHE A 1 75  ? 14.831  3.437   -9.502  1.00 17.63 ? 63  PHE A CG  1 
ATOM   467  C  CD1 . PHE A 1 75  ? 15.318  3.948   -8.288  1.00 17.81 ? 63  PHE A CD1 1 
ATOM   468  C  CD2 . PHE A 1 75  ? 15.608  2.539   -10.243 1.00 22.03 ? 63  PHE A CD2 1 
ATOM   469  C  CE1 . PHE A 1 75  ? 16.583  3.590   -7.835  1.00 29.78 ? 63  PHE A CE1 1 
ATOM   470  C  CE2 . PHE A 1 75  ? 16.848  2.179   -9.794  1.00 23.33 ? 63  PHE A CE2 1 
ATOM   471  C  CZ  . PHE A 1 75  ? 17.349  2.694   -8.593  1.00 25.52 ? 63  PHE A CZ  1 
ATOM   472  N  N   . ALA A 1 76  ? 10.495  4.307   -9.121  1.00 18.90 ? 64  ALA A N   1 
ATOM   473  C  CA  . ALA A 1 76  ? 9.327   5.092   -9.450  1.00 20.67 ? 64  ALA A CA  1 
ATOM   474  C  C   . ALA A 1 76  ? 9.824   6.531   -9.617  1.00 21.23 ? 64  ALA A C   1 
ATOM   475  O  O   . ALA A 1 76  ? 10.576  7.033   -8.776  1.00 22.33 ? 64  ALA A O   1 
ATOM   476  C  CB  . ALA A 1 76  ? 8.306   5.000   -8.344  1.00 20.76 ? 64  ALA A CB  1 
ATOM   477  N  N   . ILE A 1 77  ? 9.484   7.146   -10.741 1.00 19.82 ? 65  ILE A N   1 
ATOM   478  C  CA  . ILE A 1 77  ? 9.873   8.518   -11.054 1.00 18.79 ? 65  ILE A CA  1 
ATOM   479  C  C   . ILE A 1 77  ? 8.618   9.412   -11.045 1.00 21.58 ? 65  ILE A C   1 
ATOM   480  O  O   . ILE A 1 77  ? 7.607   9.083   -11.679 1.00 19.46 ? 65  ILE A O   1 
ATOM   481  C  CB  . ILE A 1 77  ? 10.524  8.555   -12.427 1.00 19.27 ? 65  ILE A CB  1 
ATOM   482  C  CG1 . ILE A 1 77  ? 11.699  7.572   -12.490 1.00 21.89 ? 65  ILE A CG1 1 
ATOM   483  C  CG2 . ILE A 1 77  ? 11.002  9.975   -12.754 1.00 21.16 ? 65  ILE A CG2 1 
ATOM   484  C  CD1 . ILE A 1 77  ? 12.169  7.299   -13.875 1.00 26.50 ? 65  ILE A CD1 1 
ATOM   485  N  N   . LYS A 1 78  ? 8.648   10.503  -10.290 1.00 21.50 ? 66  LYS A N   1 
ATOM   486  C  CA  . LYS A 1 78  ? 7.654   11.580  -10.481 1.00 22.54 ? 66  LYS A CA  1 
ATOM   487  C  C   . LYS A 1 78  ? 8.244   12.625  -11.401 1.00 20.82 ? 66  LYS A C   1 
ATOM   488  O  O   . LYS A 1 78  ? 9.260   13.233  -11.099 1.00 21.50 ? 66  LYS A O   1 
ATOM   489  C  CB  . LYS A 1 78  ? 7.236   12.201  -9.159  1.00 24.82 ? 66  LYS A CB  1 
ATOM   490  C  CG  . LYS A 1 78  ? 6.457   11.205  -8.275  1.00 37.75 ? 66  LYS A CG  1 
ATOM   491  C  CD  . LYS A 1 78  ? 6.142   11.781  -6.897  1.00 45.26 ? 66  LYS A CD  1 
ATOM   492  C  CE  . LYS A 1 78  ? 6.113   10.676  -5.844  1.00 49.23 ? 66  LYS A CE  1 
ATOM   493  N  NZ  . LYS A 1 78  ? 5.764   11.203  -4.502  1.00 50.16 ? 66  LYS A NZ  1 
ATOM   494  N  N   . ALA A 1 79  ? 7.644   12.746  -12.564 1.00 18.36 ? 67  ALA A N   1 
ATOM   495  C  CA  . ALA A 1 79  ? 8.048   13.709  -13.580 1.00 21.45 ? 67  ALA A CA  1 
ATOM   496  C  C   . ALA A 1 79  ? 6.932   14.742  -13.794 1.00 20.62 ? 67  ALA A C   1 
ATOM   497  O  O   . ALA A 1 79  ? 5.759   14.439  -13.662 1.00 24.08 ? 67  ALA A O   1 
ATOM   498  C  CB  . ALA A 1 79  ? 8.320   12.972  -14.873 1.00 19.36 ? 67  ALA A CB  1 
ATOM   499  N  N   . LEU A 1 80  ? 7.273   15.940  -14.200 1.00 18.66 ? 68  LEU A N   1 
ATOM   500  C  CA  . LEU A 1 80  ? 6.244   16.933  -14.523 1.00 15.53 ? 68  LEU A CA  1 
ATOM   501  C  C   . LEU A 1 80  ? 6.462   17.369  -15.968 1.00 14.13 ? 68  LEU A C   1 
ATOM   502  O  O   . LEU A 1 80  ? 7.587   17.541  -16.419 1.00 16.02 ? 68  LEU A O   1 
ATOM   503  C  CB  . LEU A 1 80  ? 6.367   18.141  -13.576 1.00 17.44 ? 68  LEU A CB  1 
ATOM   504  C  CG  . LEU A 1 80  ? 6.423   17.886  -12.073 1.00 22.76 ? 68  LEU A CG  1 
ATOM   505  C  CD1 . LEU A 1 80  ? 7.057   19.017  -11.331 1.00 31.47 ? 68  LEU A CD1 1 
ATOM   506  C  CD2 . LEU A 1 80  ? 4.996   17.670  -11.564 1.00 29.80 ? 68  LEU A CD2 1 
ATOM   507  N  N   . THR A 1 81  ? 5.376   17.568  -16.682 1.00 14.28 ? 69  THR A N   1 
ATOM   508  C  CA  . THR A 1 81  ? 5.412   18.141  -18.007 1.00 14.42 ? 69  THR A CA  1 
ATOM   509  C  C   . THR A 1 81  ? 4.641   19.462  -18.104 1.00 12.72 ? 69  THR A C   1 
ATOM   510  O  O   . THR A 1 81  ? 3.585   19.575  -17.520 1.00 13.15 ? 69  THR A O   1 
ATOM   511  C  CB  . THR A 1 81  ? 4.865   17.061  -18.985 1.00 11.97 ? 69  THR A CB  1 
ATOM   512  O  OG1 . THR A 1 81  ? 4.773   17.627  -20.279 1.00 13.98 ? 69  THR A OG1 1 
ATOM   513  C  CG2 . THR A 1 81  ? 3.473   16.631  -18.609 1.00 17.33 ? 69  THR A CG2 1 
ATOM   514  N  N   . PRO A 1 82  ? 5.157   20.448  -18.850 1.00 14.66 ? 70  PRO A N   1 
ATOM   515  C  CA  . PRO A 1 82  ? 4.441   21.690  -19.139 1.00 15.58 ? 70  PRO A CA  1 
ATOM   516  C  C   . PRO A 1 82  ? 3.464   21.595  -20.280 1.00 15.59 ? 70  PRO A C   1 
ATOM   517  O  O   . PRO A 1 82  ? 2.803   22.590  -20.535 1.00 11.09 ? 70  PRO A O   1 
ATOM   518  C  CB  . PRO A 1 82  ? 5.567   22.652  -19.546 1.00 16.24 ? 70  PRO A CB  1 
ATOM   519  C  CG  . PRO A 1 82  ? 6.644   21.777  -20.073 1.00 15.25 ? 70  PRO A CG  1 
ATOM   520  C  CD  . PRO A 1 82  ? 6.516   20.478  -19.421 1.00 18.20 ? 70  PRO A CD  1 
ATOM   521  N  N   . LYS A 1 83  ? 3.415   20.445  -20.967 1.00 15.15 ? 71  LYS A N   1 
ATOM   522  C  CA  . LYS A 1 83  ? 2.475   20.234  -22.045 1.00 16.86 ? 71  LYS A CA  1 
ATOM   523  C  C   . LYS A 1 83  ? 1.047   20.410  -21.541 1.00 14.59 ? 71  LYS A C   1 
ATOM   524  O  O   . LYS A 1 83  ? 0.707   19.927  -20.478 1.00 14.50 ? 71  LYS A O   1 
ATOM   525  C  CB  . LYS A 1 83  ? 2.670   18.835  -22.618 1.00 19.18 ? 71  LYS A CB  1 
ATOM   526  C  CG  . LYS A 1 83  ? 3.773   18.724  -23.654 1.00 29.61 ? 71  LYS A CG  1 
ATOM   527  C  CD  . LYS A 1 83  ? 3.380   17.746  -24.803 1.00 42.16 ? 71  LYS A CD  1 
ATOM   528  C  CE  . LYS A 1 83  ? 2.164   18.211  -25.623 1.00 45.15 ? 71  LYS A CE  1 
ATOM   529  N  NZ  . LYS A 1 83  ? 1.353   17.078  -26.178 1.00 43.88 ? 71  LYS A NZ  1 
ATOM   530  N  N   . GLU A 1 84  ? 0.198   21.059  -22.313 1.00 17.44 ? 72  GLU A N   1 
ATOM   531  C  CA  . GLU A 1 84  ? -1.136  21.422  -21.814 1.00 20.47 ? 72  GLU A CA  1 
ATOM   532  C  C   . GLU A 1 84  ? -2.227  20.371  -22.046 1.00 16.63 ? 72  GLU A C   1 
ATOM   533  O  O   . GLU A 1 84  ? -3.332  20.503  -21.552 1.00 15.81 ? 72  GLU A O   1 
ATOM   534  C  CB  . GLU A 1 84  ? -1.553  22.786  -22.351 1.00 24.47 ? 72  GLU A CB  1 
ATOM   535  C  CG  . GLU A 1 84  ? -0.754  23.899  -21.692 1.00 29.73 ? 72  GLU A CG  1 
ATOM   536  C  CD  . GLU A 1 84  ? -1.017  25.266  -22.282 1.00 36.03 ? 72  GLU A CD  1 
ATOM   537  O  OE1 . GLU A 1 84  ? -1.829  25.380  -23.229 1.00 46.08 ? 72  GLU A OE1 1 
ATOM   538  O  OE2 . GLU A 1 84  ? -0.400  26.233  -21.785 1.00 46.20 ? 72  GLU A OE2 1 
ATOM   539  N  N   . ASN A 1 85  ? -1.901  19.308  -22.763 1.00 16.80 ? 73  ASN A N   1 
ATOM   540  C  CA  . ASN A 1 85  ? -2.765  18.130  -22.770 1.00 15.28 ? 73  ASN A CA  1 
ATOM   541  C  C   . ASN A 1 85  ? -1.976  16.838  -22.609 1.00 15.21 ? 73  ASN A C   1 
ATOM   542  O  O   . ASN A 1 85  ? -0.775  16.797  -22.828 1.00 14.76 ? 73  ASN A O   1 
ATOM   543  C  CB  . ASN A 1 85  ? -3.621  18.130  -24.001 1.00 18.00 ? 73  ASN A CB  1 
ATOM   544  C  CG  . ASN A 1 85  ? -2.846  17.896  -25.215 1.00 19.83 ? 73  ASN A CG  1 
ATOM   545  O  OD1 . ASN A 1 85  ? -2.374  16.780  -25.437 1.00 27.23 ? 73  ASN A OD1 1 
ATOM   546  N  ND2 . ASN A 1 85  ? -2.737  18.920  -26.058 1.00 24.55 ? 73  ASN A ND2 1 
ATOM   547  N  N   . ALA A 1 86  ? -2.694  15.818  -22.181 1.00 16.80 ? 74  ALA A N   1 
ATOM   548  C  CA  . ALA A 1 86  ? -2.177  14.503  -21.899 1.00 19.50 ? 74  ALA A CA  1 
ATOM   549  C  C   . ALA A 1 86  ? -2.660  13.427  -22.880 1.00 18.79 ? 74  ALA A C   1 
ATOM   550  O  O   . ALA A 1 86  ? -2.492  12.223  -22.633 1.00 19.68 ? 74  ALA A O   1 
ATOM   551  C  CB  . ALA A 1 86  ? -2.561  14.119  -20.493 1.00 23.68 ? 74  ALA A CB  1 
ATOM   552  N  N   . VAL A 1 87  ? -3.201  13.836  -24.020 1.00 18.59 ? 75  VAL A N   1 
ATOM   553  C  CA  . VAL A 1 87  ? -3.775  12.875  -24.952 1.00 18.77 ? 75  VAL A CA  1 
ATOM   554  C  C   . VAL A 1 87  ? -2.743  12.015  -25.631 1.00 20.13 ? 75  VAL A C   1 
ATOM   555  O  O   . VAL A 1 87  ? -3.104  11.035  -26.234 1.00 18.88 ? 75  VAL A O   1 
ATOM   556  C  CB  . VAL A 1 87  ? -4.722  13.531  -26.012 1.00 22.64 ? 75  VAL A CB  1 
ATOM   557  C  CG1 . VAL A 1 87  ? -5.673  14.484  -25.335 1.00 19.39 ? 75  VAL A CG1 1 
ATOM   558  C  CG2 . VAL A 1 87  ? -3.934  14.215  -27.159 1.00 20.79 ? 75  VAL A CG2 1 
ATOM   559  N  N   . ASP A 1 88  ? -1.467  12.370  -25.532 1.00 23.28 ? 76  ASP A N   1 
ATOM   560  C  CA  . ASP A 1 88  ? -0.395  11.487  -26.013 1.00 25.33 ? 76  ASP A CA  1 
ATOM   561  C  C   . ASP A 1 88  ? 0.203   10.521  -24.968 1.00 26.84 ? 76  ASP A C   1 
ATOM   562  O  O   . ASP A 1 88  ? 1.099   9.754   -25.289 1.00 29.30 ? 76  ASP A O   1 
ATOM   563  C  CB  . ASP A 1 88  ? 0.719   12.299  -26.659 1.00 25.60 ? 76  ASP A CB  1 
ATOM   564  C  CG  . ASP A 1 88  ? 1.471   13.163  -25.673 1.00 32.15 ? 76  ASP A CG  1 
ATOM   565  O  OD1 . ASP A 1 88  ? 0.945   13.420  -24.564 1.00 38.00 ? 76  ASP A OD1 1 
ATOM   566  O  OD2 . ASP A 1 88  ? 2.598   13.647  -25.931 1.00 42.23 ? 76  ASP A OD2 1 
ATOM   567  N  N   . LEU A 1 89  ? -0.300  10.562  -23.736 1.00 24.68 ? 77  LEU A N   1 
ATOM   568  C  CA  . LEU A 1 89  ? 0.209   9.763   -22.633 1.00 22.15 ? 77  LEU A CA  1 
ATOM   569  C  C   . LEU A 1 89  ? -0.737  8.604   -22.330 1.00 23.12 ? 77  LEU A C   1 
ATOM   570  O  O   . LEU A 1 89  ? -1.920  8.851   -22.022 1.00 20.31 ? 77  LEU A O   1 
ATOM   571  C  CB  . LEU A 1 89  ? 0.309   10.629  -21.351 1.00 22.76 ? 77  LEU A CB  1 
ATOM   572  C  CG  . LEU A 1 89  ? 1.200   11.869  -21.371 1.00 22.92 ? 77  LEU A CG  1 
ATOM   573  C  CD1 . LEU A 1 89  ? 1.076   12.719  -20.074 1.00 25.09 ? 77  LEU A CD1 1 
ATOM   574  C  CD2 . LEU A 1 89  ? 2.639   11.486  -21.605 1.00 28.95 ? 77  LEU A CD2 1 
ATOM   575  N  N   . PRO A 1 90  ? -0.232  7.358   -22.363 1.00 23.04 ? 78  PRO A N   1 
ATOM   576  C  CA  . PRO A 1 90  ? -1.029  6.217   -21.924 1.00 25.74 ? 78  PRO A CA  1 
ATOM   577  C  C   . PRO A 1 90  ? -1.023  6.145   -20.422 1.00 25.79 ? 78  PRO A C   1 
ATOM   578  O  O   . PRO A 1 90  ? -0.085  6.529   -19.753 1.00 32.14 ? 78  PRO A O   1 
ATOM   579  C  CB  . PRO A 1 90  ? -0.277  5.013   -22.489 1.00 26.72 ? 78  PRO A CB  1 
ATOM   580  C  CG  . PRO A 1 90  ? 1.187   5.479   -22.448 1.00 28.38 ? 78  PRO A CG  1 
ATOM   581  C  CD  . PRO A 1 90  ? 1.133   6.952   -22.744 1.00 22.11 ? 78  PRO A CD  1 
ATOM   582  N  N   . LEU A 1 91  ? -2.109  5.668   -19.887 1.00 25.93 ? 79  LEU A N   1 
ATOM   583  C  CA  . LEU A 1 91  ? -2.166  5.260   -18.525 1.00 28.23 ? 79  LEU A CA  1 
ATOM   584  C  C   . LEU A 1 91  ? -2.039  3.714   -18.550 1.00 29.47 ? 79  LEU A C   1 
ATOM   585  O  O   . LEU A 1 91  ? -2.747  3.034   -19.296 1.00 28.85 ? 79  LEU A O   1 
ATOM   586  C  CB  . LEU A 1 91  ? -3.487  5.760   -17.932 1.00 30.52 ? 79  LEU A CB  1 
ATOM   587  C  CG  . LEU A 1 91  ? -3.608  5.812   -16.417 1.00 36.37 ? 79  LEU A CG  1 
ATOM   588  C  CD1 . LEU A 1 91  ? -2.451  6.611   -15.856 1.00 31.73 ? 79  LEU A CD1 1 
ATOM   589  C  CD2 . LEU A 1 91  ? -4.945  6.398   -15.994 1.00 36.26 ? 79  LEU A CD2 1 
ATOM   590  N  N   . GLY A 1 92  ? -1.081  3.183   -17.793 1.00 27.11 ? 80  GLY A N   1 
ATOM   591  C  CA  . GLY A 1 92  ? -0.830  1.757   -17.708 1.00 27.92 ? 80  GLY A CA  1 
ATOM   592  C  C   . GLY A 1 92  ? -0.197  1.113   -18.940 1.00 28.22 ? 80  GLY A C   1 
ATOM   593  O  O   . GLY A 1 92  ? -0.433  -0.080  -19.201 1.00 29.27 ? 80  GLY A O   1 
ATOM   594  N  N   . ASP A 1 93  ? 0.586   1.884   -19.696 1.00 25.38 ? 81  ASP A N   1 
ATOM   595  C  CA  . ASP A 1 93  ? 1.413   1.344   -20.780 1.00 26.06 ? 81  ASP A CA  1 
ATOM   596  C  C   . ASP A 1 93  ? 2.808   1.975   -20.788 1.00 28.76 ? 81  ASP A C   1 
ATOM   597  O  O   . ASP A 1 93  ? 3.053   3.016   -20.145 1.00 23.10 ? 81  ASP A O   1 
ATOM   598  C  CB  . ASP A 1 93  ? 0.760   1.608   -22.137 1.00 26.31 ? 81  ASP A CB  1 
ATOM   599  C  CG  . ASP A 1 93  ? 0.889   0.434   -23.117 1.00 32.58 ? 81  ASP A CG  1 
ATOM   600  O  OD1 . ASP A 1 93  ? 1.797   -0.449  -22.972 1.00 35.31 ? 81  ASP A OD1 1 
ATOM   601  O  OD2 . ASP A 1 93  ? 0.091   0.325   -24.077 1.00 34.97 ? 81  ASP A OD2 1 
ATOM   602  N  N   . TRP A 1 94  ? 3.687   1.356   -21.569 1.00 29.37 ? 82  TRP A N   1 
ATOM   603  C  CA  . TRP A 1 94  ? 5.037   1.847   -21.837 1.00 33.30 ? 82  TRP A CA  1 
ATOM   604  C  C   . TRP A 1 94  ? 5.029   2.945   -22.905 1.00 34.83 ? 82  TRP A C   1 
ATOM   605  O  O   . TRP A 1 94  ? 4.157   2.979   -23.790 1.00 34.13 ? 82  TRP A O   1 
ATOM   606  C  CB  . TRP A 1 94  ? 5.966   0.667   -22.222 1.00 33.95 ? 82  TRP A CB  1 
ATOM   607  C  CG  . TRP A 1 94  ? 5.990   -0.415  -21.122 1.00 34.20 ? 82  TRP A CG  1 
ATOM   608  C  CD1 . TRP A 1 94  ? 5.043   -1.382  -20.898 1.00 31.05 ? 82  TRP A CD1 1 
ATOM   609  C  CD2 . TRP A 1 94  ? 6.976   -0.587  -20.080 1.00 29.26 ? 82  TRP A CD2 1 
ATOM   610  N  NE1 . TRP A 1 94  ? 5.375   -2.134  -19.795 1.00 26.82 ? 82  TRP A NE1 1 
ATOM   611  C  CE2 . TRP A 1 94  ? 6.556   -1.671  -19.274 1.00 28.10 ? 82  TRP A CE2 1 
ATOM   612  C  CE3 . TRP A 1 94  ? 8.159   0.070   -19.744 1.00 23.88 ? 82  TRP A CE3 1 
ATOM   613  C  CZ2 . TRP A 1 94  ? 7.282   -2.116  -18.172 1.00 35.83 ? 82  TRP A CZ2 1 
ATOM   614  C  CZ3 . TRP A 1 94  ? 8.880   -0.368  -18.655 1.00 32.88 ? 82  TRP A CZ3 1 
ATOM   615  C  CH2 . TRP A 1 94  ? 8.439   -1.446  -17.874 1.00 38.04 ? 82  TRP A CH2 1 
ATOM   616  N  N   . THR A 1 95  ? 5.978   3.876   -22.784 1.00 35.06 ? 83  THR A N   1 
ATOM   617  C  CA  . THR A 1 95  ? 6.104   5.009   -23.705 1.00 33.32 ? 83  THR A CA  1 
ATOM   618  C  C   . THR A 1 95  ? 7.446   5.721   -23.513 1.00 33.25 ? 83  THR A C   1 
ATOM   619  O  O   . THR A 1 95  ? 8.250   5.297   -22.686 1.00 35.78 ? 83  THR A O   1 
ATOM   620  C  CB  . THR A 1 95  ? 4.892   5.977   -23.530 1.00 34.30 ? 83  THR A CB  1 
ATOM   621  O  OG1 . THR A 1 95  ? 4.867   6.937   -24.596 1.00 30.17 ? 83  THR A OG1 1 
ATOM   622  C  CG2 . THR A 1 95  ? 4.970   6.788   -22.243 1.00 31.65 ? 83  THR A CG2 1 
ATOM   623  N  N   . ASP A 1 96  ? 7.721   6.759   -24.301 1.00 33.26 ? 84  ASP A N   1 
ATOM   624  C  CA  . ASP A 1 96  ? 8.874   7.625   -24.036 1.00 35.77 ? 84  ASP A CA  1 
ATOM   625  C  C   . ASP A 1 96  ? 8.411   9.008   -23.689 1.00 34.52 ? 84  ASP A C   1 
ATOM   626  O  O   . ASP A 1 96  ? 7.529   9.544   -24.358 1.00 38.85 ? 84  ASP A O   1 
ATOM   627  C  CB  . ASP A 1 96  ? 9.818   7.719   -25.234 1.00 37.79 ? 84  ASP A CB  1 
ATOM   628  C  CG  . ASP A 1 96  ? 10.348  6.370   -25.665 1.00 45.06 ? 84  ASP A CG  1 
ATOM   629  O  OD1 . ASP A 1 96  ? 10.287  5.414   -24.867 1.00 42.86 ? 84  ASP A OD1 1 
ATOM   630  O  OD2 . ASP A 1 96  ? 10.838  6.173   -26.798 1.00 55.99 ? 84  ASP A OD2 1 
ATOM   631  N  N   . LEU A 1 97  ? 9.041   9.597   -22.669 1.00 31.93 ? 85  LEU A N   1 
ATOM   632  C  CA  . LEU A 1 97  ? 8.726   10.942  -22.210 1.00 32.94 ? 85  LEU A CA  1 
ATOM   633  C  C   . LEU A 1 97  ? 9.842   11.928  -22.551 1.00 33.86 ? 85  LEU A C   1 
ATOM   634  O  O   . LEU A 1 97  ? 10.884  11.918  -21.903 1.00 34.29 ? 85  LEU A O   1 
ATOM   635  C  CB  . LEU A 1 97  ? 8.496   10.936  -20.687 1.00 29.31 ? 85  LEU A CB  1 
ATOM   636  C  CG  . LEU A 1 97  ? 7.356   10.058  -20.186 1.00 28.42 ? 85  LEU A CG  1 
ATOM   637  C  CD1 . LEU A 1 97  ? 7.304   10.038  -18.679 1.00 26.91 ? 85  LEU A CD1 1 
ATOM   638  C  CD2 . LEU A 1 97  ? 6.017   10.543  -20.773 1.00 31.70 ? 85  LEU A CD2 1 
ATOM   639  N  N   . LYS A 1 98  ? 9.591   12.823  -23.508 1.00 34.07 ? 86  LYS A N   1 
ATOM   640  C  CA  . LYS A 1 98  ? 10.551  13.864  -23.872 1.00 33.97 ? 86  LYS A CA  1 
ATOM   641  C  C   . LYS A 1 98  ? 10.410  15.110  -23.014 1.00 33.34 ? 86  LYS A C   1 
ATOM   642  O  O   . LYS A 1 98  ? 9.307   15.581  -22.787 1.00 35.69 ? 86  LYS A O   1 
ATOM   643  C  CB  . LYS A 1 98  ? 10.378  14.262  -25.348 1.00 36.61 ? 86  LYS A CB  1 
ATOM   644  N  N   . ASN A 1 99  ? 11.537  15.653  -22.558 1.00 31.28 ? 87  ASN A N   1 
ATOM   645  C  CA  . ASN A 1 99  ? 11.575  16.957  -21.898 1.00 29.98 ? 87  ASN A CA  1 
ATOM   646  C  C   . ASN A 1 99  ? 10.628  17.049  -20.684 1.00 28.56 ? 87  ASN A C   1 
ATOM   647  O  O   . ASN A 1 99  ? 9.687   17.863  -20.630 1.00 28.72 ? 87  ASN A O   1 
ATOM   648  C  CB  . ASN A 1 99  ? 11.290  18.084  -22.892 1.00 32.47 ? 87  ASN A CB  1 
ATOM   649  C  CG  . ASN A 1 99  ? 11.695  19.449  -22.349 1.00 36.72 ? 87  ASN A CG  1 
ATOM   650  O  OD1 . ASN A 1 99  ? 12.825  19.617  -21.883 1.00 36.61 ? 87  ASN A OD1 1 
ATOM   651  N  ND2 . ASN A 1 99  ? 10.764  20.411  -22.365 1.00 36.09 ? 87  ASN A ND2 1 
ATOM   652  N  N   . VAL A 1 100 ? 10.896  16.199  -19.701 1.00 24.93 ? 88  VAL A N   1 
ATOM   653  C  CA  . VAL A 1 100 ? 10.147  16.239  -18.470 1.00 21.33 ? 88  VAL A CA  1 
ATOM   654  C  C   . VAL A 1 100 ? 11.058  16.624  -17.333 1.00 22.69 ? 88  VAL A C   1 
ATOM   655  O  O   . VAL A 1 100 ? 12.265  16.389  -17.381 1.00 25.29 ? 88  VAL A O   1 
ATOM   656  C  CB  . VAL A 1 100 ? 9.392   14.906  -18.230 1.00 18.38 ? 88  VAL A CB  1 
ATOM   657  C  CG1 . VAL A 1 100 ? 8.252   14.784  -19.215 1.00 20.87 ? 88  VAL A CG1 1 
ATOM   658  C  CG2 . VAL A 1 100 ? 10.283  13.724  -18.348 1.00 21.33 ? 88  VAL A CG2 1 
ATOM   659  N  N   . PHE A 1 101 ? 10.481  17.255  -16.322 1.00 21.50 ? 89  PHE A N   1 
ATOM   660  C  CA  . PHE A 1 101 ? 11.167  17.588  -15.096 1.00 20.94 ? 89  PHE A CA  1 
ATOM   661  C  C   . PHE A 1 101 ? 11.046  16.454  -14.072 1.00 23.05 ? 89  PHE A C   1 
ATOM   662  O  O   . PHE A 1 101 ? 9.954   16.123  -13.630 1.00 20.54 ? 89  PHE A O   1 
ATOM   663  C  CB  . PHE A 1 101 ? 10.607  18.882  -14.537 1.00 17.81 ? 89  PHE A CB  1 
ATOM   664  C  CG  . PHE A 1 101 ? 11.326  19.388  -13.335 1.00 20.86 ? 89  PHE A CG  1 
ATOM   665  C  CD1 . PHE A 1 101 ? 12.433  20.174  -13.476 1.00 24.94 ? 89  PHE A CD1 1 
ATOM   666  C  CD2 . PHE A 1 101 ? 10.867  19.097  -12.062 1.00 32.09 ? 89  PHE A CD2 1 
ATOM   667  C  CE1 . PHE A 1 101 ? 13.099  20.680  -12.372 1.00 33.11 ? 89  PHE A CE1 1 
ATOM   668  C  CE2 . PHE A 1 101 ? 11.517  19.595  -10.943 1.00 35.24 ? 89  PHE A CE2 1 
ATOM   669  C  CZ  . PHE A 1 101 ? 12.639  20.393  -11.100 1.00 31.95 ? 89  PHE A CZ  1 
ATOM   670  N  N   . VAL A 1 102 ? 12.183  15.874  -13.684 1.00 22.20 ? 90  VAL A N   1 
ATOM   671  C  CA  . VAL A 1 102 ? 12.204  14.859  -12.639 1.00 20.37 ? 90  VAL A CA  1 
ATOM   672  C  C   . VAL A 1 102 ? 12.190  15.448  -11.267 1.00 22.05 ? 90  VAL A C   1 
ATOM   673  O  O   . VAL A 1 102 ? 13.114  16.115  -10.865 1.00 25.00 ? 90  VAL A O   1 
ATOM   674  C  CB  . VAL A 1 102 ? 13.413  13.969  -12.771 1.00 23.81 ? 90  VAL A CB  1 
ATOM   675  C  CG1 . VAL A 1 102 ? 13.411  12.880  -11.643 1.00 25.12 ? 90  VAL A CG1 1 
ATOM   676  C  CG2 . VAL A 1 102 ? 13.454  13.356  -14.129 1.00 27.30 ? 90  VAL A CG2 1 
ATOM   677  N  N   . GLU A 1 103 ? 11.133  15.202  -10.528 1.00 24.39 ? 91  GLU A N   1 
ATOM   678  C  CA  . GLU A 1 103 ? 10.959  15.809  -9.225  1.00 28.12 ? 91  GLU A CA  1 
ATOM   679  C  C   . GLU A 1 103 ? 11.345  14.865  -8.070  1.00 29.23 ? 91  GLU A C   1 
ATOM   680  O  O   . GLU A 1 103 ? 11.888  15.297  -7.052  1.00 30.72 ? 91  GLU A O   1 
ATOM   681  C  CB  . GLU A 1 103 ? 9.501   16.218  -9.092  1.00 26.66 ? 91  GLU A CB  1 
ATOM   682  C  CG  . GLU A 1 103 ? 9.234   17.053  -7.868  1.00 41.28 ? 91  GLU A CG  1 
ATOM   683  C  CD  . GLU A 1 103 ? 7.768   17.261  -7.675  1.00 48.63 ? 91  GLU A CD  1 
ATOM   684  O  OE1 . GLU A 1 103 ? 7.015   16.270  -7.789  1.00 53.26 ? 91  GLU A OE1 1 
ATOM   685  O  OE2 . GLU A 1 103 ? 7.380   18.411  -7.429  1.00 50.89 ? 91  GLU A OE2 1 
ATOM   686  N  N   . GLU A 1 104 ? 11.033  13.587  -8.226  1.00 28.15 ? 92  GLU A N   1 
ATOM   687  C  CA  . GLU A 1 104 ? 11.285  12.574  -7.193  1.00 28.20 ? 92  GLU A CA  1 
ATOM   688  C  C   . GLU A 1 104 ? 11.650  11.232  -7.857  1.00 24.71 ? 92  GLU A C   1 
ATOM   689  O  O   . GLU A 1 104 ? 11.131  10.881  -8.926  1.00 23.05 ? 92  GLU A O   1 
ATOM   690  C  CB  . GLU A 1 104 ? 10.049  12.391  -6.267  1.00 31.99 ? 92  GLU A CB  1 
ATOM   691  C  CG  . GLU A 1 104 ? 9.517   13.684  -5.631  1.00 40.84 ? 92  GLU A CG  1 
ATOM   692  C  CD  . GLU A 1 104 ? 8.447   13.465  -4.553  1.00 54.08 ? 92  GLU A CD  1 
ATOM   693  O  OE1 . GLU A 1 104 ? 8.289   12.317  -4.069  1.00 52.05 ? 92  GLU A OE1 1 
ATOM   694  O  OE2 . GLU A 1 104 ? 7.765   14.458  -4.172  1.00 56.93 ? 92  GLU A OE2 1 
ATOM   695  N  N   . ILE A 1 105 ? 12.549  10.491  -7.214  1.00 24.23 ? 93  ILE A N   1 
ATOM   696  C  CA  . ILE A 1 105 ? 12.887  9.110   -7.588  1.00 21.33 ? 93  ILE A CA  1 
ATOM   697  C  C   . ILE A 1 105 ? 12.788  8.277   -6.312  1.00 21.55 ? 93  ILE A C   1 
ATOM   698  O  O   . ILE A 1 105 ? 13.294  8.683   -5.275  1.00 22.91 ? 93  ILE A O   1 
ATOM   699  C  CB  . ILE A 1 105 ? 14.305  9.074   -8.151  1.00 22.18 ? 93  ILE A CB  1 
ATOM   700  C  CG1 . ILE A 1 105 ? 14.479  10.070  -9.301  1.00 26.37 ? 93  ILE A CG1 1 
ATOM   701  C  CG2 . ILE A 1 105 ? 14.730  7.664   -8.610  1.00 24.44 ? 93  ILE A CG2 1 
ATOM   702  C  CD1 . ILE A 1 105 ? 15.951  10.489  -9.457  1.00 27.76 ? 93  ILE A CD1 1 
ATOM   703  N  N   . ASP A 1 106 ? 12.128  7.135   -6.378  1.00 19.58 ? 94  ASP A N   1 
ATOM   704  C  CA  . ASP A 1 106 ? 12.008  6.223   -5.248  1.00 23.15 ? 94  ASP A CA  1 
ATOM   705  C  C   . ASP A 1 106 ? 12.440  4.862   -5.686  1.00 22.27 ? 94  ASP A C   1 
ATOM   706  O  O   . ASP A 1 106 ? 11.978  4.383   -6.718  1.00 22.67 ? 94  ASP A O   1 
ATOM   707  C  CB  . ASP A 1 106 ? 10.561  6.138   -4.786  1.00 22.01 ? 94  ASP A CB  1 
ATOM   708  C  CG  . ASP A 1 106 ? 10.198  7.294   -3.889  1.00 36.82 ? 94  ASP A CG  1 
ATOM   709  O  OD1 . ASP A 1 106 ? 10.565  7.232   -2.696  1.00 45.79 ? 94  ASP A OD1 1 
ATOM   710  O  OD2 . ASP A 1 106 ? 9.587   8.308   -4.293  1.00 40.32 ? 94  ASP A OD2 1 
ATOM   711  N  N   . TYR A 1 107 ? 13.311  4.242   -4.904  1.00 21.36 ? 95  TYR A N   1 
ATOM   712  C  CA  . TYR A 1 107 ? 13.792  2.882   -5.176  1.00 25.44 ? 95  TYR A CA  1 
ATOM   713  C  C   . TYR A 1 107 ? 12.767  1.932   -4.572  1.00 23.87 ? 95  TYR A C   1 
ATOM   714  O  O   . TYR A 1 107 ? 12.265  2.194   -3.510  1.00 27.15 ? 95  TYR A O   1 
ATOM   715  C  CB  . TYR A 1 107 ? 15.173  2.676   -4.534  1.00 28.22 ? 95  TYR A CB  1 
ATOM   716  C  CG  . TYR A 1 107 ? 15.850  1.363   -4.910  1.00 28.22 ? 95  TYR A CG  1 
ATOM   717  C  CD1 . TYR A 1 107 ? 15.927  0.946   -6.232  1.00 36.96 ? 95  TYR A CD1 1 
ATOM   718  C  CD2 . TYR A 1 107 ? 16.411  0.549   -3.945  1.00 36.40 ? 95  TYR A CD2 1 
ATOM   719  C  CE1 . TYR A 1 107 ? 16.548  -0.253  -6.581  1.00 44.16 ? 95  TYR A CE1 1 
ATOM   720  C  CE2 . TYR A 1 107 ? 17.031  -0.655  -4.285  1.00 40.02 ? 95  TYR A CE2 1 
ATOM   721  C  CZ  . TYR A 1 107 ? 17.102  -1.042  -5.600  1.00 42.12 ? 95  TYR A CZ  1 
ATOM   722  O  OH  . TYR A 1 107 ? 17.712  -2.230  -5.945  1.00 46.50 ? 95  TYR A OH  1 
ATOM   723  N  N   . LEU A 1 108 ? 12.358  0.897   -5.287  1.00 20.86 ? 96  LEU A N   1 
ATOM   724  C  CA  . LEU A 1 108 ? 11.364  -0.013  -4.730  1.00 20.19 ? 96  LEU A CA  1 
ATOM   725  C  C   . LEU A 1 108 ? 12.074  -1.049  -3.863  1.00 18.63 ? 96  LEU A C   1 
ATOM   726  O  O   . LEU A 1 108 ? 13.133  -1.522  -4.241  1.00 21.33 ? 96  LEU A O   1 
ATOM   727  C  CB  . LEU A 1 108 ? 10.575  -0.705  -5.854  1.00 23.83 ? 96  LEU A CB  1 
ATOM   728  C  CG  . LEU A 1 108 ? 9.439   0.173   -6.414  1.00 23.26 ? 96  LEU A CG  1 
ATOM   729  C  CD1 . LEU A 1 108 ? 9.930   1.244   -7.283  1.00 25.03 ? 96  LEU A CD1 1 
ATOM   730  C  CD2 . LEU A 1 108 ? 8.451   -0.719  -7.146  1.00 25.15 ? 96  LEU A CD2 1 
ATOM   731  N  N   . ASP A 1 109 ? 11.495  -1.432  -2.731  1.00 19.56 ? 97  ASP A N   1 
ATOM   732  C  CA  . ASP A 1 109 ? 11.987  -2.603  -2.008  1.00 22.00 ? 97  ASP A CA  1 
ATOM   733  C  C   . ASP A 1 109 ? 11.624  -3.922  -2.726  1.00 21.93 ? 97  ASP A C   1 
ATOM   734  O  O   . ASP A 1 109 ? 10.677  -3.970  -3.491  1.00 19.58 ? 97  ASP A O   1 
ATOM   735  C  CB  . ASP A 1 109 ? 11.367  -2.675  -0.617  1.00 22.88 ? 97  ASP A CB  1 
ATOM   736  C  CG  . ASP A 1 109 ? 11.851  -1.592  0.321   1.00 34.65 ? 97  ASP A CG  1 
ATOM   737  O  OD1 . ASP A 1 109 ? 12.930  -0.991  0.097   1.00 40.69 ? 97  ASP A OD1 1 
ATOM   738  O  OD2 . ASP A 1 109 ? 11.199  -1.311  1.355   1.00 40.15 ? 97  ASP A OD2 1 
ATOM   739  N  N   . SER A 1 110 ? 12.382  -4.974  -2.436  1.00 21.26 ? 98  SER A N   1 
ATOM   740  C  CA  . SER A 1 110 ? 12.188  -6.316  -2.968  1.00 24.57 ? 98  SER A CA  1 
ATOM   741  C  C   . SER A 1 110 ? 11.750  -7.246  -1.853  1.00 22.87 ? 98  SER A C   1 
ATOM   742  O  O   . SER A 1 110 ? 12.349  -7.222  -0.798  1.00 23.66 ? 98  SER A O   1 
ATOM   743  C  CB  . SER A 1 110 ? 13.493  -6.864  -3.509  1.00 27.31 ? 98  SER A CB  1 
ATOM   744  O  OG  . SER A 1 110 ? 13.933  -6.111  -4.609  1.00 35.83 ? 98  SER A OG  1 
ATOM   745  N  N   . TYR A 1 111 ? 10.692  -8.026  -2.058  1.00 21.21 ? 99  TYR A N   1 
ATOM   746  C  CA  . TYR A 1 111 ? 10.326  -9.084  -1.091  1.00 21.68 ? 99  TYR A CA  1 
ATOM   747  C  C   . TYR A 1 111 ? 9.894   -10.294 -1.902  1.00 20.69 ? 99  TYR A C   1 
ATOM   748  O  O   . TYR A 1 111 ? 8.830   -10.282 -2.487  1.00 20.81 ? 99  TYR A O   1 
ATOM   749  C  CB  . TYR A 1 111 ? 9.222   -8.621  -0.129  1.00 21.63 ? 99  TYR A CB  1 
ATOM   750  C  CG  . TYR A 1 111 ? 9.014   -9.535  1.061   1.00 23.27 ? 99  TYR A CG  1 
ATOM   751  C  CD1 . TYR A 1 111 ? 9.946   -9.577  2.092   1.00 31.90 ? 99  TYR A CD1 1 
ATOM   752  C  CD2 . TYR A 1 111 ? 7.927   -10.390 1.135   1.00 30.26 ? 99  TYR A CD2 1 
ATOM   753  C  CE1 . TYR A 1 111 ? 9.787   -10.434 3.167   1.00 31.78 ? 99  TYR A CE1 1 
ATOM   754  C  CE2 . TYR A 1 111 ? 7.749   -11.245 2.220   1.00 32.14 ? 99  TYR A CE2 1 
ATOM   755  C  CZ  . TYR A 1 111 ? 8.683   -11.262 3.235   1.00 34.38 ? 99  TYR A CZ  1 
ATOM   756  O  OH  . TYR A 1 111 ? 8.532   -12.115 4.329   1.00 41.43 ? 99  TYR A OH  1 
ATOM   757  N  N   . GLY A 1 112 ? 10.760  -11.297 -1.993  1.00 24.11 ? 100 GLY A N   1 
ATOM   758  C  CA  . GLY A 1 112 ? 10.620  -12.356 -2.998  1.00 26.60 ? 100 GLY A CA  1 
ATOM   759  C  C   . GLY A 1 112 ? 10.627  -11.808 -4.432  1.00 23.66 ? 100 GLY A C   1 
ATOM   760  O  O   . GLY A 1 112 ? 11.503  -11.031 -4.798  1.00 25.72 ? 100 GLY A O   1 
ATOM   761  N  N   . ASP A 1 113 ? 9.623   -12.183 -5.214  1.00 25.15 ? 101 ASP A N   1 
ATOM   762  C  CA  . ASP A 1 113 ? 9.374   -11.616 -6.563  1.00 25.99 ? 101 ASP A CA  1 
ATOM   763  C  C   . ASP A 1 113 ? 8.636   -10.285 -6.592  1.00 23.76 ? 101 ASP A C   1 
ATOM   764  O  O   . ASP A 1 113 ? 8.481   -9.659  -7.669  1.00 25.71 ? 101 ASP A O   1 
ATOM   765  C  CB  . ASP A 1 113 ? 8.549   -12.594 -7.392  1.00 26.12 ? 101 ASP A CB  1 
ATOM   766  C  CG  . ASP A 1 113 ? 9.244   -13.896 -7.603  1.00 32.40 ? 101 ASP A CG  1 
ATOM   767  O  OD1 . ASP A 1 113 ? 10.443  -13.997 -7.234  1.00 35.09 ? 101 ASP A OD1 1 
ATOM   768  O  OD2 . ASP A 1 113 ? 8.666   -14.880 -8.114  1.00 34.32 ? 101 ASP A OD2 1 
HETATM 769  N  N   . MSE A 1 114 ? 8.179   -9.837  -5.429  1.00 20.59 ? 102 MSE A N   1 
HETATM 770  C  CA  . MSE A 1 114 ? 7.410   -8.602  -5.351  1.00 21.60 ? 102 MSE A CA  1 
HETATM 771  C  C   . MSE A 1 114 ? 8.337   -7.388  -5.220  1.00 20.40 ? 102 MSE A C   1 
HETATM 772  O  O   . MSE A 1 114 ? 9.395   -7.451  -4.567  1.00 20.13 ? 102 MSE A O   1 
HETATM 773  C  CB  . MSE A 1 114 ? 6.362   -8.756  -4.239  1.00 23.07 ? 102 MSE A CB  1 
HETATM 774  C  CG  . MSE A 1 114 ? 5.867   -7.611  -3.489  1.00 34.22 ? 102 MSE A CG  1 
HETATM 775  SE SE  . MSE A 1 114 ? 4.674   -8.345  -1.959  1.00 49.60 ? 102 MSE A SE  1 
HETATM 776  C  CE  . MSE A 1 114 ? 3.727   -9.759  -2.754  1.00 39.23 ? 102 MSE A CE  1 
ATOM   777  N  N   . LYS A 1 115 ? 7.946   -6.308  -5.902  1.00 16.48 ? 103 LYS A N   1 
ATOM   778  C  CA  . LYS A 1 115 ? 8.501   -4.968  -5.692  1.00 17.78 ? 103 LYS A CA  1 
ATOM   779  C  C   . LYS A 1 115 ? 7.461   -4.063  -5.022  1.00 16.88 ? 103 LYS A C   1 
ATOM   780  O  O   . LYS A 1 115 ? 6.306   -4.062  -5.352  1.00 19.72 ? 103 LYS A O   1 
ATOM   781  C  CB  . LYS A 1 115 ? 8.955   -4.346  -7.000  1.00 16.59 ? 103 LYS A CB  1 
ATOM   782  C  CG  . LYS A 1 115 ? 9.998   -5.095  -7.695  1.00 20.82 ? 103 LYS A CG  1 
ATOM   783  C  CD  . LYS A 1 115 ? 11.262  -5.356  -6.850  1.00 26.09 ? 103 LYS A CD  1 
ATOM   784  C  CE  . LYS A 1 115 ? 12.290  -4.328  -7.041  1.00 31.36 ? 103 LYS A CE  1 
ATOM   785  N  NZ  . LYS A 1 115 ? 12.989  -4.558  -8.324  1.00 38.00 ? 103 LYS A NZ  1 
ATOM   786  N  N   . ILE A 1 116 ? 7.918   -3.271  -4.083  1.00 16.71 ? 104 ILE A N   1 
ATOM   787  C  CA  . ILE A 1 116 ? 7.036   -2.549  -3.177  1.00 18.72 ? 104 ILE A CA  1 
ATOM   788  C  C   . ILE A 1 116 ? 7.495   -1.100  -3.130  1.00 16.16 ? 104 ILE A C   1 
ATOM   789  O  O   . ILE A 1 116 ? 8.663   -0.811  -2.831  1.00 17.31 ? 104 ILE A O   1 
ATOM   790  C  CB  . ILE A 1 116 ? 7.107   -3.156  -1.759  1.00 20.93 ? 104 ILE A CB  1 
ATOM   791  C  CG1 . ILE A 1 116 ? 6.681   -4.624  -1.775  1.00 22.50 ? 104 ILE A CG1 1 
ATOM   792  C  CG2 . ILE A 1 116 ? 6.313   -2.310  -0.775  1.00 23.31 ? 104 ILE A CG2 1 
ATOM   793  C  CD1 . ILE A 1 116 ? 7.496   -5.443  -0.925  1.00 34.51 ? 104 ILE A CD1 1 
ATOM   794  N  N   . LEU A 1 117 ? 6.554   -0.226  -3.439  1.00 19.31 ? 105 LEU A N   1 
ATOM   795  C  CA  . LEU A 1 117 ? 6.681   1.216   -3.336  1.00 22.17 ? 105 LEU A CA  1 
ATOM   796  C  C   . LEU A 1 117 ? 5.867   1.674   -2.128  1.00 23.48 ? 105 LEU A C   1 
ATOM   797  O  O   . LEU A 1 117 ? 4.685   1.378   -2.015  1.00 25.24 ? 105 LEU A O   1 
ATOM   798  C  CB  . LEU A 1 117 ? 6.094   1.869   -4.570  1.00 21.76 ? 105 LEU A CB  1 
ATOM   799  C  CG  . LEU A 1 117 ? 6.267   3.377   -4.743  1.00 27.69 ? 105 LEU A CG  1 
ATOM   800  C  CD1 . LEU A 1 117 ? 7.746   3.825   -4.716  1.00 31.10 ? 105 LEU A CD1 1 
ATOM   801  C  CD2 . LEU A 1 117 ? 5.611   3.746   -6.065  1.00 32.79 ? 105 LEU A CD2 1 
ATOM   802  N  N   . SER A 1 118 ? 6.512   2.376   -1.219  1.00 23.63 ? 106 SER A N   1 
ATOM   803  C  CA  . SER A 1 118 ? 5.859   2.840   -0.025  1.00 29.56 ? 106 SER A CA  1 
ATOM   804  C  C   . SER A 1 118 ? 5.847   4.354   0.053   1.00 31.25 ? 106 SER A C   1 
ATOM   805  O  O   . SER A 1 118 ? 6.888   5.008   -0.082  1.00 28.93 ? 106 SER A O   1 
ATOM   806  C  CB  . SER A 1 118 ? 6.609   2.310   1.194   1.00 28.57 ? 106 SER A CB  1 
ATOM   807  O  OG  . SER A 1 118 ? 6.056   2.904   2.345   1.00 48.19 ? 106 SER A OG  1 
ATOM   808  N  N   . GLU A 1 119 ? 4.676   4.902   0.335   1.00 33.64 ? 107 GLU A N   1 
ATOM   809  C  CA  . GLU A 1 119 ? 4.555   6.297   0.709   1.00 36.22 ? 107 GLU A CA  1 
ATOM   810  C  C   . GLU A 1 119 ? 3.695   6.399   1.969   1.00 32.08 ? 107 GLU A C   1 
ATOM   811  O  O   . GLU A 1 119 ? 2.511   6.231   1.895   1.00 29.34 ? 107 GLU A O   1 
ATOM   812  C  CB  . GLU A 1 119 ? 3.991   7.112   -0.480  1.00 39.16 ? 107 GLU A CB  1 
ATOM   813  C  CG  . GLU A 1 119 ? 2.740   6.534   -1.146  1.00 52.65 ? 107 GLU A CG  1 
ATOM   814  C  CD  . GLU A 1 119 ? 3.017   5.704   -2.405  1.00 65.52 ? 107 GLU A CD  1 
ATOM   815  O  OE1 . GLU A 1 119 ? 2.597   4.497   -2.453  1.00 61.25 ? 107 GLU A OE1 1 
ATOM   816  O  OE2 . GLU A 1 119 ? 3.638   6.267   -3.345  1.00 62.16 ? 107 GLU A OE2 1 
ATOM   817  N  N   . LYS A 1 120 ? 4.312   6.696   3.119   1.00 34.80 ? 108 LYS A N   1 
ATOM   818  C  CA  . LYS A 1 120 ? 3.678   6.648   4.453   1.00 36.23 ? 108 LYS A CA  1 
ATOM   819  C  C   . LYS A 1 120 ? 2.848   5.379   4.708   1.00 34.08 ? 108 LYS A C   1 
ATOM   820  O  O   . LYS A 1 120 ? 3.435   4.304   4.897   1.00 33.82 ? 108 LYS A O   1 
ATOM   821  C  CB  . LYS A 1 120 ? 2.888   7.931   4.799   1.00 38.31 ? 108 LYS A CB  1 
ATOM   822  C  CG  . LYS A 1 120 ? 1.822   8.368   3.835   1.00 37.75 ? 108 LYS A CG  1 
ATOM   823  C  CD  . LYS A 1 120 ? 2.335   9.291   2.756   1.00 47.04 ? 108 LYS A CD  1 
ATOM   824  C  CE  A LYS A 1 120 ? 1.229   9.623   1.756   0.65 45.95 ? 108 LYS A CE  1 
ATOM   825  C  CE  B LYS A 1 120 ? 1.201   9.714   1.847   0.35 40.12 ? 108 LYS A CE  1 
ATOM   826  N  NZ  A LYS A 1 120 ? 0.568   8.384   1.188   0.65 37.83 ? 108 LYS A NZ  1 
ATOM   827  N  NZ  B LYS A 1 120 ? 0.140   10.357  2.663   0.35 23.93 ? 108 LYS A NZ  1 
ATOM   828  N  N   . ASN A 1 121 ? 1.513   5.492   4.702   1.00 30.75 ? 109 ASN A N   1 
ATOM   829  C  CA  . ASN A 1 121 ? 0.655   4.336   4.941   1.00 29.23 ? 109 ASN A CA  1 
ATOM   830  C  C   . ASN A 1 121 ? 0.005   3.750   3.645   1.00 26.06 ? 109 ASN A C   1 
ATOM   831  O  O   . ASN A 1 121 ? -0.895  2.937   3.699   1.00 24.78 ? 109 ASN A O   1 
ATOM   832  C  CB  A ASN A 1 121 ? -0.346  4.575   6.111   0.65 29.36 ? 109 ASN A CB  1 
ATOM   833  C  CB  B ASN A 1 121 ? -0.417  4.711   5.993   0.35 29.37 ? 109 ASN A CB  1 
ATOM   834  C  CG  A ASN A 1 121 ? -1.503  5.467   5.752   0.65 25.15 ? 109 ASN A CG  1 
ATOM   835  C  CG  B ASN A 1 121 ? 0.194   5.256   7.296   0.35 31.36 ? 109 ASN A CG  1 
ATOM   836  O  OD1 A ASN A 1 121 ? -1.374  6.393   4.952   0.65 32.39 ? 109 ASN A OD1 1 
ATOM   837  O  OD1 B ASN A 1 121 ? 1.145   4.685   7.830   0.35 31.16 ? 109 ASN A OD1 1 
ATOM   838  N  ND2 A ASN A 1 121 ? -2.657  5.194   6.354   0.65 29.80 ? 109 ASN A ND2 1 
ATOM   839  N  ND2 B ASN A 1 121 ? -0.357  6.359   7.809   0.35 30.68 ? 109 ASN A ND2 1 
ATOM   840  N  N   . TRP A 1 122 ? 0.519   4.162   2.485   1.00 26.44 ? 110 TRP A N   1 
ATOM   841  C  CA  . TRP A 1 122 ? 0.007   3.756   1.163   1.00 27.46 ? 110 TRP A CA  1 
ATOM   842  C  C   . TRP A 1 122 ? 1.080   2.923   0.459   1.00 24.55 ? 110 TRP A C   1 
ATOM   843  O  O   . TRP A 1 122 ? 2.208   3.373   0.326   1.00 25.44 ? 110 TRP A O   1 
ATOM   844  C  CB  . TRP A 1 122 ? -0.321  4.991   0.298   1.00 24.07 ? 110 TRP A CB  1 
ATOM   845  C  CG  . TRP A 1 122 ? -1.533  5.722   0.811   1.00 33.01 ? 110 TRP A CG  1 
ATOM   846  C  CD1 . TRP A 1 122 ? -1.595  6.553   1.890   1.00 43.62 ? 110 TRP A CD1 1 
ATOM   847  C  CD2 . TRP A 1 122 ? -2.870  5.667   0.273   1.00 42.25 ? 110 TRP A CD2 1 
ATOM   848  N  NE1 . TRP A 1 122 ? -2.879  7.024   2.061   1.00 46.11 ? 110 TRP A NE1 1 
ATOM   849  C  CE2 . TRP A 1 122 ? -3.684  6.501   1.081   1.00 43.84 ? 110 TRP A CE2 1 
ATOM   850  C  CE3 . TRP A 1 122 ? -3.465  5.006   -0.817  1.00 45.17 ? 110 TRP A CE3 1 
ATOM   851  C  CZ2 . TRP A 1 122 ? -5.055  6.686   0.840   1.00 42.29 ? 110 TRP A CZ2 1 
ATOM   852  C  CZ3 . TRP A 1 122 ? -4.839  5.191   -1.048  1.00 43.15 ? 110 TRP A CZ3 1 
ATOM   853  C  CH2 . TRP A 1 122 ? -5.605  6.020   -0.225  1.00 44.53 ? 110 TRP A CH2 1 
ATOM   854  N  N   . TYR A 1 123 ? 0.722   1.732   0.011   1.00 19.41 ? 111 TYR A N   1 
ATOM   855  C  CA  . TYR A 1 123 ? 1.692   0.813   -0.563  1.00 20.94 ? 111 TYR A CA  1 
ATOM   856  C  C   . TYR A 1 123 ? 1.204   0.389   -1.926  1.00 19.89 ? 111 TYR A C   1 
ATOM   857  O  O   . TYR A 1 123 ? 0.033   0.245   -2.114  1.00 17.40 ? 111 TYR A O   1 
ATOM   858  C  CB  . TYR A 1 123 ? 1.871   -0.417  0.325   1.00 20.08 ? 111 TYR A CB  1 
ATOM   859  C  CG  . TYR A 1 123 ? 2.545   -0.115  1.635   1.00 20.39 ? 111 TYR A CG  1 
ATOM   860  C  CD1 . TYR A 1 123 ? 3.901   -0.344  1.810   1.00 20.36 ? 111 TYR A CD1 1 
ATOM   861  C  CD2 . TYR A 1 123 ? 1.822   0.370   2.705   1.00 22.55 ? 111 TYR A CD2 1 
ATOM   862  C  CE1 . TYR A 1 123 ? 4.513   -0.087  3.023   1.00 21.84 ? 111 TYR A CE1 1 
ATOM   863  C  CE2 . TYR A 1 123 ? 2.419   0.631   3.917   1.00 21.21 ? 111 TYR A CE2 1 
ATOM   864  C  CZ  . TYR A 1 123 ? 3.762   0.417   4.078   1.00 22.88 ? 111 TYR A CZ  1 
ATOM   865  O  OH  . TYR A 1 123 ? 4.371   0.685   5.300   1.00 21.57 ? 111 TYR A OH  1 
ATOM   866  N  N   . LYS A 1 124 ? 2.134   0.200   -2.853  1.00 19.41 ? 112 LYS A N   1 
ATOM   867  C  CA  . LYS A 1 124 ? 1.835   -0.337  -4.183  1.00 20.50 ? 112 LYS A CA  1 
ATOM   868  C  C   . LYS A 1 124 ? 2.801   -1.483  -4.398  1.00 18.11 ? 112 LYS A C   1 
ATOM   869  O  O   . LYS A 1 124 ? 3.999   -1.319  -4.206  1.00 20.60 ? 112 LYS A O   1 
ATOM   870  C  CB  . LYS A 1 124 ? 2.079   0.731   -5.248  1.00 21.23 ? 112 LYS A CB  1 
ATOM   871  C  CG  . LYS A 1 124 ? 1.190   1.957   -5.172  1.00 27.00 ? 112 LYS A CG  1 
ATOM   872  C  CD  . LYS A 1 124 ? 1.693   3.009   -6.137  1.00 40.24 ? 112 LYS A CD  1 
ATOM   873  C  CE  . LYS A 1 124 ? 0.710   4.141   -6.355  1.00 49.78 ? 112 LYS A CE  1 
ATOM   874  N  NZ  . LYS A 1 124 ? 1.402   5.252   -7.093  1.00 56.32 ? 112 LYS A NZ  1 
ATOM   875  N  N   . ILE A 1 125 ? 2.278   -2.655  -4.727  1.00 17.42 ? 113 ILE A N   1 
ATOM   876  C  CA  . ILE A 1 125 ? 3.111   -3.775  -5.028  1.00 21.12 ? 113 ILE A CA  1 
ATOM   877  C  C   . ILE A 1 125 ? 2.963   -4.185  -6.462  1.00 20.39 ? 113 ILE A C   1 
ATOM   878  O  O   . ILE A 1 125 ? 1.914   -4.021  -7.065  1.00 18.37 ? 113 ILE A O   1 
ATOM   879  C  CB  . ILE A 1 125 ? 2.838   -4.943  -4.060  1.00 22.97 ? 113 ILE A CB  1 
ATOM   880  C  CG1 . ILE A 1 125 ? 1.455   -5.514  -4.235  1.00 26.88 ? 113 ILE A CG1 1 
ATOM   881  C  CG2 . ILE A 1 125 ? 3.076   -4.466  -2.570  1.00 25.34 ? 113 ILE A CG2 1 
ATOM   882  C  CD1 . ILE A 1 125 ? 1.308   -6.845  -3.494  1.00 33.07 ? 113 ILE A CD1 1 
ATOM   883  N  N   . TYR A 1 126 ? 4.067   -4.661  -7.005  1.00 20.25 ? 114 TYR A N   1 
ATOM   884  C  CA  . TYR A 1 126 ? 4.185   -5.026  -8.408  1.00 18.94 ? 114 TYR A CA  1 
ATOM   885  C  C   . TYR A 1 126 ? 4.715   -6.416  -8.431  1.00 18.66 ? 114 TYR A C   1 
ATOM   886  O  O   . TYR A 1 126 ? 5.713   -6.719  -7.761  1.00 17.50 ? 114 TYR A O   1 
ATOM   887  C  CB  . TYR A 1 126 ? 5.161   -4.095  -9.119  1.00 18.97 ? 114 TYR A CB  1 
ATOM   888  C  CG  . TYR A 1 126 ? 4.727   -2.680  -9.030  1.00 22.46 ? 114 TYR A CG  1 
ATOM   889  C  CD1 . TYR A 1 126 ? 3.909   -2.122  -10.002 1.00 27.36 ? 114 TYR A CD1 1 
ATOM   890  C  CD2 . TYR A 1 126 ? 5.127   -1.885  -7.950  1.00 21.01 ? 114 TYR A CD2 1 
ATOM   891  C  CE1 . TYR A 1 126 ? 3.487   -0.796  -9.883  1.00 26.15 ? 114 TYR A CE1 1 
ATOM   892  C  CE2 . TYR A 1 126 ? 4.741   -0.622  -7.839  1.00 28.78 ? 114 TYR A CE2 1 
ATOM   893  C  CZ  . TYR A 1 126 ? 3.922   -0.061  -8.808  1.00 25.87 ? 114 TYR A CZ  1 
ATOM   894  O  OH  . TYR A 1 126 ? 3.551   1.241   -8.629  1.00 30.04 ? 114 TYR A OH  1 
ATOM   895  N  N   . VAL A 1 127 ? 4.014   -7.292  -9.135  1.00 19.36 ? 115 VAL A N   1 
ATOM   896  C  CA  . VAL A 1 127 ? 4.422   -8.668  -9.220  1.00 18.34 ? 115 VAL A CA  1 
ATOM   897  C  C   . VAL A 1 127 ? 4.369   -9.128  -10.675 1.00 17.60 ? 115 VAL A C   1 
ATOM   898  O  O   . VAL A 1 127 ? 3.508   -8.710  -11.448 1.00 17.01 ? 115 VAL A O   1 
ATOM   899  C  CB  . VAL A 1 127 ? 3.545   -9.576  -8.362  1.00 20.03 ? 115 VAL A CB  1 
ATOM   900  C  CG1 . VAL A 1 127 ? 3.887   -9.424  -6.880  1.00 27.76 ? 115 VAL A CG1 1 
ATOM   901  C  CG2 . VAL A 1 127 ? 2.049   -9.300  -8.607  1.00 23.44 ? 115 VAL A CG2 1 
ATOM   902  N  N   . PRO A 1 128 ? 5.280   -10.004 -11.048 1.00 19.69 ? 116 PRO A N   1 
ATOM   903  C  CA  . PRO A 1 128 ? 5.282   -10.516 -12.408 1.00 19.91 ? 116 PRO A CA  1 
ATOM   904  C  C   . PRO A 1 128 ? 4.182   -11.527 -12.628 1.00 16.75 ? 116 PRO A C   1 
ATOM   905  O  O   . PRO A 1 128 ? 3.903   -12.377 -11.773 1.00 14.91 ? 116 PRO A O   1 
ATOM   906  C  CB  . PRO A 1 128 ? 6.666   -11.174 -12.551 1.00 23.02 ? 116 PRO A CB  1 
ATOM   907  C  CG  . PRO A 1 128 ? 7.177   -11.373 -11.201 1.00 23.65 ? 116 PRO A CG  1 
ATOM   908  C  CD  . PRO A 1 128 ? 6.346   -10.589 -10.225 1.00 22.42 ? 116 PRO A CD  1 
ATOM   909  N  N   . TYR A 1 129 ? 3.557   -11.436 -13.787 1.00 17.20 ? 117 TYR A N   1 
ATOM   910  C  CA  . TYR A 1 129 ? 2.501   -12.358 -14.142 1.00 19.69 ? 117 TYR A CA  1 
ATOM   911  C  C   . TYR A 1 129 ? 2.903   -13.811 -13.855 1.00 23.90 ? 117 TYR A C   1 
ATOM   912  O  O   . TYR A 1 129 ? 2.161   -14.591 -13.219 1.00 22.70 ? 117 TYR A O   1 
ATOM   913  C  CB  . TYR A 1 129 ? 2.164   -12.221 -15.627 1.00 22.62 ? 117 TYR A CB  1 
ATOM   914  C  CG  . TYR A 1 129 ? 1.240   -13.327 -16.164 1.00 29.40 ? 117 TYR A CG  1 
ATOM   915  C  CD1 . TYR A 1 129 ? -0.057  -13.491 -15.646 1.00 46.74 ? 117 TYR A CD1 1 
ATOM   916  C  CD2 . TYR A 1 129 ? 1.667   -14.210 -17.157 1.00 39.65 ? 117 TYR A CD2 1 
ATOM   917  C  CE1 . TYR A 1 129 ? -0.908  -14.504 -16.102 1.00 45.49 ? 117 TYR A CE1 1 
ATOM   918  C  CE2 . TYR A 1 129 ? 0.814   -15.231 -17.642 1.00 46.58 ? 117 TYR A CE2 1 
ATOM   919  C  CZ  . TYR A 1 129 ? -0.473  -15.371 -17.100 1.00 53.26 ? 117 TYR A CZ  1 
ATOM   920  O  OH  . TYR A 1 129 ? -1.341  -16.356 -17.544 1.00 53.30 ? 117 TYR A OH  1 
ATOM   921  N  N   . SER A 1 130 ? 4.088   -14.151 -14.339 1.00 21.18 ? 118 SER A N   1 
ATOM   922  C  CA  . SER A 1 130 ? 4.577   -15.492 -14.250 1.00 28.46 ? 118 SER A CA  1 
ATOM   923  C  C   . SER A 1 130 ? 4.650   -16.025 -12.792 1.00 27.81 ? 118 SER A C   1 
ATOM   924  O  O   . SER A 1 130 ? 4.492   -17.222 -12.586 1.00 28.32 ? 118 SER A O   1 
ATOM   925  C  CB  . SER A 1 130 ? 5.942   -15.559 -14.929 1.00 29.79 ? 118 SER A CB  1 
ATOM   926  O  OG  . SER A 1 130 ? 6.831   -14.609 -14.374 1.00 28.41 ? 118 SER A OG  1 
ATOM   927  N  N   . SER A 1 131 ? 4.892   -15.145 -11.814 1.00 25.15 ? 119 SER A N   1 
ATOM   928  C  CA  . SER A 1 131 ? 4.955   -15.538 -10.399 1.00 28.61 ? 119 SER A CA  1 
ATOM   929  C  C   . SER A 1 131 ? 3.613   -15.703 -9.634  1.00 28.94 ? 119 SER A C   1 
ATOM   930  O  O   . SER A 1 131 ? 3.561   -16.357 -8.594  1.00 29.01 ? 119 SER A O   1 
ATOM   931  C  CB  . SER A 1 131 ? 5.821   -14.541 -9.635  1.00 30.24 ? 119 SER A CB  1 
ATOM   932  O  OG  . SER A 1 131 ? 7.165   -14.708 -10.024 1.00 31.48 ? 119 SER A OG  1 
ATOM   933  N  N   . VAL A 1 132 ? 2.554   -15.079 -10.114 1.00 26.97 ? 120 VAL A N   1 
ATOM   934  C  CA  . VAL A 1 132 ? 1.300   -15.024 -9.345  1.00 30.58 ? 120 VAL A CA  1 
ATOM   935  C  C   . VAL A 1 132 ? 0.136   -15.566 -10.156 1.00 32.78 ? 120 VAL A C   1 
ATOM   936  O  O   . VAL A 1 132 ? -0.999  -15.208 -9.861  1.00 35.32 ? 120 VAL A O   1 
ATOM   937  C  CB  . VAL A 1 132 ? 0.970   -13.590 -8.910  1.00 28.43 ? 120 VAL A CB  1 
ATOM   938  C  CG1 . VAL A 1 132 ? 2.108   -13.040 -8.039  1.00 31.46 ? 120 VAL A CG1 1 
ATOM   939  C  CG2 . VAL A 1 132 ? 0.711   -12.673 -10.129 1.00 31.43 ? 120 VAL A CG2 1 
ATOM   940  N  N   . LYS A 1 133 ? 0.447   -16.428 -11.146 1.00 33.09 ? 121 LYS A N   1 
ATOM   941  C  CA  . LYS A 1 133 ? -0.506  -16.940 -12.141 1.00 34.52 ? 121 LYS A CA  1 
ATOM   942  C  C   . LYS A 1 133 ? -1.666  -17.685 -11.472 1.00 32.66 ? 121 LYS A C   1 
ATOM   943  O  O   . LYS A 1 133 ? -2.810  -17.599 -11.912 1.00 33.17 ? 121 LYS A O   1 
ATOM   944  C  CB  . LYS A 1 133 ? 0.196   -17.887 -13.170 1.00 34.47 ? 121 LYS A CB  1 
ATOM   945  C  CG  . LYS A 1 133 ? 0.464   -17.305 -14.561 1.00 36.80 ? 121 LYS A CG  1 
ATOM   946  C  CD  . LYS A 1 133 ? 1.611   -18.025 -15.336 1.00 41.77 ? 121 LYS A CD  1 
ATOM   947  C  CE  . LYS A 1 133 ? 1.201   -19.422 -15.869 1.00 39.56 ? 121 LYS A CE  1 
ATOM   948  N  NZ  . LYS A 1 133 ? 1.185   -20.476 -14.812 1.00 37.23 ? 121 LYS A NZ  1 
ATOM   949  N  N   . LYS A 1 134 ? -1.341  -18.450 -10.444 1.00 29.64 ? 122 LYS A N   1 
ATOM   950  C  CA  . LYS A 1 134 ? -2.328  -19.246 -9.748  1.00 32.18 ? 122 LYS A CA  1 
ATOM   951  C  C   . LYS A 1 134 ? -2.505  -18.747 -8.321  1.00 32.36 ? 122 LYS A C   1 
ATOM   952  O  O   . LYS A 1 134 ? -2.916  -19.518 -7.474  1.00 36.18 ? 122 LYS A O   1 
ATOM   953  C  CB  . LYS A 1 134 ? -1.923  -20.738 -9.750  1.00 34.19 ? 122 LYS A CB  1 
ATOM   954  C  CG  . LYS A 1 134 ? -1.496  -21.274 -11.110 1.00 30.37 ? 122 LYS A CG  1 
ATOM   955  C  CD  . LYS A 1 134 ? -1.470  -22.801 -11.178 1.00 35.42 ? 122 LYS A CD  1 
ATOM   956  C  CE  A LYS A 1 134 ? -0.652  -23.291 -12.370 0.65 34.57 ? 122 LYS A CE  1 
ATOM   957  C  CE  B LYS A 1 134 ? -0.666  -23.297 -12.379 0.35 31.00 ? 122 LYS A CE  1 
ATOM   958  N  NZ  A LYS A 1 134 ? -0.713  -24.773 -12.561 0.65 37.03 ? 122 LYS A NZ  1 
ATOM   959  N  NZ  B LYS A 1 134 ? 0.627   -22.573 -12.565 0.35 25.91 ? 122 LYS A NZ  1 
ATOM   960  N  N   . LYS A 1 135 ? -2.206  -17.467 -8.053  1.00 30.12 ? 123 LYS A N   1 
ATOM   961  C  CA  . LYS A 1 135 ? -2.375  -16.901 -6.705  1.00 28.15 ? 123 LYS A CA  1 
ATOM   962  C  C   . LYS A 1 135 ? -3.625  -16.014 -6.554  1.00 25.82 ? 123 LYS A C   1 
ATOM   963  O  O   . LYS A 1 135 ? -4.005  -15.266 -7.460  1.00 25.18 ? 123 LYS A O   1 
ATOM   964  C  CB  . LYS A 1 135 ? -1.130  -16.114 -6.274  1.00 29.33 ? 123 LYS A CB  1 
ATOM   965  C  CG  . LYS A 1 135 ? 0.130   -16.954 -6.152  1.00 30.48 ? 123 LYS A CG  1 
ATOM   966  C  CD  . LYS A 1 135 ? 1.172   -16.175 -5.352  1.00 38.40 ? 123 LYS A CD  1 
ATOM   967  C  CE  . LYS A 1 135 ? 2.510   -16.883 -5.258  1.00 40.20 ? 123 LYS A CE  1 
ATOM   968  N  NZ  . LYS A 1 135 ? 3.518   -15.975 -4.580  1.00 46.90 ? 123 LYS A NZ  1 
ATOM   969  N  N   . ASN A 1 136 ? -4.257  -16.106 -5.390  1.00 20.93 ? 124 ASN A N   1 
ATOM   970  C  CA  . ASN A 1 136 ? -5.436  -15.293 -5.072  1.00 17.10 ? 124 ASN A CA  1 
ATOM   971  C  C   . ASN A 1 136 ? -5.046  -14.081 -4.221  1.00 18.27 ? 124 ASN A C   1 
ATOM   972  O  O   . ASN A 1 136 ? -3.904  -13.942 -3.769  1.00 19.51 ? 124 ASN A O   1 
ATOM   973  C  CB  . ASN A 1 136 ? -6.537  -16.176 -4.429  1.00 18.87 ? 124 ASN A CB  1 
ATOM   974  C  CG  . ASN A 1 136 ? -6.103  -16.769 -3.107  1.00 18.45 ? 124 ASN A CG  1 
ATOM   975  O  OD1 . ASN A 1 136 ? -5.776  -16.049 -2.203  1.00 22.30 ? 124 ASN A OD1 1 
ATOM   976  N  ND2 . ASN A 1 136 ? -6.062  -18.085 -3.017  1.00 21.76 ? 124 ASN A ND2 1 
ATOM   977  N  N   . ARG A 1 137 ? -5.983  -13.179 -4.031  1.00 18.44 ? 125 ARG A N   1 
ATOM   978  C  CA  . ARG A 1 137 ? -5.748  -11.992 -3.219  1.00 21.71 ? 125 ARG A CA  1 
ATOM   979  C  C   . ARG A 1 137 ? -5.229  -12.286 -1.808  1.00 21.58 ? 125 ARG A C   1 
ATOM   980  O  O   . ARG A 1 137 ? -4.345  -11.563 -1.323  1.00 22.91 ? 125 ARG A O   1 
ATOM   981  C  CB  . ARG A 1 137 ? -7.019  -11.168 -3.128  1.00 22.34 ? 125 ARG A CB  1 
ATOM   982  C  CG  . ARG A 1 137 ? -6.813  -9.725  -2.775  1.00 24.20 ? 125 ARG A CG  1 
ATOM   983  C  CD  . ARG A 1 137 ? -8.108  -8.991  -2.611  1.00 25.65 ? 125 ARG A CD  1 
ATOM   984  N  NE  . ARG A 1 137 ? -8.721  -9.360  -1.357  1.00 25.10 ? 125 ARG A NE  1 
ATOM   985  C  CZ  . ARG A 1 137 ? -9.971  -9.062  -0.992  1.00 35.72 ? 125 ARG A CZ  1 
ATOM   986  N  NH1 . ARG A 1 137 ? -10.789 -8.388  -1.809  1.00 24.42 ? 125 ARG A NH1 1 
ATOM   987  N  NH2 . ARG A 1 137 ? -10.401 -9.446  0.216   1.00 31.33 ? 125 ARG A NH2 1 
ATOM   988  N  N   . ASN A 1 138 ? -5.748  -13.341 -1.182  1.00 21.70 ? 126 ASN A N   1 
ATOM   989  C  CA  . ASN A 1 138 ? -5.358  -13.742 0.184   1.00 23.40 ? 126 ASN A CA  1 
ATOM   990  C  C   . ASN A 1 138 ? -3.893  -14.048 0.295   1.00 20.48 ? 126 ASN A C   1 
ATOM   991  O  O   . ASN A 1 138 ? -3.239  -13.605 1.228   1.00 20.63 ? 126 ASN A O   1 
ATOM   992  C  CB  . ASN A 1 138 ? -6.060  -15.021 0.661   1.00 25.48 ? 126 ASN A CB  1 
ATOM   993  C  CG  . ASN A 1 138 ? -7.549  -14.859 0.829   1.00 32.91 ? 126 ASN A CG  1 
ATOM   994  O  OD1 . ASN A 1 138 ? -8.147  -13.891 0.338   1.00 30.90 ? 126 ASN A OD1 1 
ATOM   995  N  ND2 . ASN A 1 138 ? -8.170  -15.819 1.547   1.00 29.18 ? 126 ASN A ND2 1 
ATOM   996  N  N   . GLU A 1 139 ? -3.381  -14.824 -0.652  1.00 20.29 ? 127 GLU A N   1 
ATOM   997  C  CA  . GLU A 1 139 ? -1.987  -15.228 -0.665  1.00 21.36 ? 127 GLU A CA  1 
ATOM   998  C  C   . GLU A 1 139 ? -1.050  -14.031 -0.831  1.00 21.39 ? 127 GLU A C   1 
ATOM   999  O  O   . GLU A 1 139 ? -0.062  -13.923 -0.117  1.00 20.22 ? 127 GLU A O   1 
ATOM   1000 C  CB  . GLU A 1 139 ? -1.717  -16.210 -1.793  1.00 21.01 ? 127 GLU A CB  1 
ATOM   1001 C  CG  . GLU A 1 139 ? -2.326  -17.587 -1.607  1.00 33.79 ? 127 GLU A CG  1 
ATOM   1002 C  CD  . GLU A 1 139 ? -2.073  -18.456 -2.830  1.00 29.85 ? 127 GLU A CD  1 
ATOM   1003 O  OE1 . GLU A 1 139 ? -2.836  -18.344 -3.796  1.00 24.56 ? 127 GLU A OE1 1 
ATOM   1004 O  OE2 . GLU A 1 139 ? -1.090  -19.222 -2.833  1.00 44.46 ? 127 GLU A OE2 1 
ATOM   1005 N  N   . LEU A 1 140 ? -1.386  -13.146 -1.761  1.00 21.70 ? 128 LEU A N   1 
ATOM   1006 C  CA  . LEU A 1 140 ? -0.644  -11.908 -1.963  1.00 19.54 ? 128 LEU A CA  1 
ATOM   1007 C  C   . LEU A 1 140 ? -0.640  -11.005 -0.740  1.00 18.51 ? 128 LEU A C   1 
ATOM   1008 O  O   . LEU A 1 140 ? 0.402   -10.515 -0.331  1.00 17.59 ? 128 LEU A O   1 
ATOM   1009 C  CB  . LEU A 1 140 ? -1.170  -11.103 -3.168  1.00 16.90 ? 128 LEU A CB  1 
ATOM   1010 C  CG  A LEU A 1 140 ? -0.602  -11.354 -4.561  0.50 24.86 ? 128 LEU A CG  1 
ATOM   1011 C  CG  B LEU A 1 140 ? -0.507  -11.370 -4.528  0.50 23.69 ? 128 LEU A CG  1 
ATOM   1012 C  CD1 A LEU A 1 140 ? 0.678   -10.575 -4.718  0.50 22.65 ? 128 LEU A CD1 1 
ATOM   1013 C  CD1 B LEU A 1 140 ? -0.862  -10.288 -5.518  0.50 18.96 ? 128 LEU A CD1 1 
ATOM   1014 C  CD2 A LEU A 1 140 ? -0.393  -12.851 -4.814  0.50 26.05 ? 128 LEU A CD2 1 
ATOM   1015 C  CD2 B LEU A 1 140 ? 1.014   -11.479 -4.402  0.50 23.31 ? 128 LEU A CD2 1 
ATOM   1016 N  N   . VAL A 1 141 ? -1.812  -10.725 -0.218  1.00 21.61 ? 129 VAL A N   1 
ATOM   1017 C  CA  . VAL A 1 141 ? -1.937  -9.889  0.976   1.00 19.18 ? 129 VAL A CA  1 
ATOM   1018 C  C   . VAL A 1 141 ? -1.154  -10.495 2.142   1.00 20.30 ? 129 VAL A C   1 
ATOM   1019 O  O   . VAL A 1 141 ? -0.470  -9.761  2.854   1.00 18.06 ? 129 VAL A O   1 
ATOM   1020 C  CB  . VAL A 1 141 ? -3.395  -9.611  1.365   1.00 18.93 ? 129 VAL A CB  1 
ATOM   1021 C  CG1 . VAL A 1 141 ? -3.476  -8.870  2.710   1.00 19.13 ? 129 VAL A CG1 1 
ATOM   1022 C  CG2 . VAL A 1 141 ? -4.075  -8.736  0.278   1.00 21.09 ? 129 VAL A CG2 1 
ATOM   1023 N  N   . GLU A 1 142 ? -1.218  -11.808 2.326   1.00 21.14 ? 130 GLU A N   1 
ATOM   1024 C  CA  . GLU A 1 142 ? -0.514  -12.404 3.450   1.00 22.56 ? 130 GLU A CA  1 
ATOM   1025 C  C   . GLU A 1 142 ? 0.996   -12.248 3.308   1.00 21.71 ? 130 GLU A C   1 
ATOM   1026 O  O   . GLU A 1 142 ? 1.689   -11.985 4.307   1.00 19.83 ? 130 GLU A O   1 
ATOM   1027 C  CB  A GLU A 1 142 ? -0.843  -13.873 3.685   0.65 21.57 ? 130 GLU A CB  1 
ATOM   1028 C  CB  B GLU A 1 142 ? -0.930  -13.866 3.649   0.35 21.05 ? 130 GLU A CB  1 
ATOM   1029 C  CG  A GLU A 1 142 ? -0.030  -14.446 4.873   0.65 29.78 ? 130 GLU A CG  1 
ATOM   1030 C  CG  B GLU A 1 142 ? -2.436  -14.063 3.593   0.35 23.31 ? 130 GLU A CG  1 
ATOM   1031 C  CD  A GLU A 1 142 ? -0.331  -13.773 6.227   0.65 39.71 ? 130 GLU A CD  1 
ATOM   1032 C  CD  B GLU A 1 142 ? -3.031  -14.852 4.737   0.35 26.81 ? 130 GLU A CD  1 
ATOM   1033 O  OE1 A GLU A 1 142 ? 0.423   -12.839 6.686   0.65 34.84 ? 130 GLU A OE1 1 
ATOM   1034 O  OE1 B GLU A 1 142 ? -3.474  -15.998 4.488   0.35 24.46 ? 130 GLU A OE1 1 
ATOM   1035 O  OE2 A GLU A 1 142 ? -1.341  -14.190 6.850   0.65 43.60 ? 130 GLU A OE2 1 
ATOM   1036 O  OE2 B GLU A 1 142 ? -3.105  -14.302 5.861   0.35 20.89 ? 130 GLU A OE2 1 
ATOM   1037 N  N   . GLU A 1 143 ? 1.510   -12.397 2.084   1.00 20.61 ? 131 GLU A N   1 
ATOM   1038 C  CA  . GLU A 1 143 ? 2.945   -12.141 1.845   1.00 21.89 ? 131 GLU A CA  1 
ATOM   1039 C  C   . GLU A 1 143 ? 3.277   -10.682 2.113   1.00 19.81 ? 131 GLU A C   1 
ATOM   1040 O  O   . GLU A 1 143 ? 4.308   -10.385 2.686   1.00 18.11 ? 131 GLU A O   1 
ATOM   1041 C  CB  . GLU A 1 143 ? 3.368   -12.467 0.417   1.00 23.18 ? 131 GLU A CB  1 
ATOM   1042 C  CG  . GLU A 1 143 ? 3.854   -13.880 0.226   1.00 43.57 ? 131 GLU A CG  1 
ATOM   1043 C  CD  . GLU A 1 143 ? 5.302   -14.072 0.665   1.00 58.24 ? 131 GLU A CD  1 
ATOM   1044 O  OE1 . GLU A 1 143 ? 6.245   -13.686 -0.098  1.00 58.07 ? 131 GLU A OE1 1 
ATOM   1045 O  OE2 . GLU A 1 143 ? 5.491   -14.636 1.769   1.00 63.84 ? 131 GLU A OE2 1 
ATOM   1046 N  N   . PHE A 1 144 ? 2.451   -9.772  1.608   1.00 19.40 ? 132 PHE A N   1 
ATOM   1047 C  CA  . PHE A 1 144 ? 2.686   -8.363  1.824   1.00 18.42 ? 132 PHE A CA  1 
ATOM   1048 C  C   . PHE A 1 144 ? 2.746   -8.027  3.326   1.00 18.71 ? 132 PHE A C   1 
ATOM   1049 O  O   . PHE A 1 144 ? 3.591   -7.234  3.737   1.00 17.33 ? 132 PHE A O   1 
ATOM   1050 C  CB  . PHE A 1 144 ? 1.660   -7.468  1.142   1.00 15.73 ? 132 PHE A CB  1 
ATOM   1051 C  CG  . PHE A 1 144 ? 1.752   -6.071  1.586   1.00 14.33 ? 132 PHE A CG  1 
ATOM   1052 C  CD1 . PHE A 1 144 ? 2.798   -5.268  1.163   1.00 16.46 ? 132 PHE A CD1 1 
ATOM   1053 C  CD2 . PHE A 1 144 ? 0.824   -5.555  2.485   1.00 16.64 ? 132 PHE A CD2 1 
ATOM   1054 C  CE1 . PHE A 1 144 ? 2.922   -3.962  1.616   1.00 18.96 ? 132 PHE A CE1 1 
ATOM   1055 C  CE2 . PHE A 1 144 ? 0.959   -4.259  2.963   1.00 22.32 ? 132 PHE A CE2 1 
ATOM   1056 C  CZ  . PHE A 1 144 ? 1.980   -3.452  2.509   1.00 22.91 ? 132 PHE A CZ  1 
HETATM 1057 N  N   . MSE A 1 145 ? 1.853   -8.636  4.117   1.00 19.31 ? 133 MSE A N   1 
HETATM 1058 C  CA  . MSE A 1 145 ? 1.751   -8.351  5.544   1.00 20.60 ? 133 MSE A CA  1 
HETATM 1059 C  C   . MSE A 1 145 ? 2.950   -8.870  6.342   1.00 19.55 ? 133 MSE A C   1 
HETATM 1060 O  O   . MSE A 1 145 ? 3.388   -8.206  7.301   1.00 18.20 ? 133 MSE A O   1 
HETATM 1061 C  CB  . MSE A 1 145 ? 0.416   -8.805  6.125   1.00 19.49 ? 133 MSE A CB  1 
HETATM 1062 C  CG  . MSE A 1 145 ? -0.767  -7.968  5.640   1.00 16.09 ? 133 MSE A CG  1 
HETATM 1063 SE SE  . MSE A 1 145 ? -0.571  -5.996  5.854   1.00 32.79 ? 133 MSE A SE  1 
HETATM 1064 C  CE  . MSE A 1 145 ? -0.878  -5.924  7.928   1.00 22.67 ? 133 MSE A CE  1 
ATOM   1065 N  N   . LYS A 1 146 ? 3.556   -9.960  5.872   1.00 20.24 ? 134 LYS A N   1 
ATOM   1066 C  CA  . LYS A 1 146 ? 4.826   -10.407 6.442   1.00 23.26 ? 134 LYS A CA  1 
ATOM   1067 C  C   . LYS A 1 146 ? 5.913   -9.378  6.187   1.00 20.58 ? 134 LYS A C   1 
ATOM   1068 O  O   . LYS A 1 146 ? 6.651   -9.045  7.088   1.00 20.69 ? 134 LYS A O   1 
ATOM   1069 C  CB  . LYS A 1 146 ? 5.289   -11.720 5.842   1.00 24.28 ? 134 LYS A CB  1 
ATOM   1070 C  CG  . LYS A 1 146 ? 4.739   -12.950 6.463   1.00 38.05 ? 134 LYS A CG  1 
ATOM   1071 C  CD  . LYS A 1 146 ? 5.257   -14.189 5.720   1.00 47.39 ? 134 LYS A CD  1 
ATOM   1072 C  CE  . LYS A 1 146 ? 4.266   -14.759 4.681   1.00 49.29 ? 134 LYS A CE  1 
ATOM   1073 N  NZ  . LYS A 1 146 ? 3.528   -15.989 5.167   1.00 44.52 ? 134 LYS A NZ  1 
ATOM   1074 N  N   . TYR A 1 147 ? 6.026   -8.914  4.938   1.00 17.97 ? 135 TYR A N   1 
ATOM   1075 C  CA  . TYR A 1 147 ? 6.912   -7.821  4.591   1.00 18.44 ? 135 TYR A CA  1 
ATOM   1076 C  C   . TYR A 1 147 ? 6.673   -6.586  5.462   1.00 18.74 ? 135 TYR A C   1 
ATOM   1077 O  O   . TYR A 1 147 ? 7.636   -5.995  5.990   1.00 15.93 ? 135 TYR A O   1 
ATOM   1078 C  CB  . TYR A 1 147 ? 6.780   -7.411  3.102   1.00 18.82 ? 135 TYR A CB  1 
ATOM   1079 C  CG  . TYR A 1 147 ? 7.372   -6.057  2.827   1.00 19.15 ? 135 TYR A CG  1 
ATOM   1080 C  CD1 . TYR A 1 147 ? 8.760   -5.900  2.629   1.00 22.78 ? 135 TYR A CD1 1 
ATOM   1081 C  CD2 . TYR A 1 147 ? 6.578   -4.921  2.797   1.00 22.20 ? 135 TYR A CD2 1 
ATOM   1082 C  CE1 . TYR A 1 147 ? 9.317   -4.654  2.399   1.00 16.86 ? 135 TYR A CE1 1 
ATOM   1083 C  CE2 . TYR A 1 147 ? 7.128   -3.675  2.588   1.00 23.63 ? 135 TYR A CE2 1 
ATOM   1084 C  CZ  . TYR A 1 147 ? 8.490   -3.542  2.362   1.00 27.54 ? 135 TYR A CZ  1 
ATOM   1085 O  OH  . TYR A 1 147 ? 9.009   -2.271  2.133   1.00 27.35 ? 135 TYR A OH  1 
ATOM   1086 N  N   . PHE A 1 148 ? 5.411   -6.198  5.592   1.00 18.06 ? 136 PHE A N   1 
ATOM   1087 C  CA  . PHE A 1 148 ? 5.028   -5.001  6.325   1.00 19.91 ? 136 PHE A CA  1 
ATOM   1088 C  C   . PHE A 1 148 ? 5.444   -5.068  7.815   1.00 18.14 ? 136 PHE A C   1 
ATOM   1089 O  O   . PHE A 1 148 ? 6.131   -4.200  8.324   1.00 18.71 ? 136 PHE A O   1 
ATOM   1090 C  CB  . PHE A 1 148 ? 3.514   -4.728  6.174   1.00 18.47 ? 136 PHE A CB  1 
ATOM   1091 C  CG  . PHE A 1 148 ? 3.014   -3.586  7.050   1.00 15.94 ? 136 PHE A CG  1 
ATOM   1092 C  CD1 . PHE A 1 148 ? 3.164   -2.279  6.666   1.00 18.54 ? 136 PHE A CD1 1 
ATOM   1093 C  CD2 . PHE A 1 148 ? 2.449   -3.855  8.298   1.00 22.09 ? 136 PHE A CD2 1 
ATOM   1094 C  CE1 . PHE A 1 148 ? 2.760   -1.248  7.491   1.00 18.84 ? 136 PHE A CE1 1 
ATOM   1095 C  CE2 . PHE A 1 148 ? 2.011   -2.836  9.121   1.00 18.31 ? 136 PHE A CE2 1 
ATOM   1096 C  CZ  . PHE A 1 148 ? 2.184   -1.528  8.735   1.00 17.66 ? 136 PHE A CZ  1 
ATOM   1097 N  N   . PHE A 1 149 ? 5.052   -6.126  8.498   1.00 19.91 ? 137 PHE A N   1 
ATOM   1098 C  CA  . PHE A 1 149 ? 5.420   -6.290  9.905   1.00 21.15 ? 137 PHE A CA  1 
ATOM   1099 C  C   . PHE A 1 149 ? 6.931   -6.359  10.070  1.00 22.03 ? 137 PHE A C   1 
ATOM   1100 O  O   . PHE A 1 149 ? 7.478   -5.695  10.924  1.00 22.64 ? 137 PHE A O   1 
ATOM   1101 C  CB  . PHE A 1 149 ? 4.721   -7.518  10.531  1.00 15.76 ? 137 PHE A CB  1 
ATOM   1102 C  CG  . PHE A 1 149 ? 3.238   -7.357  10.663  1.00 18.09 ? 137 PHE A CG  1 
ATOM   1103 C  CD1 . PHE A 1 149 ? 2.704   -6.213  11.210  1.00 20.77 ? 137 PHE A CD1 1 
ATOM   1104 C  CD2 . PHE A 1 149 ? 2.366   -8.323  10.177  1.00 17.97 ? 137 PHE A CD2 1 
ATOM   1105 C  CE1 . PHE A 1 149 ? 1.345   -6.052  11.313  1.00 25.30 ? 137 PHE A CE1 1 
ATOM   1106 C  CE2 . PHE A 1 149 ? 1.010   -8.146  10.283  1.00 20.32 ? 137 PHE A CE2 1 
ATOM   1107 C  CZ  . PHE A 1 149 ? 0.508   -7.019  10.845  1.00 20.08 ? 137 PHE A CZ  1 
ATOM   1108 N  N   . GLU A 1 150 ? 7.608   -7.129  9.232   1.00 23.74 ? 138 GLU A N   1 
ATOM   1109 C  CA  . GLU A 1 150 ? 9.062   -7.223  9.334   1.00 24.75 ? 138 GLU A CA  1 
ATOM   1110 C  C   . GLU A 1 150 ? 9.756   -5.865  9.090   1.00 25.97 ? 138 GLU A C   1 
ATOM   1111 O  O   . GLU A 1 150 ? 10.726  -5.528  9.782   1.00 22.21 ? 138 GLU A O   1 
ATOM   1112 C  CB  . GLU A 1 150 ? 9.604   -8.305  8.415   1.00 24.21 ? 138 GLU A CB  1 
ATOM   1113 C  CG  . GLU A 1 150 ? 9.201   -9.708  8.858   1.00 38.25 ? 138 GLU A CG  1 
ATOM   1114 C  CD  . GLU A 1 150 ? 9.503   -10.791 7.822   1.00 47.74 ? 138 GLU A CD  1 
ATOM   1115 O  OE1 . GLU A 1 150 ? 10.093  -10.468 6.766   1.00 53.42 ? 138 GLU A OE1 1 
ATOM   1116 O  OE2 . GLU A 1 150 ? 9.149   -11.973 8.068   1.00 51.29 ? 138 GLU A OE2 1 
ATOM   1117 N  N   . SER A 1 151 ? 9.225   -5.071  8.173   1.00 23.17 ? 139 SER A N   1 
ATOM   1118 C  CA  . SER A 1 151 ? 9.715   -3.715  7.912   1.00 24.30 ? 139 SER A CA  1 
ATOM   1119 C  C   . SER A 1 151 ? 9.623   -2.784  9.136   1.00 26.11 ? 139 SER A C   1 
ATOM   1120 O  O   . SER A 1 151 ? 10.394  -1.811  9.256   1.00 24.09 ? 139 SER A O   1 
ATOM   1121 C  CB  . SER A 1 151 ? 8.997   -3.072  6.695   1.00 24.98 ? 139 SER A CB  1 
ATOM   1122 O  OG  . SER A 1 151 ? 7.667   -2.592  6.990   1.00 25.15 ? 139 SER A OG  1 
ATOM   1123 N  N   . LYS A 1 152 ? 8.668   -3.059  10.021  1.00 25.43 ? 140 LYS A N   1 
ATOM   1124 C  CA  . LYS A 1 152 ? 8.454   -2.248  11.215  1.00 25.89 ? 140 LYS A CA  1 
ATOM   1125 C  C   . LYS A 1 152 ? 9.196   -2.787  12.418  1.00 24.51 ? 140 LYS A C   1 
ATOM   1126 O  O   . LYS A 1 152 ? 9.239   -2.132  13.458  1.00 29.59 ? 140 LYS A O   1 
ATOM   1127 C  CB  . LYS A 1 152 ? 6.958   -2.164  11.552  1.00 23.09 ? 140 LYS A CB  1 
ATOM   1128 C  CG  . LYS A 1 152 ? 6.126   -1.487  10.492  1.00 27.59 ? 140 LYS A CG  1 
ATOM   1129 C  CD  . LYS A 1 152 ? 6.481   -0.018  10.343  1.00 25.05 ? 140 LYS A CD  1 
ATOM   1130 C  CE  . LYS A 1 152 ? 5.628   0.567   9.278   1.00 28.13 ? 140 LYS A CE  1 
ATOM   1131 N  NZ  . LYS A 1 152 ? 5.788   2.014   9.093   1.00 29.67 ? 140 LYS A NZ  1 
ATOM   1132 N  N   . GLY A 1 153 ? 9.718   -4.000  12.292  1.00 23.35 ? 141 GLY A N   1 
ATOM   1133 C  CA  . GLY A 1 153 ? 10.373  -4.693  13.369  1.00 23.49 ? 141 GLY A CA  1 
ATOM   1134 C  C   . GLY A 1 153 ? 9.398   -5.383  14.279  1.00 23.83 ? 141 GLY A C   1 
ATOM   1135 O  O   . GLY A 1 153 ? 9.692   -5.567  15.409  1.00 20.42 ? 141 GLY A O   1 
ATOM   1136 N  N   . TRP A 1 154 ? 8.223   -5.760  13.791  1.00 25.13 ? 142 TRP A N   1 
ATOM   1137 C  CA  . TRP A 1 154 ? 7.204   -6.370  14.635  1.00 25.38 ? 142 TRP A CA  1 
ATOM   1138 C  C   . TRP A 1 154 ? 7.060   -7.818  14.249  1.00 24.38 ? 142 TRP A C   1 
ATOM   1139 O  O   . TRP A 1 154 ? 7.364   -8.164  13.141  1.00 24.41 ? 142 TRP A O   1 
ATOM   1140 C  CB  . TRP A 1 154 ? 5.858   -5.640  14.470  1.00 25.35 ? 142 TRP A CB  1 
ATOM   1141 C  CG  . TRP A 1 154 ? 5.912   -4.194  14.768  1.00 22.77 ? 142 TRP A CG  1 
ATOM   1142 C  CD1 . TRP A 1 154 ? 6.789   -3.552  15.616  1.00 29.01 ? 142 TRP A CD1 1 
ATOM   1143 C  CD2 . TRP A 1 154 ? 5.042   -3.178  14.260  1.00 21.23 ? 142 TRP A CD2 1 
ATOM   1144 N  NE1 . TRP A 1 154 ? 6.526   -2.203  15.633  1.00 23.97 ? 142 TRP A NE1 1 
ATOM   1145 C  CE2 . TRP A 1 154 ? 5.472   -1.943  14.800  1.00 23.65 ? 142 TRP A CE2 1 
ATOM   1146 C  CE3 . TRP A 1 154 ? 3.948   -3.182  13.385  1.00 24.78 ? 142 TRP A CE3 1 
ATOM   1147 C  CZ2 . TRP A 1 154 ? 4.841   -0.730  14.510  1.00 28.41 ? 142 TRP A CZ2 1 
ATOM   1148 C  CZ3 . TRP A 1 154 ? 3.330   -1.970  13.078  1.00 25.99 ? 142 TRP A CZ3 1 
ATOM   1149 C  CH2 . TRP A 1 154 ? 3.793   -0.758  13.634  1.00 29.02 ? 142 TRP A CH2 1 
ATOM   1150 N  N   . ASN A 1 155 ? 6.600   -8.654  15.175  1.00 23.89 ? 143 ASN A N   1 
ATOM   1151 C  CA  . ASN A 1 155 ? 6.356   -10.071 14.932  1.00 25.51 ? 143 ASN A CA  1 
ATOM   1152 C  C   . ASN A 1 155 ? 4.965   -10.296 14.306  1.00 24.21 ? 143 ASN A C   1 
ATOM   1153 O  O   . ASN A 1 155 ? 3.937   -10.033 14.943  1.00 20.74 ? 143 ASN A O   1 
ATOM   1154 C  CB  . ASN A 1 155 ? 6.495   -10.842 16.251  1.00 26.64 ? 143 ASN A CB  1 
ATOM   1155 C  CG  . ASN A 1 155 ? 6.466   -12.375 16.088  1.00 35.26 ? 143 ASN A CG  1 
ATOM   1156 O  OD1 . ASN A 1 155 ? 6.105   -12.932 15.039  1.00 39.89 ? 143 ASN A OD1 1 
ATOM   1157 N  ND2 . ASN A 1 155 ? 6.837   -13.062 17.166  1.00 37.48 ? 143 ASN A ND2 1 
ATOM   1158 N  N   . PRO A 1 156 ? 4.925   -10.799 13.071  1.00 25.51 ? 144 PRO A N   1 
ATOM   1159 C  CA  . PRO A 1 156 ? 3.647   -10.993 12.369  1.00 25.36 ? 144 PRO A CA  1 
ATOM   1160 C  C   . PRO A 1 156 ? 2.680   -11.928 13.084  1.00 27.47 ? 144 PRO A C   1 
ATOM   1161 O  O   . PRO A 1 156 ? 1.488   -11.778 12.906  1.00 32.26 ? 144 PRO A O   1 
ATOM   1162 C  CB  . PRO A 1 156 ? 4.065   -11.554 11.000  1.00 29.37 ? 144 PRO A CB  1 
ATOM   1163 C  CG  . PRO A 1 156 ? 5.539   -11.293 10.859  1.00 30.43 ? 144 PRO A CG  1 
ATOM   1164 C  CD  . PRO A 1 156 ? 6.089   -11.185 12.245  1.00 28.10 ? 144 PRO A CD  1 
ATOM   1165 N  N   . GLY A 1 157 ? 3.181   -12.874 13.874  1.00 26.17 ? 145 GLY A N   1 
ATOM   1166 C  CA  . GLY A 1 157 ? 2.357   -13.810 14.615  1.00 25.44 ? 145 GLY A CA  1 
ATOM   1167 C  C   . GLY A 1 157 ? 1.598   -13.183 15.781  1.00 26.04 ? 145 GLY A C   1 
ATOM   1168 O  O   . GLY A 1 157 ? 0.730   -13.836 16.368  1.00 27.60 ? 145 GLY A O   1 
ATOM   1169 N  N   . GLU A 1 158 ? 1.923   -11.926 16.109  1.00 22.92 ? 146 GLU A N   1 
ATOM   1170 C  CA  . GLU A 1 158 ? 1.264   -11.180 17.168  1.00 21.38 ? 146 GLU A CA  1 
ATOM   1171 C  C   . GLU A 1 158 ? 0.162   -10.248 16.689  1.00 18.56 ? 146 GLU A C   1 
ATOM   1172 O  O   . GLU A 1 158 ? -0.345  -9.464  17.468  1.00 22.92 ? 146 GLU A O   1 
ATOM   1173 C  CB  . GLU A 1 158 ? 2.332   -10.397 17.977  1.00 22.08 ? 146 GLU A CB  1 
ATOM   1174 C  CG  . GLU A 1 158 ? 3.242   -11.339 18.754  1.00 20.75 ? 146 GLU A CG  1 
ATOM   1175 C  CD  . GLU A 1 158 ? 4.337   -10.650 19.561  1.00 27.31 ? 146 GLU A CD  1 
ATOM   1176 O  OE1 . GLU A 1 158 ? 4.461   -9.417  19.534  1.00 29.03 ? 146 GLU A OE1 1 
ATOM   1177 O  OE2 . GLU A 1 158 ? 5.097   -11.379 20.239  1.00 45.14 ? 146 GLU A OE2 1 
ATOM   1178 N  N   . TYR A 1 159 ? -0.201  -10.337 15.421  1.00 19.07 ? 147 TYR A N   1 
ATOM   1179 C  CA  . TYR A 1 159 ? -1.220  -9.496  14.789  1.00 20.91 ? 147 TYR A CA  1 
ATOM   1180 C  C   . TYR A 1 159 ? -2.301  -10.275 14.061  1.00 22.02 ? 147 TYR A C   1 
ATOM   1181 O  O   . TYR A 1 159 ? -2.067  -11.368 13.551  1.00 20.58 ? 147 TYR A O   1 
ATOM   1182 C  CB  . TYR A 1 159 ? -0.574  -8.526  13.760  1.00 21.63 ? 147 TYR A CB  1 
ATOM   1183 C  CG  . TYR A 1 159 ? 0.312   -7.519  14.429  1.00 17.84 ? 147 TYR A CG  1 
ATOM   1184 C  CD1 . TYR A 1 159 ? -0.172  -6.302  14.802  1.00 17.56 ? 147 TYR A CD1 1 
ATOM   1185 C  CD2 . TYR A 1 159 ? 1.616   -7.837  14.760  1.00 23.90 ? 147 TYR A CD2 1 
ATOM   1186 C  CE1 . TYR A 1 159 ? 0.604   -5.420  15.465  1.00 14.68 ? 147 TYR A CE1 1 
ATOM   1187 C  CE2 . TYR A 1 159 ? 2.417   -6.963  15.422  1.00 23.99 ? 147 TYR A CE2 1 
ATOM   1188 C  CZ  . TYR A 1 159 ? 1.908   -5.734  15.771  1.00 21.60 ? 147 TYR A CZ  1 
ATOM   1189 O  OH  . TYR A 1 159 ? 2.707   -4.852  16.444  1.00 20.14 ? 147 TYR A OH  1 
ATOM   1190 N  N   . THR A 1 160 ? -3.486  -9.685  14.030  1.00 23.16 ? 148 THR A N   1 
ATOM   1191 C  CA  . THR A 1 160 ? -4.504  -10.023 13.061  1.00 22.05 ? 148 THR A CA  1 
ATOM   1192 C  C   . THR A 1 160 ? -4.713  -8.811  12.158  1.00 21.55 ? 148 THR A C   1 
ATOM   1193 O  O   . THR A 1 160 ? -4.300  -7.680  12.479  1.00 20.66 ? 148 THR A O   1 
ATOM   1194 C  CB  . THR A 1 160 ? -5.828  -10.408 13.727  1.00 21.68 ? 148 THR A CB  1 
ATOM   1195 O  OG1 . THR A 1 160 ? -6.405  -9.286  14.411  1.00 26.09 ? 148 THR A OG1 1 
ATOM   1196 C  CG2 . THR A 1 160 ? -5.624  -11.465 14.799  1.00 31.57 ? 148 THR A CG2 1 
ATOM   1197 N  N   . PHE A 1 161 ? -5.334  -9.031  11.016  1.00 19.06 ? 149 PHE A N   1 
ATOM   1198 C  CA  . PHE A 1 161 ? -5.681  -7.912  10.126  1.00 19.29 ? 149 PHE A CA  1 
ATOM   1199 C  C   . PHE A 1 161 ? -6.957  -8.214  9.342   1.00 21.75 ? 149 PHE A C   1 
ATOM   1200 O  O   . PHE A 1 161 ? -7.294  -9.372  9.144   1.00 22.70 ? 149 PHE A O   1 
ATOM   1201 C  CB  . PHE A 1 161 ? -4.499  -7.531  9.216   1.00 20.54 ? 149 PHE A CB  1 
ATOM   1202 C  CG  . PHE A 1 161 ? -4.012  -8.647  8.330   1.00 17.76 ? 149 PHE A CG  1 
ATOM   1203 C  CD1 . PHE A 1 161 ? -4.613  -8.881  7.108   1.00 18.60 ? 149 PHE A CD1 1 
ATOM   1204 C  CD2 . PHE A 1 161 ? -2.961  -9.467  8.732   1.00 21.70 ? 149 PHE A CD2 1 
ATOM   1205 C  CE1 . PHE A 1 161 ? -4.208  -9.946  6.299   1.00 24.86 ? 149 PHE A CE1 1 
ATOM   1206 C  CE2 . PHE A 1 161 ? -2.540  -10.500 7.925   1.00 26.46 ? 149 PHE A CE2 1 
ATOM   1207 C  CZ  . PHE A 1 161 ? -3.166  -10.746 6.700   1.00 26.24 ? 149 PHE A CZ  1 
ATOM   1208 N  N   . SER A 1 162 ? -7.696  -7.180  8.956   1.00 22.11 ? 150 SER A N   1 
ATOM   1209 C  CA  . SER A 1 162 ? -8.821  -7.341  8.024   1.00 24.69 ? 150 SER A CA  1 
ATOM   1210 C  C   . SER A 1 162 ? -8.635  -6.486  6.775   1.00 25.97 ? 150 SER A C   1 
ATOM   1211 O  O   . SER A 1 162 ? -8.019  -5.404  6.811   1.00 21.19 ? 150 SER A O   1 
ATOM   1212 C  CB  . SER A 1 162 ? -10.156 -6.970  8.673   1.00 25.59 ? 150 SER A CB  1 
ATOM   1213 O  OG  . SER A 1 162 ? -10.096 -5.654  9.191   1.00 35.19 ? 150 SER A OG  1 
ATOM   1214 N  N   . VAL A 1 163 ? -9.213  -6.980  5.682   1.00 25.73 ? 151 VAL A N   1 
ATOM   1215 C  CA  . VAL A 1 163 ? -9.106  -6.368  4.378   1.00 27.75 ? 151 VAL A CA  1 
ATOM   1216 C  C   . VAL A 1 163 ? -10.499 -5.921  3.915   1.00 29.01 ? 151 VAL A C   1 
ATOM   1217 O  O   . VAL A 1 163 ? -11.470 -6.637  4.112   1.00 30.76 ? 151 VAL A O   1 
ATOM   1218 C  CB  . VAL A 1 163 ? -8.538  -7.366  3.388   1.00 27.47 ? 151 VAL A CB  1 
ATOM   1219 C  CG1 . VAL A 1 163 ? -8.219  -6.666  2.041   1.00 33.29 ? 151 VAL A CG1 1 
ATOM   1220 C  CG2 . VAL A 1 163 ? -7.310  -8.010  3.951   1.00 24.83 ? 151 VAL A CG2 1 
ATOM   1221 N  N   . GLN A 1 164 ? -10.577 -4.735  3.317   1.00 27.81 ? 152 GLN A N   1 
ATOM   1222 C  CA  . GLN A 1 164 ? -11.816 -4.179  2.761   1.00 30.75 ? 152 GLN A CA  1 
ATOM   1223 C  C   . GLN A 1 164 ? -11.478 -3.604  1.386   1.00 31.04 ? 152 GLN A C   1 
ATOM   1224 O  O   . GLN A 1 164 ? -10.460 -2.962  1.209   1.00 29.31 ? 152 GLN A O   1 
ATOM   1225 C  CB  . GLN A 1 164 ? -12.364 -3.084  3.688   1.00 32.12 ? 152 GLN A CB  1 
ATOM   1226 C  CG  . GLN A 1 164 ? -13.619 -2.367  3.201   1.00 39.41 ? 152 GLN A CG  1 
ATOM   1227 N  N   . GLU A 1 165 ? -12.313 -3.853  0.399   1.00 32.28 ? 153 GLU A N   1 
ATOM   1228 C  CA  . GLU A 1 165 ? -12.169 -3.214  -0.902  1.00 34.68 ? 153 GLU A CA  1 
ATOM   1229 C  C   . GLU A 1 165 ? -12.729 -1.813  -0.693  1.00 35.70 ? 153 GLU A C   1 
ATOM   1230 O  O   . GLU A 1 165 ? -13.728 -1.652  0.011   1.00 35.32 ? 153 GLU A O   1 
ATOM   1231 C  CB  . GLU A 1 165 ? -12.993 -3.988  -1.939  1.00 36.85 ? 153 GLU A CB  1 
ATOM   1232 C  CG  . GLU A 1 165 ? -12.586 -5.458  -2.097  1.00 39.64 ? 153 GLU A CG  1 
ATOM   1233 C  CD  . GLU A 1 165 ? -13.612 -6.287  -2.868  1.00 40.03 ? 153 GLU A CD  1 
ATOM   1234 O  OE1 . GLU A 1 165 ? -14.683 -6.589  -2.312  1.00 40.68 ? 153 GLU A OE1 1 
ATOM   1235 O  OE2 . GLU A 1 165 ? -13.346 -6.643  -4.031  1.00 40.41 ? 153 GLU A OE2 1 
ATOM   1236 N  N   . ILE A 1 166 ? -12.065 -0.801  -1.230  1.00 37.15 ? 154 ILE A N   1 
ATOM   1237 C  CA  . ILE A 1 166 ? -12.524 0.590   -1.096  1.00 39.60 ? 154 ILE A CA  1 
ATOM   1238 C  C   . ILE A 1 166 ? -12.522 1.270   -2.464  1.00 41.37 ? 154 ILE A C   1 
ATOM   1239 O  O   . ILE A 1 166 ? -13.587 1.596   -2.979  1.00 43.88 ? 154 ILE A O   1 
ATOM   1240 C  CB  . ILE A 1 166 ? -11.661 1.410   -0.086  1.00 38.71 ? 154 ILE A CB  1 
ATOM   1241 C  CG1 . ILE A 1 166 ? -10.176 1.195   -0.313  1.00 43.92 ? 154 ILE A CG1 1 
ATOM   1242 C  CG2 . ILE A 1 166 ? -12.007 1.044   1.335   1.00 42.97 ? 154 ILE A CG2 1 
ATOM   1243 C  CD1 . ILE A 1 166 ? -9.334  2.350   0.136   1.00 52.28 ? 154 ILE A CD1 1 
HETATM 1244 O  O   . HOH B 2 .   ? 5.965   -9.777  -15.822 1.00 21.28 ? 159 HOH A O   1 
HETATM 1245 O  O   . HOH B 2 .   ? 6.849   -0.185  5.738   1.00 23.83 ? 160 HOH A O   1 
HETATM 1246 O  O   . HOH B 2 .   ? 6.291   -15.942 -18.836 1.00 30.12 ? 161 HOH A O   1 
HETATM 1247 O  O   . HOH B 2 .   ? -1.746  -7.459  23.289  1.00 27.07 ? 162 HOH A O   1 
HETATM 1248 O  O   . HOH B 2 .   ? 3.544   2.588   6.961   1.00 24.30 ? 163 HOH A O   1 
HETATM 1249 O  O   . HOH B 2 .   ? 14.068  -1.976  -6.807  1.00 28.84 ? 164 HOH A O   1 
HETATM 1250 O  O   . HOH B 2 .   ? 1.878   2.847   8.947   1.00 32.36 ? 165 HOH A O   1 
HETATM 1251 O  O   . HOH B 2 .   ? 4.750   -5.550  18.343  1.00 32.96 ? 166 HOH A O   1 
HETATM 1252 O  O   . HOH B 2 .   ? -13.858 11.327  18.129  1.00 24.13 ? 167 HOH A O   1 
HETATM 1253 O  O   . HOH B 2 .   ? -13.459 -4.910  22.851  1.00 41.76 ? 168 HOH A O   1 
HETATM 1254 O  O   . HOH B 2 .   ? 2.421   1.460   11.006  1.00 24.49 ? 169 HOH A O   1 
HETATM 1255 O  O   . HOH B 2 .   ? -6.573  -7.067  18.899  1.00 34.17 ? 170 HOH A O   1 
HETATM 1256 O  O   . HOH B 2 .   ? 6.016   -12.504 -16.076 1.00 25.70 ? 171 HOH A O   1 
HETATM 1257 O  O   . HOH B 2 .   ? -7.769  -11.464 0.936   1.00 35.45 ? 172 HOH A O   1 
HETATM 1258 O  O   . HOH B 2 .   ? -8.607  -9.718  24.196  1.00 34.33 ? 173 HOH A O   1 
HETATM 1259 O  O   . HOH B 2 .   ? 11.503  -8.570  -13.895 1.00 30.45 ? 174 HOH A O   1 
HETATM 1260 O  O   . HOH B 2 .   ? 9.805   -4.276  -19.383 1.00 29.97 ? 175 HOH A O   1 
HETATM 1261 O  O   . HOH B 2 .   ? 8.748   8.601   -6.847  1.00 32.84 ? 176 HOH A O   1 
HETATM 1262 O  O   . HOH B 2 .   ? -10.472 -9.686  6.109   1.00 38.09 ? 177 HOH A O   1 
HETATM 1263 O  O   . HOH B 2 .   ? -16.301 4.983   17.731  1.00 27.11 ? 178 HOH A O   1 
HETATM 1264 O  O   . HOH B 2 .   ? 9.314   2.952   -1.456  1.00 26.45 ? 179 HOH A O   1 
HETATM 1265 O  O   . HOH B 2 .   ? -5.384  -12.055 10.377  1.00 36.53 ? 180 HOH A O   1 
HETATM 1266 O  O   . HOH B 2 .   ? -0.971  7.214   11.145  1.00 31.35 ? 181 HOH A O   1 
HETATM 1267 O  O   . HOH B 2 .   ? 13.341  11.931  -4.598  1.00 34.04 ? 182 HOH A O   1 
HETATM 1268 O  O   . HOH B 2 .   ? 12.357  -3.921  -20.233 1.00 34.54 ? 183 HOH A O   1 
HETATM 1269 O  O   . HOH B 2 .   ? -9.863  0.159   24.431  1.00 32.60 ? 184 HOH A O   1 
HETATM 1270 O  O   . HOH B 2 .   ? 13.922  -3.926  -12.317 1.00 27.40 ? 185 HOH A O   1 
HETATM 1271 O  O   . HOH B 2 .   ? 2.788   5.638   16.323  1.00 33.01 ? 186 HOH A O   1 
HETATM 1272 O  O   . HOH B 2 .   ? -2.843  -4.944  -12.449 1.00 31.36 ? 187 HOH A O   1 
HETATM 1273 O  O   . HOH B 2 .   ? 9.747   20.402  -7.528  1.00 39.59 ? 188 HOH A O   1 
HETATM 1274 O  O   . HOH B 2 .   ? 1.540   15.254  -22.554 1.00 33.29 ? 189 HOH A O   1 
HETATM 1275 O  O   . HOH B 2 .   ? -15.267 2.969   -0.155  1.00 51.89 ? 190 HOH A O   1 
HETATM 1276 O  O   . HOH B 2 .   ? 11.753  -8.621  6.073   1.00 42.29 ? 191 HOH A O   1 
HETATM 1277 O  O   . HOH B 2 .   ? 0.951   22.273  -24.707 1.00 37.32 ? 192 HOH A O   1 
HETATM 1278 O  O   . HOH B 2 .   ? 2.578   6.097   12.503  1.00 45.01 ? 193 HOH A O   1 
HETATM 1279 O  O   . HOH B 2 .   ? 5.736   -7.628  17.663  1.00 33.35 ? 194 HOH A O   1 
HETATM 1280 O  O   . HOH B 2 .   ? -6.337  -20.622 -5.190  1.00 43.25 ? 195 HOH A O   1 
HETATM 1281 O  O   . HOH B 2 .   ? 4.307   2.298   18.187  1.00 36.79 ? 196 HOH A O   1 
HETATM 1282 O  O   . HOH B 2 .   ? 4.155   15.340  -21.877 1.00 36.60 ? 197 HOH A O   1 
HETATM 1283 O  O   . HOH B 2 .   ? 6.420   3.955   4.546   1.00 39.30 ? 198 HOH A O   1 
HETATM 1284 O  O   . HOH B 2 .   ? 14.991  -3.741  -4.108  1.00 33.08 ? 199 HOH A O   1 
HETATM 1285 O  O   . HOH B 2 .   ? 7.491   -14.012 -4.142  1.00 47.73 ? 200 HOH A O   1 
HETATM 1286 O  O   . HOH B 2 .   ? 10.264  -9.966  -9.603  1.00 38.45 ? 201 HOH A O   1 
HETATM 1287 O  O   . HOH B 2 .   ? 5.266   -18.067 -17.309 1.00 29.12 ? 202 HOH A O   1 
HETATM 1288 O  O   . HOH B 2 .   ? 7.371   17.711  -21.854 1.00 40.91 ? 203 HOH A O   1 
HETATM 1289 O  O   . HOH B 2 .   ? 8.692   0.186   13.982  1.00 34.28 ? 204 HOH A O   1 
HETATM 1290 O  O   . HOH B 2 .   ? 0.630   -1.189  -7.717  1.00 22.72 ? 205 HOH A O   1 
HETATM 1291 O  O   . HOH B 2 .   ? 12.578  -1.391  7.482   1.00 40.80 ? 206 HOH A O   1 
HETATM 1292 O  O   . HOH B 2 .   ? 0.225   -11.482 -19.715 1.00 35.59 ? 207 HOH A O   1 
HETATM 1293 O  O   . HOH B 2 .   ? -13.508 -8.678  0.095   1.00 45.19 ? 208 HOH A O   1 
HETATM 1294 O  O   . HOH B 2 .   ? 8.386   -0.001  3.878   1.00 47.26 ? 209 HOH A O   1 
HETATM 1295 O  O   . HOH B 2 .   ? -5.139  15.836  -21.562 1.00 43.57 ? 210 HOH A O   1 
HETATM 1296 O  O   . HOH B 2 .   ? 1.132   -16.095 0.982   1.00 40.24 ? 211 HOH A O   1 
HETATM 1297 O  O   . HOH B 2 .   ? 7.805   -15.550 -12.564 1.00 26.04 ? 212 HOH A O   1 
HETATM 1298 O  O   . HOH B 2 .   ? -10.399 -3.106  6.305   1.00 38.37 ? 213 HOH A O   1 
HETATM 1299 O  O   . HOH B 2 .   ? -6.472  -8.922  16.960  1.00 41.90 ? 214 HOH A O   1 
HETATM 1300 O  O   . HOH B 2 .   ? -7.388  -10.551 20.132  1.00 39.69 ? 215 HOH A O   1 
HETATM 1301 O  O   . HOH B 2 .   ? -6.702  -2.232  25.765  1.00 46.71 ? 216 HOH A O   1 
HETATM 1302 O  O   . HOH B 2 .   ? -1.737  -7.432  -15.758 1.00 36.77 ? 217 HOH A O   1 
HETATM 1303 O  O   . HOH B 2 .   ? 1.395   6.507   18.337  1.00 39.66 ? 218 HOH A O   1 
HETATM 1304 O  O   . HOH B 2 .   ? -11.772 -1.454  6.253   1.00 43.35 ? 219 HOH A O   1 
HETATM 1305 O  O   . HOH B 2 .   ? -15.834 3.228   -3.108  1.00 50.92 ? 220 HOH A O   1 
HETATM 1306 O  O   . HOH B 2 .   ? -7.665  2.496   12.363  1.00 50.29 ? 221 HOH A O   1 
HETATM 1307 O  O   . HOH B 2 .   ? -10.865 2.069   15.956  1.00 50.20 ? 222 HOH A O   1 
HETATM 1308 O  O   . HOH B 2 .   ? -6.112  -20.272 -8.217  1.00 44.42 ? 223 HOH A O   1 
HETATM 1309 O  O   . HOH B 2 .   ? 15.295  11.087  -3.353  1.00 42.63 ? 224 HOH A O   1 
HETATM 1310 O  O   . HOH B 2 .   ? -5.386  -19.199 0.143   1.00 39.54 ? 225 HOH A O   1 
HETATM 1311 O  O   . HOH B 2 .   ? 4.188   2.889   12.230  1.00 45.38 ? 226 HOH A O   1 
HETATM 1312 O  O   . HOH B 2 .   ? 4.784   -7.929  22.355  1.00 39.86 ? 227 HOH A O   1 
HETATM 1313 O  O   . HOH B 2 .   ? -1.171  -9.761  -16.761 1.00 39.82 ? 228 HOH A O   1 
HETATM 1314 O  O   . HOH B 2 .   ? -4.884  4.551   11.859  1.00 40.79 ? 229 HOH A O   1 
HETATM 1315 O  O   . HOH B 2 .   ? -14.395 -6.055  1.022   1.00 41.78 ? 230 HOH A O   1 
HETATM 1316 O  O   . HOH B 2 .   ? -18.925 17.339  13.076  1.00 39.94 ? 231 HOH A O   1 
HETATM 1317 O  O   . HOH B 2 .   ? 4.862   -9.979  24.288  1.00 42.42 ? 232 HOH A O   1 
HETATM 1318 O  O   . HOH B 2 .   ? 12.343  -7.223  11.478  1.00 36.61 ? 233 HOH A O   1 
HETATM 1319 O  O   . HOH B 2 .   ? -14.361 15.065  12.316  1.00 41.05 ? 234 HOH A O   1 
HETATM 1320 O  O   . HOH B 2 .   ? 11.780  -8.840  -5.966  1.00 41.39 ? 235 HOH A O   1 
HETATM 1321 O  O   . HOH B 2 .   ? -10.075 -6.438  17.159  1.00 46.23 ? 236 HOH A O   1 
HETATM 1322 O  O   . HOH B 2 .   ? -2.062  3.908   17.849  1.00 36.91 ? 237 HOH A O   1 
HETATM 1323 O  O   . HOH B 2 .   ? -14.921 17.391  12.851  1.00 46.55 ? 238 HOH A O   1 
HETATM 1324 O  O   . HOH B 2 .   ? -14.140 8.819   15.259  1.00 43.15 ? 239 HOH A O   1 
HETATM 1325 O  O   . HOH B 2 .   ? 5.806   13.590  -23.140 1.00 43.83 ? 240 HOH A O   1 
HETATM 1326 O  O   . HOH B 2 .   ? 13.495  17.384  -6.374  1.00 46.36 ? 241 HOH A O   1 
HETATM 1327 O  O   . HOH B 2 .   ? 1.150   -18.729 -9.252  1.00 35.81 ? 242 HOH A O   1 
HETATM 1328 O  O   . HOH B 2 .   ? 12.748  -9.131  -8.451  1.00 41.57 ? 243 HOH A O   1 
HETATM 1329 O  O   . HOH B 2 .   ? 0.420   -13.891 -21.297 1.00 48.90 ? 244 HOH A O   1 
HETATM 1330 O  O   . HOH B 2 .   ? -11.592 -5.087  19.808  1.00 47.11 ? 245 HOH A O   1 
HETATM 1331 O  O   . HOH B 2 .   ? 13.688  -0.080  2.710   1.00 39.12 ? 246 HOH A O   1 
HETATM 1332 O  O   . HOH B 2 .   ? -0.470  -11.671 10.762  1.00 37.35 ? 247 HOH A O   1 
HETATM 1333 O  O   . HOH B 2 .   ? 9.196   -3.005  -22.697 1.00 46.54 ? 248 HOH A O   1 
HETATM 1334 O  O   . HOH B 2 .   ? 13.407  -10.927 -0.088  1.00 47.18 ? 249 HOH A O   1 
HETATM 1335 O  O   . HOH B 2 .   ? 10.443  -6.129  5.472   1.00 44.91 ? 250 HOH A O   1 
HETATM 1336 O  O   . HOH B 2 .   ? 9.215   16.973  -4.054  1.00 46.24 ? 251 HOH A O   1 
HETATM 1337 O  O   . HOH B 2 .   ? 11.164  -13.706 0.822   1.00 49.14 ? 252 HOH A O   1 
HETATM 1338 O  O   . HOH B 2 .   ? -9.106  -8.577  12.626  1.00 49.77 ? 253 HOH A O   1 
HETATM 1339 O  O   . HOH B 2 .   ? 14.522  -4.447  -0.411  1.00 37.76 ? 254 HOH A O   1 
HETATM 1340 O  O   . HOH B 2 .   ? 1.095   -20.472 -7.098  1.00 47.42 ? 255 HOH A O   1 
HETATM 1341 O  O   . HOH B 2 .   ? -7.864  -0.179  26.911  1.00 44.84 ? 256 HOH A O   1 
HETATM 1342 O  O   . HOH B 2 .   ? 5.673   6.444   -9.791  1.00 43.62 ? 257 HOH A O   1 
HETATM 1343 O  O   . HOH B 2 .   ? 1.016   8.588   -27.846 1.00 37.31 ? 258 HOH A O   1 
HETATM 1344 O  O   . HOH B 2 .   ? -7.064  -11.473 17.761  1.00 51.60 ? 259 HOH A O   1 
HETATM 1345 O  O   . HOH B 2 .   ? 4.430   10.005  -24.604 1.00 50.59 ? 260 HOH A O   1 
# 
